data_6WAT
#
_entry.id   6WAT
#
_cell.length_a   32.753
_cell.length_b   286.814
_cell.length_c   123.536
_cell.angle_alpha   90.000
_cell.angle_beta   90.720
_cell.angle_gamma   90.000
#
_symmetry.space_group_name_H-M   'P 1 21 1'
#
loop_
_entity.id
_entity.type
_entity.pdbx_description
1 polymer 'PHD finger protein 1'
2 polymer 'Histone H3.1t peptide'
3 non-polymer 'UNKNOWN ATOM OR ION'
4 water water
#
loop_
_entity_poly.entity_id
_entity_poly.type
_entity_poly.pdbx_seq_one_letter_code
_entity_poly.pdbx_strand_id
1 'polypeptide(L)' GRPRLWEGQDVLARWTDGLLYLGTIKKVDSAREVCLVQFEDDSQFLVLWKDISPAALPGEE AA,AC,BA,BC,CA,CC,DA,DC,EA,EC,FA,FC,GA,GC,HA,HC,IA,IC,JA,JC,KA,KC,LA,LC,MA,MC,NA,NC,OA,OC
2 'polypeptide(L)' (AYA)TKVAR(M3L)SA A,B,C,D,E,F,G,H,I,J,K,L,M,N,O,P,Q,R,S,T,V,Y,Z,a,b,c,d,e,f,g
#
loop_
_chem_comp.id
_chem_comp.type
_chem_comp.name
_chem_comp.formula
UNX non-polymer 'UNKNOWN ATOM OR ION' ?
#
# COMPACT_ATOMS: atom_id res chain seq x y z
N ARG A 2 15.73 16.47 27.50
CA ARG A 2 17.06 16.26 28.06
C ARG A 2 17.83 17.58 28.16
N PRO A 3 18.27 17.93 29.35
CA PRO A 3 18.81 19.28 29.56
C PRO A 3 20.15 19.48 28.85
N ARG A 4 20.44 20.74 28.56
CA ARG A 4 21.71 21.09 27.91
C ARG A 4 22.89 20.96 28.88
N LEU A 5 22.64 21.14 30.17
CA LEU A 5 23.70 21.20 31.18
C LEU A 5 23.41 20.19 32.28
N TRP A 6 24.45 19.61 32.85
CA TRP A 6 24.23 18.61 33.90
C TRP A 6 25.44 18.51 34.81
N GLU A 7 25.21 17.94 36.00
CA GLU A 7 26.30 17.77 36.96
C GLU A 7 27.42 16.90 36.38
N GLY A 8 28.67 17.32 36.60
CA GLY A 8 29.83 16.59 36.10
C GLY A 8 30.26 16.97 34.69
N GLN A 9 29.50 17.81 34.01
CA GLN A 9 29.82 18.19 32.64
C GLN A 9 30.94 19.22 32.61
N ASP A 10 31.86 19.07 31.65
CA ASP A 10 32.89 20.07 31.44
C ASP A 10 32.35 21.17 30.55
N VAL A 11 32.59 22.43 30.93
CA VAL A 11 32.01 23.56 30.22
C VAL A 11 33.02 24.70 30.16
N LEU A 12 32.81 25.59 29.20
CA LEU A 12 33.41 26.90 29.26
C LEU A 12 32.42 27.84 29.94
N ALA A 13 32.93 28.75 30.76
CA ALA A 13 32.10 29.74 31.44
C ALA A 13 32.73 31.11 31.23
N ARG A 14 31.91 32.09 30.86
CA ARG A 14 32.39 33.46 30.70
C ARG A 14 32.54 34.13 32.06
N TRP A 15 33.71 34.67 32.34
CA TRP A 15 34.00 35.27 33.63
C TRP A 15 33.75 36.77 33.56
N THR A 16 33.82 37.44 34.72
CA THR A 16 33.58 38.87 34.73
C THR A 16 34.65 39.66 34.00
N ASP A 17 35.80 39.06 33.71
CA ASP A 17 36.83 39.73 32.93
C ASP A 17 36.64 39.55 31.43
N GLY A 18 35.55 38.93 31.02
CA GLY A 18 35.23 38.74 29.62
C GLY A 18 35.84 37.52 28.99
N LEU A 19 36.65 36.75 29.73
CA LEU A 19 37.39 35.61 29.21
C LEU A 19 36.66 34.30 29.52
N LEU A 20 36.95 33.27 28.72
CA LEU A 20 36.33 31.97 28.91
C LEU A 20 37.27 31.07 29.71
N TYR A 21 36.78 30.50 30.80
CA TYR A 21 37.54 29.57 31.62
C TYR A 21 36.86 28.21 31.61
N LEU A 22 37.66 27.15 31.73
CA LEU A 22 37.12 25.81 31.67
C LEU A 22 36.82 25.31 33.07
N GLY A 23 35.63 24.78 33.28
CA GLY A 23 35.29 24.27 34.59
C GLY A 23 34.36 23.09 34.47
N THR A 24 33.82 22.67 35.60
CA THR A 24 32.93 21.51 35.70
C THR A 24 31.69 21.89 36.49
N ILE A 25 30.52 21.51 35.97
CA ILE A 25 29.27 21.82 36.66
C ILE A 25 29.14 20.97 37.90
N LYS A 26 28.90 21.62 39.04
CA LYS A 26 28.68 20.87 40.28
C LYS A 26 27.21 20.82 40.68
N LYS A 27 26.41 21.83 40.33
CA LYS A 27 24.98 21.85 40.62
C LYS A 27 24.26 22.62 39.53
N VAL A 28 23.04 22.19 39.22
CA VAL A 28 22.19 22.84 38.22
C VAL A 28 20.93 23.32 38.92
N ASP A 29 20.62 24.62 38.79
CA ASP A 29 19.44 25.23 39.40
C ASP A 29 18.52 25.69 38.27
N SER A 30 17.47 24.92 37.98
CA SER A 30 16.60 25.21 36.85
CA SER A 30 16.61 25.22 36.84
C SER A 30 15.66 26.38 37.11
N ALA A 31 15.34 26.67 38.37
CA ALA A 31 14.46 27.80 38.67
C ALA A 31 15.14 29.12 38.38
N ARG A 32 16.41 29.24 38.76
CA ARG A 32 17.17 30.47 38.56
C ARG A 32 18.01 30.44 37.30
N GLU A 33 18.03 29.30 36.59
CA GLU A 33 18.86 29.13 35.41
C GLU A 33 20.30 29.59 35.67
N VAL A 34 20.88 29.03 36.74
CA VAL A 34 22.29 29.18 37.04
C VAL A 34 22.85 27.80 37.34
N CYS A 35 24.17 27.69 37.21
CA CYS A 35 24.90 26.52 37.67
C CYS A 35 26.00 26.93 38.63
N LEU A 36 26.24 26.09 39.63
CA LEU A 36 27.48 26.18 40.39
C LEU A 36 28.59 25.52 39.56
N VAL A 37 29.60 26.30 39.16
CA VAL A 37 30.69 25.80 38.31
C VAL A 37 31.96 25.79 39.17
N GLN A 38 32.68 24.67 39.16
CA GLN A 38 34.00 24.61 39.81
C GLN A 38 35.10 24.78 38.77
N PHE A 39 36.04 25.69 39.05
CA PHE A 39 37.09 26.05 38.10
C PHE A 39 38.39 25.31 38.43
N GLU A 40 39.43 25.56 37.62
CA GLU A 40 40.65 24.75 37.72
C GLU A 40 41.38 24.97 39.04
N ASP A 41 41.19 26.13 39.66
CA ASP A 41 41.77 26.44 40.96
C ASP A 41 40.89 26.01 42.13
N ASP A 42 39.86 25.20 41.85
CA ASP A 42 38.86 24.70 42.78
C ASP A 42 37.93 25.78 43.34
N SER A 43 38.00 27.01 42.83
CA SER A 43 36.97 27.97 43.17
C SER A 43 35.62 27.57 42.56
N GLN A 44 34.55 28.01 43.21
CA GLN A 44 33.19 27.69 42.76
C GLN A 44 32.37 28.96 42.73
N PHE A 45 31.65 29.19 41.62
CA PHE A 45 30.81 30.38 41.51
C PHE A 45 29.51 30.02 40.80
N LEU A 46 28.44 30.76 41.10
CA LEU A 46 27.20 30.63 40.35
C LEU A 46 27.30 31.40 39.04
N VAL A 47 26.99 30.74 37.93
CA VAL A 47 27.06 31.36 36.61
C VAL A 47 25.74 31.13 35.90
N LEU A 48 25.23 32.18 35.26
CA LEU A 48 24.01 32.06 34.47
C LEU A 48 24.18 31.05 33.34
N TRP A 49 23.12 30.29 33.08
CA TRP A 49 23.14 29.31 31.98
C TRP A 49 23.59 29.95 30.67
N LYS A 50 23.17 31.19 30.39
CA LYS A 50 23.52 31.81 29.12
C LYS A 50 25.02 31.99 28.97
N ASP A 51 25.76 32.03 30.08
CA ASP A 51 27.20 32.23 30.02
C ASP A 51 27.98 30.93 30.20
N ILE A 52 27.33 29.77 30.08
CA ILE A 52 27.94 28.45 30.15
C ILE A 52 27.73 27.74 28.82
N SER A 53 28.78 27.10 28.31
CA SER A 53 28.63 26.37 27.06
C SER A 53 29.43 25.07 27.11
N PRO A 54 28.81 23.94 26.81
CA PRO A 54 29.56 22.67 26.73
C PRO A 54 30.41 22.52 25.49
N ALA A 55 30.28 23.42 24.52
CA ALA A 55 30.95 23.29 23.24
C ALA A 55 31.39 24.65 22.78
N ALA A 56 32.37 24.68 21.87
CA ALA A 56 32.89 25.95 21.38
C ALA A 56 33.30 25.79 19.93
N LEU A 57 33.16 26.87 19.17
CA LEU A 57 33.68 26.93 17.81
C LEU A 57 34.95 27.74 17.81
N PRO A 58 36.09 27.15 17.47
CA PRO A 58 37.33 27.95 17.33
C PRO A 58 37.13 29.12 16.36
N GLY A 59 37.78 30.22 16.67
CA GLY A 59 37.54 31.46 15.93
C GLY A 59 38.49 32.54 16.38
N GLU A 60 38.58 33.58 15.55
CA GLU A 60 39.52 34.67 15.79
C GLU A 60 38.78 35.91 16.24
N GLU A 61 39.47 36.75 17.01
CA GLU A 61 38.89 38.03 17.41
C GLU A 61 39.10 39.09 16.33
N ARG B 2 52.98 40.64 13.95
CA ARG B 2 52.98 39.85 15.17
C ARG B 2 52.22 38.53 14.97
N PRO B 3 52.76 37.45 15.51
CA PRO B 3 52.18 36.12 15.26
C PRO B 3 50.89 35.90 16.04
N ARG B 4 50.06 34.99 15.50
CA ARG B 4 48.80 34.62 16.13
C ARG B 4 49.02 33.82 17.41
N LEU B 5 50.09 33.02 17.45
CA LEU B 5 50.38 32.11 18.55
C LEU B 5 51.74 32.43 19.16
N TRP B 6 51.87 32.25 20.47
CA TRP B 6 53.13 32.60 21.13
C TRP B 6 53.27 31.84 22.43
N GLU B 7 54.51 31.72 22.91
CA GLU B 7 54.79 31.00 24.15
C GLU B 7 54.11 31.66 25.35
N GLY B 8 53.53 30.83 26.21
CA GLY B 8 52.78 31.29 27.36
C GLY B 8 51.32 31.57 27.09
N GLN B 9 50.88 31.48 25.84
CA GLN B 9 49.49 31.76 25.48
C GLN B 9 48.59 30.60 25.85
N ASP B 10 47.43 30.90 26.42
CA ASP B 10 46.44 29.85 26.65
C ASP B 10 45.61 29.64 25.40
N VAL B 11 45.34 28.37 25.06
CA VAL B 11 44.68 28.02 23.82
C VAL B 11 43.78 26.82 24.04
N LEU B 12 42.79 26.68 23.17
CA LEU B 12 42.13 25.39 23.03
C LEU B 12 42.84 24.60 21.95
N ALA B 13 42.98 23.30 22.17
CA ALA B 13 43.62 22.42 21.19
C ALA B 13 42.71 21.23 20.94
N ARG B 14 42.54 20.86 19.66
CA ARG B 14 41.73 19.70 19.33
C ARG B 14 42.57 18.44 19.51
N TRP B 15 42.03 17.48 20.26
CA TRP B 15 42.76 16.26 20.58
C TRP B 15 42.32 15.16 19.62
N THR B 16 43.02 14.02 19.66
CA THR B 16 42.69 12.92 18.75
C THR B 16 41.31 12.33 19.01
N ASP B 17 40.73 12.55 20.20
CA ASP B 17 39.35 12.13 20.45
C ASP B 17 38.32 13.13 19.92
N GLY B 18 38.73 14.15 19.19
CA GLY B 18 37.80 15.09 18.63
C GLY B 18 37.36 16.18 19.58
N LEU B 19 37.82 16.16 20.83
CA LEU B 19 37.40 17.13 21.83
C LEU B 19 38.41 18.26 21.98
N LEU B 20 37.95 19.39 22.51
CA LEU B 20 38.80 20.55 22.75
C LEU B 20 39.26 20.55 24.21
N TYR B 21 40.57 20.65 24.41
CA TYR B 21 41.18 20.73 25.73
C TYR B 21 41.90 22.07 25.86
N LEU B 22 41.94 22.59 27.07
CA LEU B 22 42.57 23.88 27.31
C LEU B 22 44.03 23.68 27.72
N GLY B 23 44.94 24.37 27.06
CA GLY B 23 46.35 24.21 27.36
C GLY B 23 47.12 25.50 27.23
N THR B 24 48.45 25.43 27.31
CA THR B 24 49.29 26.59 27.18
C THR B 24 50.42 26.29 26.19
N ILE B 25 50.69 27.23 25.30
CA ILE B 25 51.74 27.04 24.28
C ILE B 25 53.10 27.12 24.95
N LYS B 26 53.94 26.10 24.73
CA LYS B 26 55.29 26.09 25.28
C LYS B 26 56.36 26.42 24.25
N LYS B 27 56.13 26.04 22.99
CA LYS B 27 57.08 26.30 21.92
C LYS B 27 56.31 26.49 20.63
N VAL B 28 56.82 27.35 19.75
CA VAL B 28 56.23 27.60 18.44
C VAL B 28 57.26 27.26 17.37
N ASP B 29 56.85 26.49 16.37
CA ASP B 29 57.69 26.02 15.28
C ASP B 29 57.03 26.44 13.99
N SER B 30 57.48 27.58 13.43
CA SER B 30 56.80 28.13 12.25
C SER B 30 57.21 27.43 10.96
N ALA B 31 58.34 26.73 10.95
CA ALA B 31 58.71 25.94 9.78
C ALA B 31 57.74 24.79 9.58
N ARG B 32 57.36 24.10 10.66
CA ARG B 32 56.43 22.98 10.59
C ARG B 32 55.00 23.35 10.96
N GLU B 33 54.76 24.59 11.39
CA GLU B 33 53.43 25.05 11.81
C GLU B 33 52.82 24.10 12.83
N VAL B 34 53.60 23.83 13.88
CA VAL B 34 53.15 23.08 15.05
C VAL B 34 53.56 23.88 16.27
N CYS B 35 52.82 23.68 17.36
CA CYS B 35 53.23 24.13 18.68
C CYS B 35 53.32 22.96 19.62
N LEU B 36 54.26 23.06 20.56
CA LEU B 36 54.26 22.21 21.74
C LEU B 36 53.28 22.80 22.75
N VAL B 37 52.23 22.04 23.07
CA VAL B 37 51.17 22.50 23.96
C VAL B 37 51.23 21.68 25.23
N GLN B 38 51.24 22.35 26.39
CA GLN B 38 51.15 21.70 27.68
C GLN B 38 49.72 21.76 28.20
N PHE B 39 49.19 20.61 28.61
CA PHE B 39 47.81 20.49 29.05
C PHE B 39 47.72 20.51 30.58
N GLU B 40 46.51 20.34 31.11
CA GLU B 40 46.35 20.58 32.55
C GLU B 40 46.97 19.47 33.38
N ASP B 41 47.14 18.27 32.82
CA ASP B 41 47.83 17.19 33.52
C ASP B 41 49.35 17.25 33.36
N ASP B 42 49.86 18.36 32.82
CA ASP B 42 51.25 18.63 32.51
C ASP B 42 51.78 17.81 31.33
N SER B 43 50.94 17.05 30.65
CA SER B 43 51.37 16.40 29.42
C SER B 43 51.63 17.45 28.35
N GLN B 44 52.54 17.12 27.44
CA GLN B 44 52.97 18.02 26.38
C GLN B 44 52.98 17.27 25.07
N PHE B 45 52.34 17.84 24.06
CA PHE B 45 52.24 17.22 22.74
C PHE B 45 52.38 18.26 21.66
N LEU B 46 52.83 17.81 20.49
CA LEU B 46 52.94 18.66 19.31
C LEU B 46 51.59 18.66 18.59
N VAL B 47 51.06 19.87 18.35
CA VAL B 47 49.74 20.05 17.74
C VAL B 47 49.87 21.04 16.60
N LEU B 48 49.29 20.70 15.45
CA LEU B 48 49.29 21.60 14.30
C LEU B 48 48.60 22.93 14.63
N TRP B 49 49.15 24.01 14.06
CA TRP B 49 48.53 25.34 14.22
C TRP B 49 47.05 25.33 13.89
N LYS B 50 46.65 24.58 12.84
CA LYS B 50 45.25 24.58 12.41
C LYS B 50 44.31 24.04 13.47
N ASP B 51 44.82 23.34 14.47
CA ASP B 51 43.99 22.75 15.51
C ASP B 51 44.17 23.44 16.85
N ILE B 52 44.76 24.64 16.86
CA ILE B 52 45.00 25.46 18.06
C ILE B 52 44.23 26.77 17.88
N SER B 53 43.50 27.19 18.92
CA SER B 53 42.80 28.47 18.83
C SER B 53 42.92 29.21 20.16
N PRO B 54 43.41 30.45 20.14
CA PRO B 54 43.41 31.26 21.38
C PRO B 54 42.04 31.77 21.74
N ALA B 55 41.07 31.68 20.82
CA ALA B 55 39.74 32.22 21.08
C ALA B 55 38.68 31.29 20.55
N ALA B 56 37.47 31.42 21.11
CA ALA B 56 36.40 30.52 20.74
C ALA B 56 35.06 31.24 20.81
N LEU B 57 34.11 30.71 20.04
CA LEU B 57 32.73 31.17 20.12
CA LEU B 57 32.73 31.15 20.10
C LEU B 57 31.91 30.10 20.84
N PRO B 58 31.41 30.39 22.04
CA PRO B 58 30.60 29.38 22.76
C PRO B 58 29.37 29.02 21.96
N GLY B 59 28.99 27.75 22.01
CA GLY B 59 27.86 27.32 21.21
C GLY B 59 27.46 25.89 21.46
N GLU B 60 26.69 25.36 20.52
CA GLU B 60 26.09 24.03 20.62
C GLU B 60 26.55 23.17 19.45
N GLU B 61 26.84 21.91 19.74
CA GLU B 61 27.30 20.96 18.74
C GLU B 61 26.30 20.81 17.59
N ARG C 2 9.93 15.71 -4.66
CA ARG C 2 11.14 15.88 -3.85
C ARG C 2 11.54 17.35 -3.76
N PRO C 3 11.91 17.79 -2.57
CA PRO C 3 12.40 19.17 -2.42
C PRO C 3 13.75 19.35 -3.09
N ARG C 4 14.05 20.61 -3.39
CA ARG C 4 15.32 20.94 -4.03
C ARG C 4 16.48 20.84 -3.04
N LEU C 5 16.22 21.03 -1.75
CA LEU C 5 17.25 21.08 -0.72
C LEU C 5 16.94 20.05 0.36
N TRP C 6 17.97 19.43 0.93
CA TRP C 6 17.75 18.43 1.96
C TRP C 6 18.96 18.36 2.88
N GLU C 7 18.73 17.82 4.08
CA GLU C 7 19.80 17.63 5.05
C GLU C 7 20.92 16.78 4.48
N GLY C 8 22.16 17.20 4.72
CA GLY C 8 23.32 16.47 4.25
C GLY C 8 23.75 16.82 2.83
N GLN C 9 23.02 17.69 2.15
CA GLN C 9 23.33 18.06 0.77
C GLN C 9 24.47 19.09 0.76
N ASP C 10 25.41 18.92 -0.17
CA ASP C 10 26.46 19.90 -0.37
C ASP C 10 25.94 21.01 -1.27
N VAL C 11 26.17 22.27 -0.89
CA VAL C 11 25.57 23.40 -1.58
C VAL C 11 26.56 24.54 -1.64
N LEU C 12 26.33 25.44 -2.60
CA LEU C 12 26.97 26.74 -2.55
C LEU C 12 26.01 27.69 -1.87
N ALA C 13 26.53 28.56 -1.01
CA ALA C 13 25.73 29.56 -0.32
C ALA C 13 26.34 30.92 -0.54
N ARG C 14 25.50 31.89 -0.88
CA ARG C 14 25.96 33.25 -1.08
C ARG C 14 26.09 33.93 0.28
N TRP C 15 27.27 34.46 0.59
CA TRP C 15 27.56 35.07 1.88
C TRP C 15 27.36 36.58 1.80
N THR C 16 27.45 37.24 2.96
CA THR C 16 27.22 38.68 3.00
C THR C 16 28.30 39.48 2.29
N ASP C 17 29.46 38.88 2.01
CA ASP C 17 30.51 39.54 1.25
C ASP C 17 30.36 39.37 -0.24
N GLY C 18 29.28 38.75 -0.70
CA GLY C 18 28.99 38.61 -2.11
C GLY C 18 29.57 37.37 -2.76
N LEU C 19 30.30 36.55 -2.01
CA LEU C 19 31.03 35.39 -2.54
C LEU C 19 30.26 34.12 -2.25
N LEU C 20 30.55 33.08 -3.03
CA LEU C 20 29.94 31.77 -2.84
C LEU C 20 30.89 30.89 -2.03
N TYR C 21 30.38 30.30 -0.95
CA TYR C 21 31.12 29.36 -0.11
C TYR C 21 30.44 28.01 -0.14
N LEU C 22 31.22 26.94 -0.04
CA LEU C 22 30.68 25.59 -0.10
C LEU C 22 30.37 25.09 1.31
N GLY C 23 29.19 24.54 1.49
CA GLY C 23 28.84 24.05 2.80
C GLY C 23 27.88 22.88 2.69
N THR C 24 27.34 22.46 3.82
CA THR C 24 26.45 21.31 3.88
C THR C 24 25.20 21.69 4.66
N ILE C 25 24.03 21.29 4.14
CA ILE C 25 22.78 21.61 4.82
C ILE C 25 22.63 20.75 6.06
N LYS C 26 22.37 21.39 7.20
CA LYS C 26 22.11 20.67 8.45
C LYS C 26 20.64 20.61 8.81
N LYS C 27 19.86 21.62 8.43
CA LYS C 27 18.42 21.65 8.72
C LYS C 27 17.73 22.41 7.61
N VAL C 28 16.50 21.99 7.28
CA VAL C 28 15.67 22.67 6.29
C VAL C 28 14.40 23.16 6.98
N ASP C 29 14.12 24.46 6.87
CA ASP C 29 12.90 25.07 7.43
C ASP C 29 12.02 25.50 6.26
N SER C 30 10.97 24.72 5.97
CA SER C 30 10.15 24.99 4.79
CA SER C 30 10.17 25.01 4.79
C SER C 30 9.21 26.16 5.03
N ALA C 31 8.82 26.41 6.29
CA ALA C 31 7.91 27.52 6.58
C ALA C 31 8.59 28.86 6.31
N ARG C 32 9.82 29.02 6.78
CA ARG C 32 10.60 30.24 6.60
C ARG C 32 11.49 30.21 5.37
N GLU C 33 11.57 29.08 4.66
CA GLU C 33 12.40 28.95 3.46
C GLU C 33 13.82 29.42 3.75
N VAL C 34 14.41 28.84 4.81
CA VAL C 34 15.82 29.01 5.13
C VAL C 34 16.40 27.64 5.43
N CYS C 35 17.72 27.54 5.35
CA CYS C 35 18.42 26.34 5.79
C CYS C 35 19.50 26.74 6.78
N LEU C 36 19.72 25.91 7.79
CA LEU C 36 20.97 25.97 8.53
C LEU C 36 22.06 25.31 7.70
N VAL C 37 23.09 26.07 7.34
CA VAL C 37 24.19 25.60 6.51
C VAL C 37 25.46 25.61 7.35
N GLN C 38 26.18 24.48 7.37
CA GLN C 38 27.49 24.42 8.01
C GLN C 38 28.59 24.60 6.97
N PHE C 39 29.53 25.51 7.24
CA PHE C 39 30.59 25.83 6.31
C PHE C 39 31.88 25.08 6.67
N GLU C 40 32.94 25.31 5.89
CA GLU C 40 34.15 24.51 6.00
CA GLU C 40 34.12 24.47 6.03
C GLU C 40 34.90 24.77 7.30
N ASP C 41 34.69 25.93 7.91
CA ASP C 41 35.27 26.25 9.22
C ASP C 41 34.37 25.80 10.37
N ASP C 42 33.34 25.00 10.08
CA ASP C 42 32.33 24.48 11.01
C ASP C 42 31.39 25.55 11.56
N SER C 43 31.46 26.78 11.06
CA SER C 43 30.43 27.74 11.41
C SER C 43 29.09 27.34 10.79
N GLN C 44 28.00 27.76 11.43
CA GLN C 44 26.65 27.46 10.98
C GLN C 44 25.84 28.74 10.97
N PHE C 45 25.12 28.97 9.86
CA PHE C 45 24.31 30.18 9.72
C PHE C 45 23.02 29.84 8.98
N LEU C 46 21.97 30.60 9.27
CA LEU C 46 20.73 30.46 8.53
C LEU C 46 20.82 31.24 7.23
N VAL C 47 20.51 30.58 6.12
CA VAL C 47 20.61 31.17 4.79
C VAL C 47 19.28 30.94 4.08
N LEU C 48 18.76 32.00 3.46
CA LEU C 48 17.56 31.89 2.63
C LEU C 48 17.75 30.89 1.50
N TRP C 49 16.69 30.14 1.21
CA TRP C 49 16.73 29.17 0.10
C TRP C 49 17.17 29.82 -1.20
N LYS C 50 16.74 31.06 -1.46
CA LYS C 50 17.11 31.71 -2.70
C LYS C 50 18.61 31.89 -2.83
N ASP C 51 19.35 31.92 -1.71
CA ASP C 51 20.79 32.11 -1.79
C ASP C 51 21.56 30.80 -1.64
N ILE C 52 20.89 29.66 -1.79
CA ILE C 52 21.51 28.34 -1.71
C ILE C 52 21.35 27.63 -3.05
N SER C 53 22.42 27.01 -3.55
CA SER C 53 22.28 26.25 -4.78
C SER C 53 23.06 24.93 -4.69
N PRO C 54 22.42 23.81 -5.02
CA PRO C 54 23.16 22.54 -5.07
C PRO C 54 23.97 22.36 -6.34
N ALA C 55 23.82 23.27 -7.31
CA ALA C 55 24.53 23.14 -8.58
C ALA C 55 24.96 24.52 -9.06
N ALA C 56 25.97 24.54 -9.92
CA ALA C 56 26.51 25.80 -10.40
C ALA C 56 26.90 25.65 -11.86
N LEU C 57 26.75 26.75 -12.61
CA LEU C 57 27.26 26.81 -13.97
C LEU C 57 28.56 27.58 -13.96
N PRO C 58 29.69 26.97 -14.29
CA PRO C 58 30.94 27.72 -14.44
C PRO C 58 30.78 28.90 -15.41
N GLY C 59 31.44 30.01 -15.09
CA GLY C 59 31.23 31.25 -15.82
C GLY C 59 32.18 32.33 -15.34
N GLU C 60 32.19 33.44 -16.09
CA GLU C 60 33.21 34.47 -15.96
C GLU C 60 32.65 35.71 -15.28
N GLU C 61 33.34 36.19 -14.25
CA GLU C 61 32.89 37.33 -13.47
C GLU C 61 33.15 38.64 -14.22
N ARG D 2 46.51 40.48 -17.34
CA ARG D 2 46.76 39.51 -16.28
C ARG D 2 46.02 38.19 -16.57
N PRO D 3 46.59 37.08 -16.11
CA PRO D 3 45.94 35.79 -16.35
C PRO D 3 44.64 35.64 -15.58
N ARG D 4 43.76 34.79 -16.14
CA ARG D 4 42.51 34.43 -15.50
C ARG D 4 42.72 33.61 -14.22
N LEU D 5 43.79 32.82 -14.17
CA LEU D 5 44.06 31.89 -13.08
C LEU D 5 45.42 32.18 -12.45
N TRP D 6 45.53 32.02 -11.13
CA TRP D 6 46.77 32.36 -10.46
C TRP D 6 46.91 31.58 -9.17
N GLU D 7 48.15 31.49 -8.68
CA GLU D 7 48.42 30.73 -7.45
C GLU D 7 47.72 31.36 -6.25
N GLY D 8 47.10 30.52 -5.42
CA GLY D 8 46.35 30.97 -4.27
C GLY D 8 44.90 31.28 -4.55
N GLN D 9 44.46 31.21 -5.79
CA GLN D 9 43.09 31.51 -6.15
C GLN D 9 42.17 30.34 -5.81
N ASP D 10 41.01 30.62 -5.21
CA ASP D 10 40.03 29.57 -5.00
C ASP D 10 39.21 29.38 -6.27
N VAL D 11 38.96 28.11 -6.63
CA VAL D 11 38.28 27.79 -7.88
C VAL D 11 37.38 26.59 -7.68
N LEU D 12 36.38 26.46 -8.54
CA LEU D 12 35.72 25.17 -8.73
C LEU D 12 36.48 24.40 -9.82
N ALA D 13 36.61 23.09 -9.62
CA ALA D 13 37.26 22.22 -10.61
C ALA D 13 36.34 21.05 -10.85
N ARG D 14 36.18 20.68 -12.13
CA ARG D 14 35.35 19.53 -12.46
C ARG D 14 36.16 18.25 -12.29
N TRP D 15 35.62 17.30 -11.54
CA TRP D 15 36.31 16.05 -11.23
C TRP D 15 35.87 14.97 -12.21
N THR D 16 36.53 13.79 -12.13
CA THR D 16 36.20 12.71 -13.04
C THR D 16 34.82 12.13 -12.79
N ASP D 17 34.26 12.32 -11.60
CA ASP D 17 32.87 11.91 -11.37
C ASP D 17 31.85 12.92 -11.90
N GLY D 18 32.28 13.95 -12.62
CA GLY D 18 31.35 14.92 -13.17
C GLY D 18 30.91 16.02 -12.23
N LEU D 19 31.39 16.02 -11.00
CA LEU D 19 30.95 16.97 -9.99
C LEU D 19 31.98 18.09 -9.81
N LEU D 20 31.53 19.23 -9.29
CA LEU D 20 32.40 20.37 -9.04
C LEU D 20 32.84 20.35 -7.59
N TYR D 21 34.15 20.40 -7.36
CA TYR D 21 34.72 20.51 -6.03
C TYR D 21 35.47 21.83 -5.89
N LEU D 22 35.55 22.34 -4.68
CA LEU D 22 36.17 23.65 -4.46
C LEU D 22 37.62 23.47 -4.04
N GLY D 23 38.53 24.11 -4.74
CA GLY D 23 39.94 23.96 -4.45
C GLY D 23 40.72 25.26 -4.53
N THR D 24 42.04 25.15 -4.42
CA THR D 24 42.90 26.30 -4.51
C THR D 24 44.03 26.00 -5.49
N ILE D 25 44.32 26.96 -6.37
CA ILE D 25 45.39 26.77 -7.33
C ILE D 25 46.75 26.84 -6.63
N LYS D 26 47.59 25.83 -6.87
CA LYS D 26 48.93 25.82 -6.29
C LYS D 26 50.01 26.12 -7.31
N LYS D 27 49.78 25.78 -8.58
CA LYS D 27 50.74 26.04 -9.63
C LYS D 27 49.98 26.21 -10.93
N VAL D 28 50.45 27.12 -11.78
CA VAL D 28 49.88 27.34 -13.11
C VAL D 28 50.92 26.92 -14.14
N ASP D 29 50.48 26.20 -15.17
CA ASP D 29 51.33 25.68 -16.24
C ASP D 29 50.73 26.15 -17.55
N SER D 30 51.22 27.28 -18.06
CA SER D 30 50.63 27.87 -19.26
CA SER D 30 50.65 27.88 -19.26
C SER D 30 51.01 27.11 -20.53
N ALA D 31 52.15 26.41 -20.51
CA ALA D 31 52.55 25.62 -21.67
C ALA D 31 51.56 24.50 -21.94
N ARG D 32 51.17 23.77 -20.89
CA ARG D 32 50.20 22.69 -20.99
C ARG D 32 48.78 23.12 -20.66
N GLU D 33 48.58 24.33 -20.14
CA GLU D 33 47.25 24.82 -19.78
C GLU D 33 46.57 23.87 -18.79
N VAL D 34 47.29 23.55 -17.72
CA VAL D 34 46.79 22.83 -16.56
C VAL D 34 47.22 23.61 -15.33
N CYS D 35 46.50 23.37 -14.24
CA CYS D 35 46.87 23.83 -12.92
C CYS D 35 46.92 22.65 -11.97
N LEU D 36 47.88 22.72 -11.05
CA LEU D 36 47.87 21.88 -9.85
C LEU D 36 46.87 22.48 -8.87
N VAL D 37 45.79 21.76 -8.59
CA VAL D 37 44.72 22.24 -7.73
C VAL D 37 44.76 21.43 -6.44
N GLN D 38 44.77 22.11 -5.30
CA GLN D 38 44.68 21.43 -4.01
C GLN D 38 43.24 21.48 -3.49
N PHE D 39 42.72 20.34 -3.06
CA PHE D 39 41.33 20.22 -2.64
C PHE D 39 41.22 20.23 -1.11
N GLU D 40 39.99 20.08 -0.60
CA GLU D 40 39.79 20.33 0.83
C GLU D 40 40.43 19.24 1.67
N ASP D 41 40.61 18.04 1.11
CA ASP D 41 41.28 16.93 1.79
C ASP D 41 42.78 16.98 1.63
N ASP D 42 43.30 18.08 1.07
CA ASP D 42 44.70 18.35 0.79
C ASP D 42 45.24 17.51 -0.36
N SER D 43 44.40 16.75 -1.06
CA SER D 43 44.87 16.08 -2.25
C SER D 43 45.17 17.13 -3.33
N GLN D 44 46.09 16.79 -4.22
CA GLN D 44 46.52 17.71 -5.28
C GLN D 44 46.52 16.97 -6.60
N PHE D 45 45.91 17.58 -7.62
CA PHE D 45 45.80 16.95 -8.92
C PHE D 45 45.93 18.01 -10.01
N LEU D 46 46.40 17.58 -11.17
CA LEU D 46 46.50 18.45 -12.33
C LEU D 46 45.17 18.45 -13.06
N VAL D 47 44.66 19.65 -13.33
CA VAL D 47 43.35 19.86 -13.94
C VAL D 47 43.52 20.85 -15.08
N LEU D 48 42.93 20.53 -16.21
CA LEU D 48 42.95 21.41 -17.37
C LEU D 48 42.26 22.74 -17.05
N TRP D 49 42.78 23.83 -17.61
CA TRP D 49 42.19 25.15 -17.47
C TRP D 49 40.71 25.17 -17.82
N LYS D 50 40.32 24.46 -18.88
CA LYS D 50 38.93 24.45 -19.32
C LYS D 50 38.00 23.85 -18.28
N ASP D 51 38.53 23.14 -17.29
CA ASP D 51 37.71 22.55 -16.26
C ASP D 51 37.86 23.25 -14.91
N ILE D 52 38.47 24.45 -14.90
CA ILE D 52 38.69 25.27 -13.71
C ILE D 52 37.92 26.59 -13.88
N SER D 53 37.22 27.02 -12.83
CA SER D 53 36.51 28.30 -12.92
CA SER D 53 36.47 28.28 -12.91
C SER D 53 36.60 29.04 -11.58
N PRO D 54 37.08 30.27 -11.57
CA PRO D 54 37.08 31.05 -10.32
C PRO D 54 35.71 31.57 -9.94
N ALA D 55 34.72 31.45 -10.82
CA ALA D 55 33.42 32.03 -10.56
C ALA D 55 32.34 31.14 -11.14
N ALA D 56 31.12 31.27 -10.60
CA ALA D 56 30.05 30.39 -10.98
C ALA D 56 28.72 31.12 -10.91
N LEU D 57 27.76 30.64 -11.70
CA LEU D 57 26.39 31.12 -11.66
C LEU D 57 25.55 30.07 -10.94
N PRO D 58 25.07 30.34 -9.71
CA PRO D 58 24.23 29.34 -9.04
C PRO D 58 23.01 29.00 -9.89
N GLY D 59 22.65 27.73 -9.91
CA GLY D 59 21.57 27.32 -10.78
C GLY D 59 21.07 25.93 -10.46
N GLU D 60 20.31 25.37 -11.41
CA GLU D 60 19.72 24.05 -11.28
C GLU D 60 20.12 23.20 -12.47
N GLU D 61 20.35 21.91 -12.21
CA GLU D 61 20.80 20.98 -13.25
C GLU D 61 19.79 20.84 -14.39
N ARG E 2 22.30 16.42 59.58
CA ARG E 2 23.67 16.30 60.08
C ARG E 2 24.31 17.69 60.14
N PRO E 3 24.89 18.03 61.30
CA PRO E 3 25.38 19.40 61.49
C PRO E 3 26.75 19.60 60.83
N ARG E 4 27.02 20.87 60.51
CA ARG E 4 28.25 21.23 59.83
C ARG E 4 29.46 21.16 60.76
N LEU E 5 29.24 21.37 62.06
CA LEU E 5 30.26 21.45 63.09
C LEU E 5 29.99 20.41 64.17
N TRP E 6 31.03 19.80 64.73
CA TRP E 6 30.83 18.80 65.78
C TRP E 6 32.05 18.72 66.69
N GLU E 7 31.84 18.19 67.91
CA GLU E 7 32.95 18.02 68.85
C GLU E 7 34.05 17.13 68.27
N GLY E 8 35.30 17.55 68.47
CA GLY E 8 36.47 16.83 67.97
C GLY E 8 36.89 17.18 66.56
N GLN E 9 36.13 18.03 65.88
CA GLN E 9 36.41 18.41 64.50
C GLN E 9 37.52 19.44 64.43
N ASP E 10 38.41 19.30 63.44
CA ASP E 10 39.45 20.30 63.22
C ASP E 10 38.90 21.39 62.31
N VAL E 11 39.17 22.65 62.67
CA VAL E 11 38.54 23.77 61.98
C VAL E 11 39.53 24.92 61.91
N LEU E 12 39.30 25.81 60.95
CA LEU E 12 39.90 27.13 61.01
C LEU E 12 38.93 28.06 61.71
N ALA E 13 39.46 28.96 62.53
CA ALA E 13 38.64 29.97 63.20
C ALA E 13 39.26 31.33 62.98
N ARG E 14 38.43 32.32 62.63
CA ARG E 14 38.90 33.68 62.45
C ARG E 14 39.04 34.36 63.81
N TRP E 15 40.23 34.89 64.08
CA TRP E 15 40.49 35.51 65.37
C TRP E 15 40.23 37.02 65.29
N THR E 16 40.30 37.69 66.44
CA THR E 16 40.05 39.13 66.44
C THR E 16 41.14 39.90 65.69
N ASP E 17 42.33 39.34 65.51
CA ASP E 17 43.33 39.98 64.67
C ASP E 17 43.10 39.79 63.17
N GLY E 18 41.99 39.18 62.78
CA GLY E 18 41.69 38.97 61.38
C GLY E 18 42.31 37.74 60.75
N LEU E 19 43.15 37.01 61.48
CA LEU E 19 43.87 35.86 60.93
C LEU E 19 43.13 34.57 61.25
N LEU E 20 43.40 33.54 60.44
CA LEU E 20 42.79 32.22 60.63
C LEU E 20 43.74 31.34 61.42
N TYR E 21 43.25 30.74 62.51
CA TYR E 21 44.02 29.84 63.35
C TYR E 21 43.36 28.47 63.33
N LEU E 22 44.17 27.43 63.44
CA LEU E 22 43.63 26.08 63.38
C LEU E 22 43.36 25.58 64.80
N GLY E 23 42.18 25.04 65.01
CA GLY E 23 41.86 24.52 66.33
C GLY E 23 40.92 23.34 66.24
N THR E 24 40.38 22.93 67.39
CA THR E 24 39.48 21.79 67.49
C THR E 24 38.25 22.19 68.29
N ILE E 25 37.06 21.80 67.80
CA ILE E 25 35.82 22.09 68.50
C ILE E 25 35.71 21.23 69.75
N LYS E 26 35.49 21.88 70.90
CA LYS E 26 35.26 21.15 72.13
C LYS E 26 33.81 21.07 72.53
N LYS E 27 32.99 22.07 72.15
CA LYS E 27 31.57 22.09 72.46
C LYS E 27 30.85 22.87 71.37
N VAL E 28 29.62 22.46 71.07
CA VAL E 28 28.77 23.13 70.09
C VAL E 28 27.51 23.61 70.82
N ASP E 29 27.20 24.90 70.71
CA ASP E 29 26.01 25.50 71.33
C ASP E 29 25.09 25.94 70.20
N SER E 30 24.03 25.17 69.95
CA SER E 30 23.14 25.45 68.82
CA SER E 30 23.15 25.45 68.81
C SER E 30 22.19 26.61 69.08
N ALA E 31 21.90 26.91 70.35
CA ALA E 31 21.03 28.04 70.66
C ALA E 31 21.72 29.35 70.32
N ARG E 32 23.00 29.49 70.70
CA ARG E 32 23.76 30.70 70.48
C ARG E 32 24.56 30.66 69.18
N GLU E 33 24.61 29.51 68.50
CA GLU E 33 25.43 29.33 67.30
C GLU E 33 26.86 29.80 67.54
N VAL E 34 27.44 29.30 68.63
CA VAL E 34 28.86 29.44 68.92
C VAL E 34 29.42 28.05 69.20
N CYS E 35 30.74 27.94 69.06
CA CYS E 35 31.46 26.77 69.54
C CYS E 35 32.57 27.18 70.48
N LEU E 36 32.83 26.33 71.48
CA LEU E 36 34.09 26.39 72.21
C LEU E 36 35.18 25.75 71.35
N VAL E 37 36.17 26.52 70.93
CA VAL E 37 37.27 26.05 70.10
C VAL E 37 38.53 26.04 70.94
N GLN E 38 39.25 24.92 70.95
CA GLN E 38 40.57 24.88 71.57
C GLN E 38 41.66 25.06 70.52
N PHE E 39 42.61 25.95 70.81
CA PHE E 39 43.65 26.31 69.85
C PHE E 39 44.96 25.58 70.17
N GLU E 40 46.00 25.87 69.38
CA GLU E 40 47.21 25.04 69.48
C GLU E 40 47.97 25.32 70.77
N ASP E 41 47.78 26.48 71.37
CA ASP E 41 48.37 26.82 72.66
C ASP E 41 47.49 26.36 73.84
N ASP E 42 46.47 25.55 73.56
CA ASP E 42 45.49 25.03 74.51
C ASP E 42 44.57 26.11 75.07
N SER E 43 44.63 27.34 74.56
CA SER E 43 43.60 28.30 74.90
C SER E 43 42.25 27.85 74.31
N GLN E 44 41.17 28.29 74.96
CA GLN E 44 39.81 27.97 74.50
C GLN E 44 38.97 29.24 74.50
N PHE E 45 38.28 29.48 73.39
CA PHE E 45 37.43 30.65 73.26
C PHE E 45 36.13 30.27 72.56
N LEU E 46 35.08 31.04 72.86
CA LEU E 46 33.80 30.89 72.17
C LEU E 46 33.84 31.67 70.86
N VAL E 47 33.55 30.98 69.75
CA VAL E 47 33.64 31.57 68.42
C VAL E 47 32.31 31.35 67.71
N LEU E 48 31.77 32.39 67.09
CA LEU E 48 30.54 32.26 66.32
C LEU E 48 30.72 31.25 65.19
N TRP E 49 29.66 30.49 64.94
CA TRP E 49 29.67 29.52 63.83
C TRP E 49 30.11 30.14 62.52
N LYS E 50 29.66 31.37 62.24
CA LYS E 50 30.00 32.01 60.96
C LYS E 50 31.49 32.21 60.80
N ASP E 51 32.25 32.22 61.89
CA ASP E 51 33.68 32.42 61.79
C ASP E 51 34.48 31.11 61.93
N ILE E 52 33.81 29.96 61.84
CA ILE E 52 34.43 28.65 61.97
C ILE E 52 34.25 27.94 60.64
N SER E 53 35.32 27.34 60.11
CA SER E 53 35.15 26.57 58.88
C SER E 53 35.96 25.27 58.93
N PRO E 54 35.34 24.14 58.61
CA PRO E 54 36.10 22.87 58.55
C PRO E 54 36.92 22.72 57.28
N ALA E 55 36.76 23.63 56.31
CA ALA E 55 37.45 23.51 55.04
C ALA E 55 37.88 24.89 54.57
N ALA E 56 38.86 24.93 53.68
CA ALA E 56 39.35 26.20 53.16
C ALA E 56 39.78 26.03 51.71
N LEU E 57 39.66 27.11 50.94
CA LEU E 57 40.17 27.16 49.58
C LEU E 57 41.45 27.96 49.57
N PRO E 58 42.60 27.36 49.28
CA PRO E 58 43.82 28.16 49.15
C PRO E 58 43.64 29.26 48.12
N GLY E 59 44.26 30.40 48.38
CA GLY E 59 44.03 31.57 47.54
C GLY E 59 44.86 32.73 48.02
N GLU E 60 45.00 33.72 47.15
CA GLU E 60 45.94 34.81 47.38
C GLU E 60 45.22 36.03 47.95
N GLU E 61 45.90 36.73 48.85
CA GLU E 61 45.32 37.85 49.56
C GLU E 61 45.76 39.18 48.95
N ARG F 2 59.01 40.97 45.59
CA ARG F 2 59.22 40.08 46.73
C ARG F 2 58.53 38.74 46.51
N PRO F 3 59.15 37.65 46.97
CA PRO F 3 58.56 36.33 46.78
C PRO F 3 57.28 36.15 47.60
N ARG F 4 56.41 35.26 47.10
CA ARG F 4 55.17 34.91 47.78
C ARG F 4 55.41 34.13 49.05
N LEU F 5 56.51 33.36 49.10
CA LEU F 5 56.80 32.45 50.20
C LEU F 5 58.17 32.76 50.80
N TRP F 6 58.30 32.59 52.11
CA TRP F 6 59.56 32.93 52.75
C TRP F 6 59.72 32.13 54.03
N GLU F 7 60.97 32.00 54.48
CA GLU F 7 61.24 31.27 55.71
C GLU F 7 60.57 31.95 56.90
N GLY F 8 60.01 31.14 57.80
CA GLY F 8 59.28 31.63 58.96
C GLY F 8 57.80 31.90 58.71
N GLN F 9 57.34 31.80 57.47
CA GLN F 9 55.96 32.09 57.13
C GLN F 9 55.06 30.93 57.50
N ASP F 10 53.89 31.23 58.09
CA ASP F 10 52.91 30.17 58.34
C ASP F 10 52.08 29.91 57.09
N VAL F 11 51.81 28.64 56.80
CA VAL F 11 51.15 28.27 55.55
C VAL F 11 50.28 27.06 55.79
N LEU F 12 49.26 26.92 54.96
CA LEU F 12 48.58 25.64 54.77
C LEU F 12 49.32 24.86 53.68
N ALA F 13 49.49 23.56 53.91
CA ALA F 13 50.14 22.69 52.94
C ALA F 13 49.24 21.49 52.68
N ARG F 14 49.05 21.12 51.41
CA ARG F 14 48.25 19.94 51.09
C ARG F 14 49.10 18.69 51.26
N TRP F 15 48.58 17.72 52.01
CA TRP F 15 49.30 16.49 52.32
C TRP F 15 48.86 15.39 51.36
N THR F 16 49.56 14.25 51.40
CA THR F 16 49.24 13.16 50.48
C THR F 16 47.86 12.58 50.74
N ASP F 17 47.28 12.79 51.94
CA ASP F 17 45.92 12.36 52.21
C ASP F 17 44.87 13.34 51.70
N GLY F 18 45.27 14.38 50.98
CA GLY F 18 44.32 15.34 50.44
C GLY F 18 43.87 16.40 51.42
N LEU F 19 44.37 16.40 52.64
CA LEU F 19 43.94 17.36 53.65
C LEU F 19 44.95 18.50 53.79
N LEU F 20 44.48 19.63 54.32
CA LEU F 20 45.33 20.79 54.53
C LEU F 20 45.81 20.80 55.99
N TYR F 21 47.11 20.95 56.17
CA TYR F 21 47.71 21.02 57.48
C TYR F 21 48.40 22.36 57.61
N LEU F 22 48.48 22.89 58.82
CA LEU F 22 49.13 24.18 59.04
C LEU F 22 50.58 23.96 59.46
N GLY F 23 51.50 24.62 58.77
CA GLY F 23 52.89 24.50 59.12
C GLY F 23 53.63 25.81 58.91
N THR F 24 54.96 25.75 58.91
CA THR F 24 55.80 26.92 58.81
C THR F 24 56.94 26.61 57.84
N ILE F 25 57.21 27.55 56.93
CA ILE F 25 58.25 27.36 55.94
C ILE F 25 59.63 27.44 56.59
N LYS F 26 60.47 26.44 56.34
CA LYS F 26 61.82 26.43 56.88
C LYS F 26 62.87 26.77 55.84
N LYS F 27 62.65 26.39 54.58
CA LYS F 27 63.58 26.64 53.49
C LYS F 27 62.78 26.80 52.22
N VAL F 28 63.25 27.69 51.33
CA VAL F 28 62.65 27.93 50.04
C VAL F 28 63.66 27.57 48.95
N ASP F 29 63.25 26.72 48.00
CA ASP F 29 64.10 26.26 46.89
C ASP F 29 63.45 26.75 45.60
N SER F 30 63.97 27.85 45.04
CA SER F 30 63.34 28.47 43.87
CA SER F 30 63.33 28.46 43.88
C SER F 30 63.63 27.71 42.58
N ALA F 31 64.73 26.96 42.53
CA ALA F 31 65.05 26.20 41.33
C ALA F 31 64.06 25.04 41.15
N ARG F 32 63.82 24.28 42.22
CA ARG F 32 62.87 23.18 42.18
C ARG F 32 61.44 23.58 42.55
N GLU F 33 61.23 24.82 43.01
CA GLU F 33 59.91 25.31 43.40
C GLU F 33 59.27 24.38 44.45
N VAL F 34 60.06 24.08 45.48
CA VAL F 34 59.60 23.39 46.66
C VAL F 34 60.00 24.19 47.88
N CYS F 35 59.30 23.95 48.98
CA CYS F 35 59.70 24.45 50.29
C CYS F 35 59.79 23.29 51.26
N LEU F 36 60.73 23.38 52.19
CA LEU F 36 60.73 22.53 53.37
C LEU F 36 59.74 23.11 54.39
N VAL F 37 58.70 22.35 54.73
CA VAL F 37 57.65 22.80 55.65
C VAL F 37 57.75 21.99 56.93
N GLN F 38 57.79 22.67 58.07
CA GLN F 38 57.71 22.01 59.36
C GLN F 38 56.26 22.04 59.86
N PHE F 39 55.76 20.89 60.30
CA PHE F 39 54.38 20.79 60.74
C PHE F 39 54.31 20.82 62.27
N GLU F 40 53.09 20.68 62.82
CA GLU F 40 52.92 20.92 64.25
C GLU F 40 53.54 19.82 65.09
N ASP F 41 53.72 18.63 64.53
CA ASP F 41 54.42 17.54 65.22
C ASP F 41 55.92 17.60 65.03
N ASP F 42 56.43 18.69 64.46
CA ASP F 42 57.82 18.99 64.15
C ASP F 42 58.37 18.16 63.00
N SER F 43 57.54 17.35 62.34
CA SER F 43 57.99 16.71 61.12
C SER F 43 58.25 17.77 60.05
N GLN F 44 59.17 17.45 59.14
CA GLN F 44 59.56 18.35 58.05
C GLN F 44 59.53 17.59 56.74
N PHE F 45 58.87 18.16 55.73
CA PHE F 45 58.74 17.53 54.42
C PHE F 45 58.86 18.57 53.32
N LEU F 46 59.32 18.12 52.15
CA LEU F 46 59.41 18.97 50.97
C LEU F 46 58.06 19.00 50.27
N VAL F 47 57.51 20.19 50.07
CA VAL F 47 56.20 20.36 49.47
C VAL F 47 56.32 21.33 48.30
N LEU F 48 55.71 20.98 47.17
CA LEU F 48 55.68 21.86 46.01
C LEU F 48 55.00 23.18 46.32
N TRP F 49 55.51 24.26 45.72
CA TRP F 49 54.89 25.58 45.89
C TRP F 49 53.41 25.59 45.54
N LYS F 50 53.00 24.83 44.52
CA LYS F 50 51.59 24.84 44.11
C LYS F 50 50.67 24.27 45.19
N ASP F 51 51.21 23.57 46.18
CA ASP F 51 50.40 23.00 47.23
C ASP F 51 50.59 23.70 48.57
N ILE F 52 51.20 24.89 48.57
CA ILE F 52 51.43 25.70 49.77
C ILE F 52 50.67 27.02 49.58
N SER F 53 50.00 27.49 50.63
CA SER F 53 49.36 28.79 50.52
CA SER F 53 49.38 28.80 50.51
C SER F 53 49.45 29.51 51.85
N PRO F 54 49.90 30.76 51.86
CA PRO F 54 49.87 31.53 53.12
C PRO F 54 48.49 32.04 53.46
N ALA F 55 47.51 31.92 52.57
CA ALA F 55 46.19 32.48 52.81
C ALA F 55 45.12 31.54 52.30
N ALA F 56 43.93 31.66 52.88
CA ALA F 56 42.86 30.76 52.48
C ALA F 56 41.51 31.45 52.59
N LEU F 57 40.55 30.96 51.80
CA LEU F 57 39.17 31.38 51.88
CA LEU F 57 39.17 31.38 51.89
C LEU F 57 38.39 30.33 52.65
N PRO F 58 37.90 30.61 53.86
CA PRO F 58 37.05 29.65 54.56
C PRO F 58 35.85 29.27 53.73
N GLY F 59 35.56 27.98 53.69
CA GLY F 59 34.50 27.53 52.80
C GLY F 59 34.04 26.13 53.13
N GLU F 60 33.27 25.56 52.21
CA GLU F 60 32.70 24.24 52.35
C GLU F 60 33.17 23.37 51.19
N GLU F 61 33.44 22.11 51.49
CA GLU F 61 33.92 21.16 50.49
C GLU F 61 32.80 20.80 49.51
N ARG G 2 40.64 40.17 -48.92
CA ARG G 2 40.57 39.32 -47.74
C ARG G 2 39.83 38.01 -48.06
N PRO G 3 40.39 36.88 -47.64
CA PRO G 3 39.77 35.60 -47.96
C PRO G 3 38.48 35.38 -47.18
N ARG G 4 37.65 34.49 -47.70
CA ARG G 4 36.39 34.14 -47.05
C ARG G 4 36.62 33.38 -45.75
N LEU G 5 37.71 32.62 -45.66
CA LEU G 5 37.99 31.70 -44.56
C LEU G 5 39.34 32.04 -43.92
N TRP G 6 39.43 31.91 -42.59
CA TRP G 6 40.69 32.17 -41.92
C TRP G 6 40.80 31.36 -40.64
N GLU G 7 42.04 31.22 -40.16
CA GLU G 7 42.30 30.45 -38.95
C GLU G 7 41.60 31.10 -37.75
N GLY G 8 41.00 30.25 -36.90
CA GLY G 8 40.25 30.72 -35.74
C GLY G 8 38.80 31.04 -36.02
N GLN G 9 38.38 31.01 -37.29
CA GLN G 9 37.01 31.29 -37.67
C GLN G 9 36.08 30.14 -37.29
N ASP G 10 34.90 30.49 -36.74
CA ASP G 10 33.88 29.47 -36.53
C ASP G 10 33.08 29.29 -37.82
N VAL G 11 32.80 28.02 -38.15
CA VAL G 11 32.19 27.69 -39.42
C VAL G 11 31.27 26.49 -39.23
N LEU G 12 30.26 26.37 -40.10
CA LEU G 12 29.60 25.10 -40.30
C LEU G 12 30.35 24.34 -41.39
N ALA G 13 30.48 23.02 -41.21
CA ALA G 13 31.07 22.16 -42.23
C ALA G 13 30.13 21.00 -42.52
N ARG G 14 29.98 20.65 -43.79
CA ARG G 14 29.14 19.51 -44.16
C ARG G 14 29.94 18.21 -43.99
N TRP G 15 29.36 17.26 -43.27
CA TRP G 15 30.04 16.01 -42.96
C TRP G 15 29.62 14.95 -43.97
N THR G 16 30.22 13.76 -43.88
CA THR G 16 29.88 12.70 -44.84
C THR G 16 28.50 12.13 -44.61
N ASP G 17 27.91 12.35 -43.43
CA ASP G 17 26.52 11.95 -43.21
C ASP G 17 25.51 12.99 -43.72
N GLY G 18 25.97 14.03 -44.42
CA GLY G 18 25.08 15.02 -44.98
C GLY G 18 24.63 16.10 -44.02
N LEU G 19 25.04 16.05 -42.75
CA LEU G 19 24.64 17.04 -41.76
C LEU G 19 25.71 18.11 -41.58
N LEU G 20 25.29 19.27 -41.04
CA LEU G 20 26.18 20.39 -40.77
C LEU G 20 26.61 20.37 -39.32
N TYR G 21 27.92 20.41 -39.08
CA TYR G 21 28.48 20.47 -37.73
C TYR G 21 29.26 21.76 -37.57
N LEU G 22 29.29 22.29 -36.35
CA LEU G 22 29.93 23.56 -36.11
C LEU G 22 31.35 23.33 -35.63
N GLY G 23 32.30 23.99 -36.27
CA GLY G 23 33.68 23.84 -35.90
C GLY G 23 34.47 25.12 -36.05
N THR G 24 35.77 25.01 -35.91
CA THR G 24 36.66 26.16 -35.98
C THR G 24 37.82 25.83 -36.93
N ILE G 25 38.14 26.79 -37.81
CA ILE G 25 39.22 26.55 -38.77
C ILE G 25 40.55 26.61 -38.04
N LYS G 26 41.37 25.57 -38.24
CA LYS G 26 42.71 25.53 -37.64
C LYS G 26 43.83 25.80 -38.62
N LYS G 27 43.63 25.49 -39.91
CA LYS G 27 44.63 25.69 -40.94
C LYS G 27 43.91 25.87 -42.25
N VAL G 28 44.39 26.81 -43.08
CA VAL G 28 43.85 27.06 -44.40
C VAL G 28 44.89 26.64 -45.44
N ASP G 29 44.47 25.84 -46.42
CA ASP G 29 45.37 25.33 -47.45
C ASP G 29 44.85 25.83 -48.80
N SER G 30 45.44 26.93 -49.28
CA SER G 30 44.94 27.58 -50.49
C SER G 30 45.26 26.77 -51.74
N ALA G 31 46.34 25.98 -51.69
CA ALA G 31 46.68 25.14 -52.83
C ALA G 31 45.58 24.14 -53.14
N ARG G 32 45.16 23.38 -52.13
CA ARG G 32 44.12 22.37 -52.32
C ARG G 32 42.72 22.89 -52.04
N GLU G 33 42.58 24.13 -51.56
CA GLU G 33 41.29 24.67 -51.14
C GLU G 33 40.59 23.70 -50.19
N VAL G 34 41.31 23.31 -49.14
CA VAL G 34 40.76 22.64 -47.97
C VAL G 34 41.20 23.41 -46.73
N CYS G 35 40.42 23.25 -45.66
CA CYS G 35 40.84 23.69 -44.34
C CYS G 35 40.86 22.50 -43.39
N LEU G 36 41.79 22.53 -42.43
CA LEU G 36 41.71 21.67 -41.26
C LEU G 36 40.71 22.27 -40.28
N VAL G 37 39.61 21.55 -40.02
CA VAL G 37 38.53 22.04 -39.17
C VAL G 37 38.51 21.20 -37.91
N GLN G 38 38.52 21.87 -36.76
CA GLN G 38 38.39 21.19 -35.48
C GLN G 38 36.94 21.28 -35.00
N PHE G 39 36.39 20.14 -34.61
CA PHE G 39 34.99 20.07 -34.24
C PHE G 39 34.85 20.07 -32.71
N GLU G 40 33.62 19.87 -32.25
CA GLU G 40 33.35 20.08 -30.83
C GLU G 40 33.91 18.96 -29.97
N ASP G 41 34.11 17.78 -30.55
CA ASP G 41 34.75 16.66 -29.86
C ASP G 41 36.28 16.70 -29.97
N ASP G 42 36.83 17.82 -30.45
CA ASP G 42 38.24 18.05 -30.75
C ASP G 42 38.77 17.22 -31.91
N SER G 43 37.93 16.47 -32.62
CA SER G 43 38.41 15.81 -33.83
C SER G 43 38.75 16.85 -34.89
N GLN G 44 39.70 16.50 -35.76
CA GLN G 44 40.16 17.39 -36.82
C GLN G 44 40.15 16.66 -38.15
N PHE G 45 39.58 17.31 -39.16
CA PHE G 45 39.45 16.74 -40.50
C PHE G 45 39.64 17.82 -41.55
N LEU G 46 40.19 17.39 -42.68
CA LEU G 46 40.35 18.27 -43.84
C LEU G 46 39.04 18.31 -44.59
N VAL G 47 38.53 19.53 -44.82
CA VAL G 47 37.25 19.76 -45.47
C VAL G 47 37.46 20.72 -46.63
N LEU G 48 36.85 20.40 -47.76
CA LEU G 48 36.88 21.30 -48.91
C LEU G 48 36.22 22.64 -48.60
N TRP G 49 36.82 23.72 -49.11
CA TRP G 49 36.26 25.06 -48.94
C TRP G 49 34.79 25.13 -49.32
N LYS G 50 34.40 24.42 -50.38
CA LYS G 50 33.03 24.45 -50.84
C LYS G 50 32.05 23.96 -49.81
N ASP G 51 32.48 23.16 -48.84
CA ASP G 51 31.58 22.60 -47.84
C ASP G 51 31.76 23.25 -46.47
N ILE G 52 32.40 24.41 -46.42
CA ILE G 52 32.61 25.19 -45.21
C ILE G 52 31.89 26.53 -45.40
N SER G 53 31.15 26.97 -44.38
CA SER G 53 30.45 28.25 -44.48
CA SER G 53 30.49 28.26 -44.49
C SER G 53 30.53 28.98 -43.16
N PRO G 54 31.03 30.23 -43.13
CA PRO G 54 31.03 30.99 -41.88
C PRO G 54 29.66 31.52 -41.50
N ALA G 55 28.67 31.42 -42.38
CA ALA G 55 27.35 31.95 -42.10
C ALA G 55 26.30 31.00 -42.64
N ALA G 56 25.08 31.14 -42.13
CA ALA G 56 24.00 30.28 -42.57
C ALA G 56 22.70 31.05 -42.55
N LEU G 57 21.81 30.68 -43.47
CA LEU G 57 20.45 31.17 -43.50
C LEU G 57 19.54 30.10 -42.93
N PRO G 58 18.84 30.35 -41.82
CA PRO G 58 17.85 29.37 -41.36
C PRO G 58 16.80 29.12 -42.43
N GLY G 59 16.38 27.86 -42.53
CA GLY G 59 15.46 27.42 -43.57
C GLY G 59 15.01 26.02 -43.26
N GLU G 60 13.98 25.57 -43.96
CA GLU G 60 13.35 24.30 -43.66
C GLU G 60 13.73 23.24 -44.68
N GLU G 61 13.95 22.03 -44.20
CA GLU G 61 14.55 20.97 -45.00
C GLU G 61 13.56 20.38 -45.99
CA GLY H 1 1.00 17.46 -37.63
C GLY H 1 2.10 17.29 -36.58
N ARG H 2 3.04 16.39 -36.88
CA ARG H 2 4.19 16.19 -35.99
C ARG H 2 4.92 17.52 -35.81
N PRO H 3 5.33 17.85 -34.60
CA PRO H 3 5.94 19.16 -34.36
C PRO H 3 7.27 19.32 -35.08
N ARG H 4 7.59 20.59 -35.39
CA ARG H 4 8.85 20.93 -36.03
C ARG H 4 10.03 20.86 -35.06
N LEU H 5 9.77 21.09 -33.77
CA LEU H 5 10.79 21.14 -32.73
C LEU H 5 10.47 20.11 -31.65
N TRP H 6 11.51 19.48 -31.10
CA TRP H 6 11.26 18.46 -30.10
C TRP H 6 12.47 18.36 -29.17
N GLU H 7 12.22 17.81 -27.97
CA GLU H 7 13.28 17.59 -27.00
C GLU H 7 14.40 16.73 -27.59
N GLY H 8 15.64 17.15 -27.36
CA GLY H 8 16.79 16.41 -27.82
C GLY H 8 17.27 16.78 -29.19
N GLN H 9 16.54 17.66 -29.88
CA GLN H 9 16.88 18.06 -31.24
C GLN H 9 17.99 19.08 -31.22
N ASP H 10 18.93 18.95 -32.16
CA ASP H 10 19.99 19.94 -32.29
C ASP H 10 19.51 21.04 -33.22
N VAL H 11 19.78 22.30 -32.84
CA VAL H 11 19.24 23.44 -33.57
C VAL H 11 20.25 24.58 -33.58
N LEU H 12 20.08 25.48 -34.52
CA LEU H 12 20.71 26.78 -34.43
C LEU H 12 19.72 27.71 -33.75
N ALA H 13 20.24 28.57 -32.86
CA ALA H 13 19.41 29.54 -32.16
C ALA H 13 20.01 30.91 -32.34
N ARG H 14 19.17 31.90 -32.65
CA ARG H 14 19.69 33.26 -32.77
C ARG H 14 19.80 33.89 -31.39
N TRP H 15 20.99 34.39 -31.06
CA TRP H 15 21.30 34.99 -29.77
C TRP H 15 21.11 36.51 -29.83
N THR H 16 21.12 37.14 -28.65
CA THR H 16 20.93 38.59 -28.61
C THR H 16 22.05 39.36 -29.33
N ASP H 17 23.21 38.75 -29.54
CA ASP H 17 24.27 39.43 -30.27
C ASP H 17 24.12 39.29 -31.78
N GLY H 18 23.01 38.72 -32.25
CA GLY H 18 22.73 38.59 -33.67
C GLY H 18 23.37 37.39 -34.33
N LEU H 19 24.11 36.58 -33.59
CA LEU H 19 24.81 35.42 -34.15
C LEU H 19 24.05 34.13 -33.89
N LEU H 20 24.33 33.11 -34.71
CA LEU H 20 23.69 31.80 -34.58
C LEU H 20 24.61 30.89 -33.78
N TYR H 21 24.07 30.28 -32.74
CA TYR H 21 24.79 29.33 -31.89
C TYR H 21 24.12 27.97 -31.97
N LEU H 22 24.89 26.91 -31.79
CA LEU H 22 24.34 25.56 -31.92
C LEU H 22 23.97 25.04 -30.55
N GLY H 23 22.75 24.57 -30.40
CA GLY H 23 22.35 24.08 -29.10
C GLY H 23 21.45 22.87 -29.22
N THR H 24 20.90 22.43 -28.09
CA THR H 24 20.00 21.29 -28.05
C THR H 24 18.73 21.66 -27.28
N ILE H 25 17.58 21.27 -27.83
CA ILE H 25 16.32 21.60 -27.19
C ILE H 25 16.11 20.73 -25.95
N LYS H 26 15.81 21.37 -24.84
CA LYS H 26 15.57 20.64 -23.60
C LYS H 26 14.10 20.56 -23.25
N LYS H 27 13.32 21.58 -23.62
CA LYS H 27 11.90 21.63 -23.33
C LYS H 27 11.20 22.41 -24.44
N VAL H 28 10.00 21.97 -24.81
CA VAL H 28 9.18 22.65 -25.81
C VAL H 28 7.88 23.10 -25.14
N ASP H 29 7.59 24.40 -25.21
CA ASP H 29 6.36 24.97 -24.65
C ASP H 29 5.51 25.44 -25.82
N SER H 30 4.49 24.65 -26.18
CA SER H 30 3.69 24.99 -27.35
CA SER H 30 3.68 24.98 -27.35
C SER H 30 2.74 26.13 -27.07
N ALA H 31 2.34 26.32 -25.81
CA ALA H 31 1.46 27.43 -25.47
C ALA H 31 2.14 28.77 -25.75
N ARG H 32 3.39 28.91 -25.31
CA ARG H 32 4.14 30.16 -25.46
C ARG H 32 5.06 30.18 -26.68
N GLU H 33 5.13 29.08 -27.44
CA GLU H 33 5.97 29.01 -28.63
C GLU H 33 7.39 29.45 -28.29
N VAL H 34 7.95 28.80 -27.29
CA VAL H 34 9.31 29.04 -26.85
C VAL H 34 9.92 27.67 -26.54
N CYS H 35 11.25 27.59 -26.61
CA CYS H 35 11.95 26.39 -26.17
C CYS H 35 13.06 26.77 -25.21
N LEU H 36 13.26 25.91 -24.21
CA LEU H 36 14.49 25.93 -23.44
C LEU H 36 15.59 25.29 -24.28
N VAL H 37 16.63 26.03 -24.61
CA VAL H 37 17.76 25.54 -25.41
C VAL H 37 18.99 25.50 -24.53
N GLN H 38 19.71 24.38 -24.55
CA GLN H 38 21.03 24.30 -23.90
C GLN H 38 22.14 24.46 -24.94
N PHE H 39 23.09 25.35 -24.65
CA PHE H 39 24.18 25.68 -25.56
C PHE H 39 25.45 24.94 -25.15
N GLU H 40 26.51 25.15 -25.91
CA GLU H 40 27.68 24.30 -25.77
C GLU H 40 28.42 24.54 -24.47
N ASP H 41 28.21 25.69 -23.83
CA ASP H 41 28.77 25.99 -22.51
C ASP H 41 27.85 25.55 -21.37
N ASP H 42 26.81 24.78 -21.69
CA ASP H 42 25.79 24.26 -20.77
C ASP H 42 24.84 25.32 -20.24
N SER H 43 24.95 26.57 -20.70
CA SER H 43 23.92 27.55 -20.37
C SER H 43 22.59 27.13 -21.00
N GLN H 44 21.49 27.56 -20.38
CA GLN H 44 20.15 27.29 -20.90
C GLN H 44 19.36 28.60 -20.93
N PHE H 45 18.66 28.83 -22.04
CA PHE H 45 17.84 30.03 -22.14
C PHE H 45 16.56 29.70 -22.90
N LEU H 46 15.52 30.49 -22.62
CA LEU H 46 14.29 30.42 -23.39
C LEU H 46 14.46 31.22 -24.67
N VAL H 47 14.14 30.58 -25.80
CA VAL H 47 14.27 31.18 -27.12
C VAL H 47 12.96 30.96 -27.85
N LEU H 48 12.42 32.01 -28.45
CA LEU H 48 11.19 31.89 -29.23
C LEU H 48 11.39 30.93 -30.40
N TRP H 49 10.33 30.21 -30.76
CA TRP H 49 10.39 29.28 -31.89
C TRP H 49 10.86 29.96 -33.17
N LYS H 50 10.47 31.21 -33.40
CA LYS H 50 10.86 31.88 -34.63
C LYS H 50 12.37 32.07 -34.75
N ASP H 51 13.11 32.01 -33.65
CA ASP H 51 14.54 32.17 -33.71
C ASP H 51 15.29 30.85 -33.59
N ILE H 52 14.58 29.71 -33.70
CA ILE H 52 15.17 28.38 -33.64
C ILE H 52 15.03 27.71 -35.00
N SER H 53 16.11 27.08 -35.47
CA SER H 53 16.02 26.39 -36.76
CA SER H 53 15.98 26.37 -36.73
C SER H 53 16.77 25.06 -36.70
N PRO H 54 16.11 23.94 -36.99
CA PRO H 54 16.84 22.65 -37.05
C PRO H 54 17.69 22.51 -38.29
N ALA H 55 17.50 23.38 -39.29
CA ALA H 55 18.21 23.22 -40.54
C ALA H 55 18.64 24.59 -41.05
N ALA H 56 19.66 24.59 -41.90
CA ALA H 56 20.17 25.85 -42.40
C ALA H 56 20.67 25.69 -43.82
N LEU H 57 20.71 26.82 -44.53
CA LEU H 57 21.35 26.89 -45.85
C LEU H 57 22.70 27.57 -45.71
N PRO H 58 23.81 26.88 -45.95
CA PRO H 58 25.12 27.56 -45.90
C PRO H 58 25.18 28.66 -46.95
N GLY H 59 25.60 29.85 -46.54
CA GLY H 59 25.41 30.98 -47.42
C GLY H 59 26.33 32.15 -47.14
N GLU H 60 26.06 33.25 -47.86
CA GLU H 60 26.86 34.45 -47.81
C GLU H 60 26.08 35.55 -47.07
N GLU H 61 26.78 36.26 -46.19
CA GLU H 61 26.16 37.17 -45.24
C GLU H 61 25.54 38.42 -45.88
N ARG I 2 34.01 36.86 -80.80
CA ARG I 2 34.25 35.76 -79.86
C ARG I 2 33.59 34.46 -80.35
N PRO I 3 34.12 33.31 -79.92
CA PRO I 3 33.49 32.04 -80.28
C PRO I 3 32.18 31.85 -79.54
N ARG I 4 31.35 30.96 -80.09
CA ARG I 4 30.05 30.69 -79.51
C ARG I 4 30.19 29.85 -78.24
N LEU I 5 31.27 29.08 -78.13
CA LEU I 5 31.48 28.11 -77.05
C LEU I 5 32.81 28.39 -76.39
N TRP I 6 32.90 28.22 -75.07
CA TRP I 6 34.15 28.50 -74.38
C TRP I 6 34.21 27.70 -73.09
N GLU I 7 35.43 27.53 -72.57
CA GLU I 7 35.64 26.74 -71.35
C GLU I 7 34.91 27.37 -70.17
N GLY I 8 34.25 26.52 -69.38
CA GLY I 8 33.50 26.96 -68.22
C GLY I 8 32.06 27.33 -68.50
N GLN I 9 31.65 27.33 -69.77
CA GLN I 9 30.31 27.70 -70.17
C GLN I 9 29.33 26.56 -69.89
N ASP I 10 28.14 26.89 -69.36
CA ASP I 10 27.10 25.90 -69.19
C ASP I 10 26.32 25.74 -70.49
N VAL I 11 26.05 24.49 -70.86
CA VAL I 11 25.44 24.20 -72.15
C VAL I 11 24.49 23.02 -72.00
N LEU I 12 23.57 22.93 -72.96
CA LEU I 12 22.84 21.69 -73.18
C LEU I 12 23.58 20.89 -74.24
N ALA I 13 23.66 19.58 -74.06
CA ALA I 13 24.30 18.71 -75.04
C ALA I 13 23.37 17.56 -75.37
N ARG I 14 23.24 17.26 -76.66
CA ARG I 14 22.40 16.15 -77.10
C ARG I 14 23.16 14.84 -76.92
N TRP I 15 22.58 13.91 -76.19
CA TRP I 15 23.23 12.65 -75.90
C TRP I 15 22.81 11.59 -76.95
N THR I 16 23.46 10.42 -76.91
CA THR I 16 23.13 9.40 -77.91
C THR I 16 21.72 8.86 -77.72
N ASP I 17 21.13 9.01 -76.55
CA ASP I 17 19.73 8.62 -76.35
C ASP I 17 18.74 9.65 -76.87
N GLY I 18 19.20 10.71 -77.53
CA GLY I 18 18.33 11.73 -78.08
C GLY I 18 17.94 12.82 -77.12
N LEU I 19 18.25 12.69 -75.83
CA LEU I 19 17.82 13.66 -74.84
C LEU I 19 18.89 14.74 -74.63
N LEU I 20 18.47 15.87 -74.05
CA LEU I 20 19.35 17.01 -73.76
C LEU I 20 19.78 16.95 -72.30
N TYR I 21 21.08 16.96 -72.05
CA TYR I 21 21.62 16.97 -70.69
C TYR I 21 22.41 18.26 -70.47
N LEU I 22 22.40 18.76 -69.24
CA LEU I 22 23.06 20.01 -68.94
C LEU I 22 24.48 19.71 -68.47
N GLY I 23 25.45 20.39 -69.04
CA GLY I 23 26.81 20.17 -68.62
C GLY I 23 27.62 21.45 -68.73
N THR I 24 28.94 21.34 -68.62
CA THR I 24 29.86 22.46 -68.62
C THR I 24 31.02 22.14 -69.56
N ILE I 25 31.38 23.10 -70.42
CA ILE I 25 32.45 22.88 -71.39
C ILE I 25 33.80 22.91 -70.68
N LYS I 26 34.60 21.88 -70.87
CA LYS I 26 35.93 21.84 -70.25
C LYS I 26 37.06 22.12 -71.22
N LYS I 27 36.88 21.82 -72.51
CA LYS I 27 37.88 22.07 -73.55
C LYS I 27 37.16 22.28 -74.88
N VAL I 28 37.73 23.15 -75.71
CA VAL I 28 37.19 23.46 -77.03
C VAL I 28 38.25 23.11 -78.07
N ASP I 29 37.87 22.32 -79.08
CA ASP I 29 38.80 21.87 -80.12
C ASP I 29 38.27 22.40 -81.44
N SER I 30 38.88 23.48 -81.93
CA SER I 30 38.39 24.15 -83.13
CA SER I 30 38.40 24.16 -83.13
C SER I 30 38.73 23.41 -84.41
N ALA I 31 39.79 22.59 -84.41
CA ALA I 31 40.10 21.80 -85.60
C ALA I 31 39.04 20.73 -85.85
N ARG I 32 38.62 20.04 -84.78
CA ARG I 32 37.63 18.98 -84.90
C ARG I 32 36.21 19.45 -84.67
N GLU I 33 36.03 20.71 -84.23
CA GLU I 33 34.72 21.23 -83.86
C GLU I 33 34.00 20.28 -82.92
N VAL I 34 34.69 19.91 -81.85
CA VAL I 34 34.08 19.21 -80.72
C VAL I 34 34.48 19.95 -79.44
N CYS I 35 33.69 19.75 -78.38
CA CYS I 35 34.08 20.13 -77.04
C CYS I 35 34.07 18.93 -76.11
N LEU I 36 34.97 18.95 -75.13
CA LEU I 36 34.87 18.06 -73.99
C LEU I 36 33.86 18.65 -73.02
N VAL I 37 32.76 17.94 -72.77
CA VAL I 37 31.68 18.42 -71.91
C VAL I 37 31.66 17.56 -70.66
N GLN I 38 31.65 18.19 -69.49
CA GLN I 38 31.47 17.47 -68.22
C GLN I 38 30.01 17.54 -67.81
N PHE I 39 29.43 16.39 -67.45
CA PHE I 39 28.03 16.32 -67.12
C PHE I 39 27.82 16.28 -65.60
N GLU I 40 26.58 16.14 -65.18
CA GLU I 40 26.29 16.33 -63.76
C GLU I 40 26.80 15.16 -62.93
N ASP I 41 27.07 14.02 -63.56
CA ASP I 41 27.61 12.85 -62.89
C ASP I 41 29.14 12.81 -62.95
N ASP I 42 29.75 13.92 -63.37
CA ASP I 42 31.18 14.13 -63.58
C ASP I 42 31.74 13.32 -64.74
N SER I 43 30.91 12.64 -65.49
CA SER I 43 31.39 12.03 -66.72
C SER I 43 31.80 13.11 -67.72
N GLN I 44 32.73 12.77 -68.60
CA GLN I 44 33.21 13.70 -69.62
C GLN I 44 33.22 13.00 -70.97
N PHE I 45 32.63 13.67 -71.98
CA PHE I 45 32.58 13.10 -73.32
C PHE I 45 32.81 14.18 -74.36
N LEU I 46 33.35 13.76 -75.50
CA LEU I 46 33.54 14.67 -76.63
C LEU I 46 32.24 14.78 -77.43
N VAL I 47 31.77 16.01 -77.62
CA VAL I 47 30.50 16.27 -78.29
C VAL I 47 30.74 17.28 -79.42
N LEU I 48 30.19 16.99 -80.59
CA LEU I 48 30.29 17.90 -81.72
C LEU I 48 29.61 19.23 -81.40
N TRP I 49 30.21 20.32 -81.91
CA TRP I 49 29.65 21.66 -81.70
C TRP I 49 28.17 21.74 -82.08
N LYS I 50 27.78 21.07 -83.17
CA LYS I 50 26.40 21.15 -83.64
C LYS I 50 25.39 20.62 -82.61
N ASP I 51 25.84 19.77 -81.69
CA ASP I 51 24.93 19.22 -80.69
C ASP I 51 25.10 19.87 -79.32
N ILE I 52 25.77 21.01 -79.26
CA ILE I 52 25.97 21.76 -78.02
C ILE I 52 25.26 23.10 -78.18
N SER I 53 24.47 23.49 -77.17
CA SER I 53 23.89 24.81 -77.26
C SER I 53 23.94 25.53 -75.91
N PRO I 54 24.40 26.78 -75.88
CA PRO I 54 24.38 27.55 -74.62
C PRO I 54 22.99 28.07 -74.26
N ALA I 55 22.01 27.95 -75.16
CA ALA I 55 20.68 28.47 -74.90
C ALA I 55 19.63 27.57 -75.51
N ALA I 56 18.40 27.68 -75.00
CA ALA I 56 17.32 26.82 -75.49
C ALA I 56 16.02 27.60 -75.47
N LEU I 57 15.12 27.24 -76.39
CA LEU I 57 13.77 27.77 -76.44
C LEU I 57 12.82 26.73 -75.88
N PRO I 58 12.16 26.97 -74.76
CA PRO I 58 11.16 26.01 -74.27
C PRO I 58 10.07 25.77 -75.30
N GLY I 59 9.54 24.56 -75.29
CA GLY I 59 8.55 24.18 -76.31
C GLY I 59 8.22 22.72 -76.19
N GLU I 60 7.13 22.34 -76.84
CA GLU I 60 6.55 21.02 -76.64
C GLU I 60 6.98 20.04 -77.73
N GLU I 61 7.20 18.79 -77.33
CA GLU I 61 7.65 17.73 -78.24
C GLU I 61 6.48 17.17 -79.03
N ARG J 2 -4.04 13.10 -70.09
CA ARG J 2 -2.79 13.07 -69.34
C ARG J 2 -2.24 14.49 -69.17
N PRO J 3 -1.66 14.78 -68.01
CA PRO J 3 -1.09 16.11 -67.79
C PRO J 3 0.27 16.27 -68.47
N ARG J 4 0.57 17.53 -68.79
CA ARG J 4 1.86 17.87 -69.39
C ARG J 4 3.01 17.67 -68.40
N LEU J 5 2.73 17.83 -67.10
CA LEU J 5 3.75 17.89 -66.06
C LEU J 5 3.41 16.90 -64.95
N TRP J 6 4.43 16.22 -64.41
CA TRP J 6 4.19 15.23 -63.38
C TRP J 6 5.39 15.13 -62.45
N GLU J 7 5.13 14.61 -61.26
CA GLU J 7 6.17 14.38 -60.28
C GLU J 7 7.23 13.42 -60.83
N GLY J 8 8.50 13.75 -60.58
CA GLY J 8 9.61 12.96 -61.08
C GLY J 8 10.10 13.38 -62.44
N GLN J 9 9.39 14.27 -63.12
CA GLN J 9 9.76 14.69 -64.48
C GLN J 9 10.89 15.69 -64.43
N ASP J 10 11.89 15.52 -65.29
CA ASP J 10 12.94 16.52 -65.44
C ASP J 10 12.48 17.66 -66.33
N VAL J 11 12.77 18.90 -65.93
CA VAL J 11 12.26 20.09 -66.62
C VAL J 11 13.31 21.19 -66.61
N LEU J 12 13.17 22.11 -67.57
CA LEU J 12 13.82 23.40 -67.48
C LEU J 12 12.85 24.37 -66.81
N ALA J 13 13.36 25.15 -65.87
CA ALA J 13 12.54 26.17 -65.19
C ALA J 13 13.22 27.52 -65.29
N ARG J 14 12.45 28.55 -65.64
CA ARG J 14 12.98 29.90 -65.73
C ARG J 14 13.07 30.50 -64.33
N TRP J 15 14.26 30.97 -63.97
CA TRP J 15 14.51 31.54 -62.65
C TRP J 15 14.35 33.06 -62.70
N THR J 16 14.38 33.69 -61.52
CA THR J 16 14.20 35.15 -61.45
C THR J 16 15.33 35.89 -62.14
N ASP J 17 16.50 35.27 -62.33
CA ASP J 17 17.58 35.91 -63.09
C ASP J 17 17.41 35.78 -64.61
N GLY J 18 16.30 35.21 -65.07
CA GLY J 18 16.05 35.08 -66.49
C GLY J 18 16.72 33.88 -67.15
N LEU J 19 17.46 33.08 -66.39
CA LEU J 19 18.15 31.92 -66.94
C LEU J 19 17.36 30.63 -66.71
N LEU J 20 17.65 29.61 -67.55
CA LEU J 20 16.99 28.33 -67.46
C LEU J 20 17.86 27.37 -66.64
N TYR J 21 17.27 26.77 -65.63
CA TYR J 21 17.94 25.80 -64.78
C TYR J 21 17.23 24.47 -64.90
N LEU J 22 17.99 23.39 -64.75
CA LEU J 22 17.43 22.06 -64.91
C LEU J 22 17.05 21.50 -63.55
N GLY J 23 15.81 21.03 -63.43
CA GLY J 23 15.37 20.49 -62.16
C GLY J 23 14.38 19.36 -62.31
N THR J 24 13.75 18.96 -61.21
CA THR J 24 12.83 17.83 -61.20
C THR J 24 11.56 18.19 -60.45
N ILE J 25 10.41 17.87 -61.02
CA ILE J 25 9.13 18.21 -60.40
C ILE J 25 8.90 17.35 -59.18
N LYS J 26 8.64 17.99 -58.04
CA LYS J 26 8.32 17.27 -56.82
C LYS J 26 6.84 17.26 -56.51
N LYS J 27 6.11 18.30 -56.93
CA LYS J 27 4.69 18.42 -56.65
C LYS J 27 4.04 19.22 -57.76
N VAL J 28 2.82 18.85 -58.13
CA VAL J 28 2.05 19.57 -59.12
C VAL J 28 0.78 20.08 -58.45
N ASP J 29 0.51 21.37 -58.60
CA ASP J 29 -0.66 22.02 -57.99
C ASP J 29 -1.52 22.55 -59.14
N SER J 30 -2.60 21.83 -59.47
CA SER J 30 -3.41 22.20 -60.62
CA SER J 30 -3.41 22.20 -60.62
C SER J 30 -4.28 23.41 -60.35
N ALA J 31 -4.63 23.66 -59.08
CA ALA J 31 -5.45 24.81 -58.75
C ALA J 31 -4.71 26.11 -59.00
N ARG J 32 -3.48 26.21 -58.52
CA ARG J 32 -2.66 27.40 -58.70
C ARG J 32 -1.77 27.34 -59.94
N GLU J 33 -1.72 26.20 -60.63
CA GLU J 33 -0.89 26.03 -61.82
C GLU J 33 0.56 26.38 -61.52
N VAL J 34 1.07 25.75 -60.47
CA VAL J 34 2.44 25.89 -60.00
C VAL J 34 2.97 24.49 -59.76
N CYS J 35 4.29 24.33 -59.89
CA CYS J 35 4.94 23.11 -59.45
C CYS J 35 6.02 23.44 -58.45
N LEU J 36 6.20 22.55 -57.47
CA LEU J 36 7.38 22.57 -56.62
C LEU J 36 8.51 21.90 -57.40
N VAL J 37 9.59 22.64 -57.69
CA VAL J 37 10.70 22.14 -58.50
C VAL J 37 11.94 22.05 -57.62
N GLN J 38 12.60 20.89 -57.65
CA GLN J 38 13.88 20.71 -56.97
C GLN J 38 15.01 20.88 -57.97
N PHE J 39 15.98 21.71 -57.61
CA PHE J 39 17.10 22.00 -58.50
C PHE J 39 18.31 21.19 -58.09
N GLU J 40 19.42 21.39 -58.82
CA GLU J 40 20.57 20.50 -58.67
C GLU J 40 21.26 20.66 -57.32
N ASP J 41 21.14 21.84 -56.70
CA ASP J 41 21.66 22.08 -55.34
C ASP J 41 20.68 21.67 -54.26
N ASP J 42 19.62 20.94 -54.61
CA ASP J 42 18.57 20.41 -53.76
C ASP J 42 17.63 21.49 -53.24
N SER J 43 17.79 22.74 -53.65
CA SER J 43 16.80 23.76 -53.31
C SER J 43 15.48 23.44 -54.00
N GLN J 44 14.39 23.91 -53.40
CA GLN J 44 13.05 23.67 -53.92
C GLN J 44 12.28 24.97 -53.91
N PHE J 45 11.65 25.29 -55.04
CA PHE J 45 10.88 26.52 -55.16
C PHE J 45 9.60 26.25 -55.94
N LEU J 46 8.58 27.09 -55.69
CA LEU J 46 7.36 27.05 -56.49
C LEU J 46 7.56 27.86 -57.77
N VAL J 47 7.26 27.24 -58.91
CA VAL J 47 7.41 27.87 -60.22
C VAL J 47 6.11 27.69 -60.99
N LEU J 48 5.64 28.77 -61.61
CA LEU J 48 4.44 28.70 -62.44
C LEU J 48 4.63 27.75 -63.61
N TRP J 49 3.54 27.06 -63.98
CA TRP J 49 3.56 26.16 -65.12
C TRP J 49 4.08 26.84 -66.38
N LYS J 50 3.74 28.11 -66.60
CA LYS J 50 4.18 28.79 -67.83
C LYS J 50 5.68 28.97 -67.90
N ASP J 51 6.40 28.79 -66.79
CA ASP J 51 7.84 28.92 -66.79
C ASP J 51 8.55 27.57 -66.67
N ILE J 52 7.82 26.47 -66.87
CA ILE J 52 8.36 25.12 -66.76
C ILE J 52 8.20 24.44 -68.11
N SER J 53 9.24 23.73 -68.56
CA SER J 53 9.09 23.02 -69.81
CA SER J 53 9.06 23.00 -69.78
C SER J 53 9.86 21.72 -69.75
N PRO J 54 9.24 20.58 -70.06
CA PRO J 54 9.99 19.32 -70.12
C PRO J 54 10.83 19.18 -71.39
N ALA J 55 10.69 20.09 -72.35
CA ALA J 55 11.42 19.95 -73.61
C ALA J 55 11.85 21.31 -74.10
N ALA J 56 12.87 21.32 -74.95
CA ALA J 56 13.39 22.58 -75.45
C ALA J 56 13.96 22.41 -76.84
N LEU J 57 14.03 23.52 -77.57
N LEU J 57 14.05 23.53 -77.55
CA LEU J 57 14.72 23.56 -78.85
CA LEU J 57 14.72 23.62 -78.84
C LEU J 57 16.05 24.26 -78.66
C LEU J 57 16.07 24.28 -78.64
N PRO J 58 17.19 23.57 -78.79
CA PRO J 58 18.49 24.24 -78.68
C PRO J 58 18.60 25.35 -79.69
N GLY J 59 19.14 26.49 -79.25
CA GLY J 59 19.17 27.68 -80.08
C GLY J 59 20.19 28.70 -79.64
N GLU J 60 20.02 29.94 -80.10
CA GLY K 1 28.21 11.38 29.99
C GLY K 1 27.04 11.90 30.81
N ARG K 2 25.91 12.12 30.13
CA ARG K 2 24.74 12.65 30.80
C ARG K 2 24.31 11.72 31.94
N PRO K 3 23.64 12.25 32.95
CA PRO K 3 23.03 11.38 33.95
C PRO K 3 21.93 10.56 33.33
N ARG K 4 21.60 9.48 34.03
CA ARG K 4 20.52 8.61 33.59
C ARG K 4 19.17 9.28 33.75
N LEU K 5 19.05 10.15 34.76
CA LEU K 5 17.78 10.76 35.17
C LEU K 5 17.91 12.27 35.16
N TRP K 6 16.83 12.98 34.81
CA TRP K 6 16.89 14.44 34.72
C TRP K 6 15.50 15.01 34.89
N GLU K 7 15.45 16.29 35.27
CA GLU K 7 14.18 16.96 35.49
C GLU K 7 13.35 16.99 34.22
N GLY K 8 12.05 16.75 34.36
CA GLY K 8 11.15 16.72 33.24
C GLY K 8 11.06 15.39 32.54
N GLN K 9 11.90 14.42 32.92
CA GLN K 9 11.92 13.12 32.28
C GLN K 9 10.74 12.29 32.75
N ASP K 10 10.10 11.57 31.82
CA ASP K 10 9.04 10.65 32.21
C ASP K 10 9.64 9.31 32.59
N VAL K 11 9.16 8.74 33.70
CA VAL K 11 9.76 7.55 34.27
C VAL K 11 8.68 6.65 34.83
N LEU K 12 9.03 5.37 34.97
CA LEU K 12 8.28 4.47 35.82
C LEU K 12 8.90 4.50 37.22
N ALA K 13 8.07 4.51 38.25
CA ALA K 13 8.60 4.48 39.62
C ALA K 13 7.91 3.36 40.37
N ARG K 14 8.69 2.57 41.09
CA ARG K 14 8.15 1.48 41.88
C ARG K 14 7.59 2.05 43.19
N TRP K 15 6.34 1.74 43.47
CA TRP K 15 5.64 2.28 44.64
C TRP K 15 5.70 1.27 45.78
N THR K 16 5.30 1.72 46.98
CA THR K 16 5.35 0.83 48.14
C THR K 16 4.41 -0.36 47.99
N ASP K 17 3.42 -0.29 47.10
CA ASP K 17 2.56 -1.44 46.86
C ASP K 17 3.14 -2.43 45.85
N GLY K 18 4.38 -2.23 45.40
CA GLY K 18 5.02 -3.13 44.48
C GLY K 18 4.73 -2.89 43.02
N LEU K 19 3.86 -1.94 42.69
CA LEU K 19 3.49 -1.65 41.31
C LEU K 19 4.28 -0.47 40.75
N LEU K 20 4.35 -0.44 39.42
CA LEU K 20 5.03 0.61 38.68
C LEU K 20 4.01 1.65 38.26
N TYR K 21 4.25 2.91 38.64
CA TYR K 21 3.43 4.04 38.18
C TYR K 21 4.25 4.98 37.32
N LEU K 22 3.56 5.67 36.41
CA LEU K 22 4.24 6.58 35.50
C LEU K 22 4.23 7.99 36.10
N GLY K 23 5.39 8.63 36.11
CA GLY K 23 5.45 9.98 36.62
C GLY K 23 6.52 10.77 35.91
N THR K 24 6.83 11.94 36.45
CA THR K 24 7.79 12.88 35.87
C THR K 24 8.73 13.34 36.98
N ILE K 25 10.02 13.37 36.67
CA ILE K 25 11.01 13.82 37.64
C ILE K 25 10.95 15.34 37.79
N LYS K 26 10.91 15.81 39.03
CA LYS K 26 10.90 17.25 39.30
C LYS K 26 12.22 17.76 39.86
N LYS K 27 12.95 16.92 40.56
CA LYS K 27 14.25 17.28 41.13
CA LYS K 27 14.24 17.28 41.12
C LYS K 27 15.09 16.02 41.20
N VAL K 28 16.40 16.18 40.95
CA VAL K 28 17.37 15.09 41.05
C VAL K 28 18.35 15.46 42.14
N ASP K 29 18.53 14.56 43.12
CA ASP K 29 19.48 14.75 44.22
C ASP K 29 20.57 13.67 44.09
N SER K 30 21.74 14.05 43.57
CA SER K 30 22.81 13.09 43.33
CA SER K 30 22.81 13.09 43.33
C SER K 30 23.55 12.67 44.60
N ALA K 31 23.52 13.49 45.65
CA ALA K 31 24.16 13.11 46.91
C ALA K 31 23.43 11.96 47.58
N ARG K 32 22.10 12.03 47.63
CA ARG K 32 21.31 10.97 48.23
C ARG K 32 20.80 9.95 47.22
N GLU K 33 20.97 10.20 45.93
CA GLU K 33 20.50 9.28 44.89
C GLU K 33 19.01 9.04 45.04
N VAL K 34 18.27 10.14 45.16
CA VAL K 34 16.81 10.13 45.12
C VAL K 34 16.35 11.17 44.12
N CYS K 35 15.13 11.01 43.63
CA CYS K 35 14.46 12.05 42.85
C CYS K 35 13.09 12.34 43.46
N LEU K 36 12.69 13.61 43.38
CA LEU K 36 11.28 13.96 43.60
C LEU K 36 10.51 13.66 42.31
N VAL K 37 9.55 12.75 42.40
CA VAL K 37 8.74 12.32 41.25
C VAL K 37 7.31 12.80 41.48
N GLN K 38 6.74 13.42 40.46
CA GLN K 38 5.33 13.79 40.48
C GLN K 38 4.51 12.78 39.69
N PHE K 39 3.41 12.32 40.28
CA PHE K 39 2.59 11.29 39.66
C PHE K 39 1.35 11.91 39.04
N GLU K 40 0.52 11.06 38.44
CA GLU K 40 -0.59 11.56 37.63
C GLU K 40 -1.67 12.22 38.48
N ASP K 41 -1.73 11.95 39.78
CA ASP K 41 -2.63 12.64 40.69
C ASP K 41 -2.02 13.90 41.28
N ASP K 42 -0.88 14.34 40.75
CA ASP K 42 -0.08 15.47 41.18
C ASP K 42 0.59 15.27 42.53
N SER K 43 0.47 14.10 43.15
CA SER K 43 1.27 13.86 44.35
C SER K 43 2.78 13.86 44.00
N GLN K 44 3.60 14.15 45.00
CA GLN K 44 5.05 14.18 44.82
C GLN K 44 5.72 13.41 45.95
N PHE K 45 6.64 12.51 45.60
CA PHE K 45 7.33 11.71 46.60
C PHE K 45 8.77 11.51 46.17
N LEU K 46 9.62 11.32 47.18
CA LEU K 46 11.03 11.04 46.96
C LEU K 46 11.22 9.56 46.75
N VAL K 47 11.87 9.19 45.64
CA VAL K 47 12.03 7.79 45.26
C VAL K 47 13.51 7.54 44.98
N LEU K 48 14.05 6.43 45.51
CA LEU K 48 15.43 6.05 45.23
C LEU K 48 15.66 5.86 43.74
N TRP K 49 16.83 6.29 43.27
CA TRP K 49 17.20 6.09 41.86
C TRP K 49 17.03 4.62 41.43
N LYS K 50 17.34 3.68 42.31
CA LYS K 50 17.22 2.27 41.95
C LYS K 50 15.79 1.87 41.60
N ASP K 51 14.79 2.62 42.08
CA ASP K 51 13.41 2.28 41.82
C ASP K 51 12.79 3.16 40.74
N ILE K 52 13.60 3.91 39.98
CA ILE K 52 13.15 4.77 38.90
C ILE K 52 13.76 4.26 37.60
N SER K 53 12.95 4.18 36.54
CA SER K 53 13.47 3.72 35.25
CA SER K 53 13.47 3.72 35.25
C SER K 53 12.83 4.51 34.10
N PRO K 54 13.63 5.08 33.21
CA PRO K 54 13.05 5.77 32.05
C PRO K 54 12.62 4.82 30.94
N ALA K 55 12.93 3.52 31.06
CA ALA K 55 12.60 2.58 30.00
C ALA K 55 12.16 1.26 30.64
N ALA K 56 11.49 0.43 29.84
CA ALA K 56 11.00 -0.83 30.34
C ALA K 56 10.92 -1.83 29.19
N LEU K 57 11.14 -3.09 29.54
CA LEU K 57 11.01 -4.19 28.62
C LEU K 57 9.68 -4.87 28.91
N PRO K 58 8.73 -4.87 27.97
CA PRO K 58 7.48 -5.61 28.18
C PRO K 58 7.76 -7.06 28.54
N GLY K 59 6.92 -7.63 29.41
CA GLY K 59 7.20 -8.96 29.91
C GLY K 59 6.09 -9.47 30.80
N GLU K 60 6.04 -10.80 30.95
CA GLU K 60 4.95 -11.44 31.66
C GLU K 60 5.35 -11.69 33.11
N GLU K 61 4.41 -11.44 34.03
CA GLU K 61 4.62 -11.66 35.46
C GLU K 61 4.40 -13.13 35.81
N ARG L 2 -7.94 -18.15 32.04
CA ARG L 2 -8.18 -16.72 32.25
C ARG L 2 -7.31 -15.88 31.33
N PRO L 3 -7.91 -14.95 30.60
CA PRO L 3 -7.18 -14.22 29.56
C PRO L 3 -6.06 -13.34 30.11
N ARG L 4 -5.09 -13.07 29.24
CA ARG L 4 -3.99 -12.18 29.60
C ARG L 4 -4.46 -10.74 29.75
N LEU L 5 -5.48 -10.34 28.97
CA LEU L 5 -5.92 -8.95 28.91
C LEU L 5 -7.42 -8.88 29.16
N TRP L 6 -7.84 -7.79 29.81
CA TRP L 6 -9.25 -7.63 30.17
C TRP L 6 -9.59 -6.15 30.28
N GLU L 7 -10.88 -5.86 30.14
CA GLU L 7 -11.35 -4.49 30.30
C GLU L 7 -11.06 -3.96 31.71
N GLY L 8 -10.65 -2.69 31.78
CA GLY L 8 -10.29 -2.04 33.02
C GLY L 8 -8.85 -2.23 33.43
N GLN L 9 -8.10 -3.05 32.73
CA GLN L 9 -6.72 -3.35 33.08
C GLN L 9 -5.80 -2.22 32.62
N ASP L 10 -4.85 -1.85 33.48
CA ASP L 10 -3.82 -0.88 33.12
C ASP L 10 -2.68 -1.58 32.39
N VAL L 11 -2.20 -0.97 31.31
CA VAL L 11 -1.22 -1.62 30.44
C VAL L 11 -0.27 -0.56 29.90
N LEU L 12 0.93 -0.99 29.52
CA LEU L 12 1.75 -0.21 28.63
C LEU L 12 1.39 -0.58 27.19
N ALA L 13 1.36 0.41 26.31
CA ALA L 13 1.10 0.16 24.90
C ALA L 13 2.14 0.88 24.06
N ARG L 14 2.70 0.18 23.07
CA ARG L 14 3.68 0.77 22.17
C ARG L 14 2.95 1.64 21.15
N TRP L 15 3.40 2.88 21.01
CA TRP L 15 2.75 3.81 20.11
C TRP L 15 3.51 3.86 18.78
N THR L 16 3.00 4.63 17.81
CA THR L 16 3.65 4.65 16.51
C THR L 16 4.99 5.38 16.55
N ASP L 17 5.25 6.18 17.58
CA ASP L 17 6.54 6.82 17.75
C ASP L 17 7.55 5.90 18.42
N GLY L 18 7.22 4.63 18.63
CA GLY L 18 8.11 3.69 19.27
C GLY L 18 8.18 3.77 20.78
N LEU L 19 7.45 4.68 21.40
CA LEU L 19 7.48 4.83 22.86
C LEU L 19 6.33 4.06 23.52
N LEU L 20 6.51 3.78 24.81
CA LEU L 20 5.50 3.07 25.60
C LEU L 20 4.70 4.10 26.41
N TYR L 21 3.38 4.06 26.29
CA TYR L 21 2.48 4.92 27.04
C TYR L 21 1.61 4.06 27.93
N LEU L 22 1.16 4.64 29.06
CA LEU L 22 0.35 3.90 30.02
C LEU L 22 -1.11 4.19 29.77
N GLY L 23 -1.90 3.15 29.58
CA GLY L 23 -3.32 3.35 29.35
C GLY L 23 -4.16 2.29 30.02
N THR L 24 -5.45 2.24 29.68
CA THR L 24 -6.38 1.29 30.24
C THR L 24 -7.16 0.62 29.13
N ILE L 25 -7.30 -0.70 29.21
CA ILE L 25 -8.05 -1.43 28.19
C ILE L 25 -9.54 -1.13 28.35
N LYS L 26 -10.19 -0.76 27.25
CA LYS L 26 -11.63 -0.47 27.28
C LYS L 26 -12.46 -1.53 26.58
N LYS L 27 -11.89 -2.22 25.59
CA LYS L 27 -12.53 -3.32 24.89
C LYS L 27 -11.47 -4.30 24.45
N VAL L 28 -11.78 -5.59 24.54
CA VAL L 28 -10.91 -6.68 24.07
C VAL L 28 -11.62 -7.36 22.91
N ASP L 29 -10.94 -7.42 21.75
CA ASP L 29 -11.46 -8.05 20.54
C ASP L 29 -10.62 -9.29 20.30
N SER L 30 -11.10 -10.46 20.75
CA SER L 30 -10.29 -11.67 20.68
CA SER L 30 -10.28 -11.66 20.68
C SER L 30 -10.21 -12.24 19.28
N ALA L 31 -11.18 -11.93 18.42
CA ALA L 31 -11.11 -12.42 17.03
C ALA L 31 -9.95 -11.77 16.29
N ARG L 32 -9.81 -10.45 16.40
CA ARG L 32 -8.75 -9.70 15.72
C ARG L 32 -7.49 -9.55 16.57
N GLU L 33 -7.50 -10.00 17.82
CA GLU L 33 -6.38 -9.84 18.75
C GLU L 33 -5.93 -8.37 18.81
N VAL L 34 -6.91 -7.51 19.08
CA VAL L 34 -6.66 -6.08 19.26
CA VAL L 34 -6.68 -6.08 19.25
C VAL L 34 -7.47 -5.64 20.47
N CYS L 35 -7.01 -4.57 21.11
CA CYS L 35 -7.73 -3.95 22.20
C CYS L 35 -7.96 -2.49 21.89
N LEU L 36 -9.09 -1.96 22.35
CA LEU L 36 -9.28 -0.53 22.39
C LEU L 36 -8.68 -0.02 23.70
N VAL L 37 -7.66 0.83 23.58
CA VAL L 37 -6.91 1.32 24.73
C VAL L 37 -7.18 2.81 24.90
N GLN L 38 -7.54 3.21 26.11
CA GLN L 38 -7.71 4.62 26.46
C GLN L 38 -6.48 5.14 27.16
N PHE L 39 -5.92 6.25 26.66
CA PHE L 39 -4.70 6.80 27.21
C PHE L 39 -5.01 7.96 28.16
N GLU L 40 -3.97 8.54 28.74
CA GLU L 40 -4.18 9.48 29.84
C GLU L 40 -4.82 10.79 29.39
N ASP L 41 -4.73 11.13 28.10
CA ASP L 41 -5.40 12.30 27.56
C ASP L 41 -6.82 11.98 27.10
N ASP L 42 -7.32 10.78 27.42
CA ASP L 42 -8.63 10.25 27.10
C ASP L 42 -8.78 9.83 25.63
N SER L 43 -7.72 9.92 24.82
CA SER L 43 -7.78 9.38 23.47
C SER L 43 -7.90 7.85 23.53
N GLN L 44 -8.54 7.27 22.51
CA GLN L 44 -8.71 5.82 22.45
C GLN L 44 -8.33 5.32 21.07
N PHE L 45 -7.43 4.32 21.04
CA PHE L 45 -6.97 3.72 19.79
C PHE L 45 -6.97 2.22 19.90
N LEU L 46 -7.12 1.57 18.74
CA LEU L 46 -7.00 0.13 18.64
C LEU L 46 -5.53 -0.24 18.55
N VAL L 47 -5.09 -1.14 19.42
CA VAL L 47 -3.69 -1.56 19.52
C VAL L 47 -3.67 -3.08 19.50
N LEU L 48 -2.79 -3.65 18.67
CA LEU L 48 -2.61 -5.10 18.62
C LEU L 48 -2.18 -5.65 19.97
N TRP L 49 -2.68 -6.85 20.30
CA TRP L 49 -2.27 -7.53 21.54
C TRP L 49 -0.77 -7.58 21.68
N LYS L 50 -0.05 -7.87 20.58
CA LYS L 50 1.40 -8.01 20.66
C LYS L 50 2.09 -6.75 21.17
N ASP L 51 1.45 -5.59 21.10
CA ASP L 51 2.06 -4.35 21.57
C ASP L 51 1.47 -3.88 22.90
N ILE L 52 0.76 -4.75 23.62
CA ILE L 52 0.13 -4.44 24.90
C ILE L 52 0.76 -5.30 25.96
N SER L 53 1.15 -4.68 27.10
CA SER L 53 1.79 -5.39 28.20
C SER L 53 1.25 -4.91 29.54
N PRO L 54 0.62 -5.79 30.33
CA PRO L 54 0.21 -5.41 31.70
C PRO L 54 1.38 -5.27 32.64
N ALA L 55 2.54 -5.83 32.28
CA ALA L 55 3.69 -5.86 33.18
C ALA L 55 4.96 -5.54 32.41
N ALA L 56 5.96 -5.04 33.12
CA ALA L 56 7.22 -4.71 32.46
C ALA L 56 8.40 -4.90 33.40
N LEU L 57 9.57 -5.08 32.78
CA LEU L 57 10.85 -5.14 33.48
C LEU L 57 11.52 -3.79 33.35
N PRO L 58 11.61 -2.99 34.41
CA PRO L 58 12.29 -1.71 34.29
C PRO L 58 13.73 -1.89 33.82
N GLY L 59 14.16 -1.00 32.94
CA GLY L 59 15.48 -1.10 32.34
C GLY L 59 15.96 0.21 31.74
N GLU L 60 16.97 0.14 30.88
CA GLU L 60 17.55 1.32 30.27
N ARG M 2 32.77 12.52 62.48
CA ARG M 2 31.42 12.92 62.90
C ARG M 2 30.89 11.99 63.98
N PRO M 3 30.21 12.53 64.98
CA PRO M 3 29.59 11.68 66.00
C PRO M 3 28.48 10.85 65.40
N ARG M 4 28.14 9.78 66.11
CA ARG M 4 27.06 8.89 65.69
C ARG M 4 25.69 9.54 65.89
N LEU M 5 25.57 10.43 66.88
CA LEU M 5 24.31 11.02 67.32
C LEU M 5 24.44 12.53 67.28
N TRP M 6 23.35 13.22 66.93
CA TRP M 6 23.42 14.68 66.86
C TRP M 6 22.03 15.27 67.03
N GLU M 7 21.99 16.56 67.36
CA GLU M 7 20.72 17.24 67.56
C GLU M 7 19.90 17.25 66.29
N GLY M 8 18.58 17.08 66.43
CA GLY M 8 17.70 17.02 65.29
C GLY M 8 17.60 15.67 64.63
N GLN M 9 18.39 14.69 65.06
CA GLN M 9 18.41 13.37 64.44
C GLN M 9 17.22 12.54 64.92
N ASP M 10 16.57 11.85 63.99
CA ASP M 10 15.52 10.91 64.37
C ASP M 10 16.16 9.59 64.78
N VAL M 11 15.67 9.04 65.89
CA VAL M 11 16.27 7.84 66.46
C VAL M 11 15.19 6.95 67.05
N LEU M 12 15.53 5.67 67.17
CA LEU M 12 14.78 4.76 68.02
C LEU M 12 15.42 4.79 69.39
N ALA M 13 14.60 4.88 70.45
CA ALA M 13 15.11 4.81 71.81
C ALA M 13 14.41 3.67 72.54
N ARG M 14 15.20 2.87 73.25
CA ARG M 14 14.64 1.80 74.07
C ARG M 14 14.11 2.39 75.37
N TRP M 15 12.85 2.11 75.68
CA TRP M 15 12.17 2.65 76.83
C TRP M 15 12.20 1.64 77.97
N THR M 16 11.76 2.08 79.15
CA THR M 16 11.78 1.21 80.33
C THR M 16 10.87 0.01 80.18
N ASP M 17 9.87 0.06 79.30
CA ASP M 17 9.01 -1.09 79.05
C ASP M 17 9.60 -2.08 78.04
N GLY M 18 10.86 -1.88 77.65
CA GLY M 18 11.52 -2.76 76.70
C GLY M 18 11.20 -2.53 75.25
N LEU M 19 10.33 -1.59 74.93
CA LEU M 19 9.93 -1.31 73.55
C LEU M 19 10.74 -0.15 72.96
N LEU M 20 10.77 -0.10 71.62
CA LEU M 20 11.48 0.93 70.87
C LEU M 20 10.48 1.98 70.44
N TYR M 21 10.74 3.24 70.79
CA TYR M 21 9.91 4.37 70.38
C TYR M 21 10.73 5.28 69.49
N LEU M 22 10.06 5.96 68.57
CA LEU M 22 10.73 6.87 67.66
C LEU M 22 10.73 8.28 68.26
N GLY M 23 11.89 8.92 68.26
CA GLY M 23 11.99 10.25 68.80
C GLY M 23 13.05 11.06 68.08
N THR M 24 13.33 12.25 68.62
CA THR M 24 14.29 13.18 68.03
C THR M 24 15.24 13.66 69.12
N ILE M 25 16.54 13.69 68.79
CA ILE M 25 17.55 14.12 69.74
C ILE M 25 17.49 15.64 69.88
N LYS M 26 17.43 16.10 71.13
CA LYS M 26 17.43 17.54 71.39
C LYS M 26 18.76 18.04 71.94
N LYS M 27 19.49 17.20 72.67
CA LYS M 27 20.77 17.55 73.24
C LYS M 27 21.62 16.30 73.30
N VAL M 28 22.92 16.45 73.07
CA VAL M 28 23.88 15.36 73.15
C VAL M 28 24.92 15.72 74.22
N ASP M 29 25.12 14.85 75.19
CA ASP M 29 26.07 15.07 76.27
C ASP M 29 27.17 14.00 76.16
N SER M 30 28.32 14.36 75.58
CA SER M 30 29.36 13.36 75.31
CA SER M 30 29.36 13.36 75.31
C SER M 30 30.08 12.94 76.58
N ALA M 31 30.12 13.80 77.60
CA ALA M 31 30.77 13.44 78.85
C ALA M 31 30.01 12.32 79.57
N ARG M 32 28.68 12.39 79.62
CA ARG M 32 27.89 11.36 80.27
C ARG M 32 27.36 10.30 79.32
N GLU M 33 27.57 10.49 78.00
CA GLU M 33 27.05 9.59 76.97
C GLU M 33 25.55 9.35 77.16
N VAL M 34 24.81 10.46 77.28
CA VAL M 34 23.36 10.45 77.28
C VAL M 34 22.89 11.49 76.27
N CYS M 35 21.66 11.32 75.78
CA CYS M 35 20.99 12.34 74.98
C CYS M 35 19.64 12.66 75.60
N LEU M 36 19.25 13.92 75.49
CA LEU M 36 17.85 14.27 75.72
C LEU M 36 17.07 13.98 74.45
N VAL M 37 16.08 13.09 74.54
CA VAL M 37 15.28 12.64 73.40
C VAL M 37 13.86 13.14 73.61
N GLN M 38 13.30 13.76 72.58
CA GLN M 38 11.90 14.16 72.62
C GLN M 38 11.07 13.15 71.83
N PHE M 39 10.00 12.67 72.44
CA PHE M 39 9.17 11.64 71.84
C PHE M 39 7.92 12.25 71.21
N GLU M 40 7.05 11.39 70.66
CA GLU M 40 5.96 11.89 69.84
C GLU M 40 4.88 12.58 70.67
N ASP M 41 4.82 12.31 71.97
CA ASP M 41 3.90 13.02 72.87
C ASP M 41 4.52 14.29 73.45
N ASP M 42 5.67 14.72 72.91
CA ASP M 42 6.47 15.87 73.36
C ASP M 42 7.12 15.67 74.72
N SER M 43 7.02 14.48 75.33
CA SER M 43 7.83 14.23 76.52
C SER M 43 9.31 14.21 76.14
N GLN M 44 10.16 14.49 77.14
CA GLN M 44 11.61 14.53 76.93
C GLN M 44 12.28 13.78 78.07
N PHE M 45 13.22 12.90 77.73
CA PHE M 45 13.91 12.11 78.75
C PHE M 45 15.36 11.91 78.36
N LEU M 46 16.20 11.71 79.37
CA LEU M 46 17.62 11.40 79.15
C LEU M 46 17.77 9.91 78.91
N VAL M 47 18.38 9.54 77.79
CA VAL M 47 18.56 8.14 77.42
C VAL M 47 20.05 7.91 77.15
N LEU M 48 20.59 6.84 77.70
CA LEU M 48 21.97 6.45 77.43
C LEU M 48 22.19 6.23 75.92
N TRP M 49 23.41 6.56 75.47
CA TRP M 49 23.77 6.36 74.07
C TRP M 49 23.56 4.92 73.63
N LYS M 50 23.83 3.96 74.52
CA LYS M 50 23.71 2.56 74.14
C LYS M 50 22.27 2.20 73.77
N ASP M 51 21.28 2.94 74.29
CA ASP M 51 19.89 2.62 74.02
C ASP M 51 19.27 3.49 72.93
N ILE M 52 20.09 4.22 72.18
CA ILE M 52 19.64 5.08 71.09
C ILE M 52 20.24 4.54 69.81
N SER M 53 19.42 4.42 68.75
CA SER M 53 20.00 4.04 67.47
C SER M 53 19.34 4.79 66.32
N PRO M 54 20.14 5.36 65.42
CA PRO M 54 19.55 6.04 64.25
C PRO M 54 19.11 5.09 63.15
N ALA M 55 19.42 3.80 63.23
CA ALA M 55 19.07 2.86 62.17
C ALA M 55 18.65 1.54 62.81
N ALA M 56 17.99 0.71 62.01
CA ALA M 56 17.45 -0.55 62.50
C ALA M 56 17.41 -1.56 61.38
N LEU M 57 17.65 -2.81 61.72
CA LEU M 57 17.50 -3.91 60.80
C LEU M 57 16.17 -4.58 61.06
N PRO M 58 15.24 -4.59 60.12
CA PRO M 58 13.98 -5.34 60.32
C PRO M 58 14.26 -6.78 60.71
N GLY M 59 13.45 -7.31 61.61
CA GLY M 59 13.73 -8.64 62.14
C GLY M 59 12.55 -9.16 62.95
N GLU M 60 12.54 -10.47 63.15
CA GLU M 60 11.45 -11.10 63.88
C GLU M 60 11.93 -11.49 65.26
N GLU M 61 11.02 -11.42 66.23
CA GLU M 61 11.35 -11.83 67.58
C GLU M 61 10.72 -13.17 67.91
N ARG N 2 -1.74 -17.83 63.86
CA ARG N 2 -1.99 -16.43 64.21
C ARG N 2 -1.05 -15.51 63.41
N PRO N 3 -1.63 -14.57 62.67
CA PRO N 3 -0.86 -13.85 61.65
C PRO N 3 0.25 -12.97 62.22
N ARG N 4 1.23 -12.69 61.37
CA ARG N 4 2.35 -11.84 61.76
C ARG N 4 1.93 -10.39 61.90
N LEU N 5 0.91 -9.96 61.13
CA LEU N 5 0.48 -8.57 61.07
C LEU N 5 -1.02 -8.48 61.32
N TRP N 6 -1.45 -7.40 61.96
CA TRP N 6 -2.85 -7.25 62.32
C TRP N 6 -3.20 -5.78 62.50
N GLU N 7 -4.49 -5.48 62.37
CA GLU N 7 -4.94 -4.10 62.53
C GLU N 7 -4.61 -3.57 63.93
N GLY N 8 -4.17 -2.31 63.99
CA GLY N 8 -3.82 -1.64 65.21
C GLY N 8 -2.39 -1.87 65.66
N GLN N 9 -1.64 -2.69 64.93
CA GLN N 9 -0.26 -3.00 65.27
C GLN N 9 0.66 -1.87 64.81
N ASP N 10 1.60 -1.48 65.68
CA ASP N 10 2.63 -0.52 65.31
C ASP N 10 3.77 -1.24 64.59
N VAL N 11 4.24 -0.64 63.49
CA VAL N 11 5.20 -1.29 62.63
C VAL N 11 6.16 -0.23 62.09
N LEU N 12 7.34 -0.67 61.70
CA LEU N 12 8.19 0.10 60.83
C LEU N 12 7.88 -0.29 59.40
N ALA N 13 7.77 0.70 58.51
CA ALA N 13 7.51 0.44 57.09
C ALA N 13 8.58 1.15 56.27
N ARG N 14 9.15 0.45 55.30
CA ARG N 14 10.11 1.05 54.39
C ARG N 14 9.39 1.91 53.35
N TRP N 15 9.83 3.17 53.21
CA TRP N 15 9.19 4.10 52.30
C TRP N 15 9.98 4.15 50.98
N THR N 16 9.47 4.91 50.00
CA THR N 16 10.13 4.96 48.70
C THR N 16 11.47 5.69 48.75
N ASP N 17 11.72 6.50 49.77
CA ASP N 17 13.03 7.14 49.96
C ASP N 17 14.04 6.23 50.63
N GLY N 18 13.71 4.95 50.83
CA GLY N 18 14.62 4.02 51.47
C GLY N 18 14.66 4.07 52.98
N LEU N 19 13.91 4.96 53.62
CA LEU N 19 13.98 5.12 55.07
C LEU N 19 12.82 4.39 55.74
N LEU N 20 12.99 4.08 57.02
CA LEU N 20 11.97 3.39 57.80
C LEU N 20 11.19 4.40 58.61
N TYR N 21 9.86 4.38 58.47
CA TYR N 21 8.96 5.25 59.23
C TYR N 21 8.08 4.41 60.13
N LEU N 22 7.64 5.00 61.24
CA LEU N 22 6.82 4.27 62.21
C LEU N 22 5.35 4.54 61.95
N GLY N 23 4.57 3.48 61.73
CA GLY N 23 3.16 3.66 61.48
C GLY N 23 2.30 2.62 62.18
N THR N 24 1.01 2.60 61.87
CA THR N 24 0.07 1.65 62.45
C THR N 24 -0.72 0.99 61.32
N ILE N 25 -0.88 -0.33 61.41
CA ILE N 25 -1.62 -1.06 60.40
C ILE N 25 -3.10 -0.76 60.55
N LYS N 26 -3.76 -0.43 59.44
CA LYS N 26 -5.18 -0.15 59.45
C LYS N 26 -6.01 -1.20 58.76
N LYS N 27 -5.45 -1.88 57.76
CA LYS N 27 -6.11 -2.97 57.06
C LYS N 27 -5.05 -3.95 56.60
N VAL N 28 -5.39 -5.24 56.66
CA VAL N 28 -4.51 -6.32 56.20
C VAL N 28 -5.20 -6.99 55.01
N ASP N 29 -4.51 -7.04 53.88
CA ASP N 29 -5.01 -7.69 52.67
C ASP N 29 -4.14 -8.93 52.45
N SER N 30 -4.67 -10.10 52.82
CA SER N 30 -3.88 -11.32 52.74
CA SER N 30 -3.88 -11.32 52.74
C SER N 30 -3.78 -11.84 51.31
N ALA N 31 -4.74 -11.50 50.46
CA ALA N 31 -4.67 -11.91 49.05
C ALA N 31 -3.49 -11.25 48.34
N ARG N 32 -3.40 -9.93 48.45
CA ARG N 32 -2.31 -9.18 47.81
C ARG N 32 -1.07 -9.09 48.69
N GLU N 33 -1.14 -9.51 49.95
CA GLU N 33 -0.03 -9.40 50.89
C GLU N 33 0.48 -7.96 50.95
N VAL N 34 -0.47 -7.05 51.20
CA VAL N 34 -0.19 -5.64 51.45
C VAL N 34 -0.96 -5.24 52.70
N CYS N 35 -0.49 -4.17 53.34
CA CYS N 35 -1.25 -3.55 54.41
C CYS N 35 -1.46 -2.08 54.09
N LEU N 36 -2.62 -1.57 54.50
CA LEU N 36 -2.82 -0.13 54.54
C LEU N 36 -2.21 0.37 55.84
N VAL N 37 -1.17 1.18 55.75
CA VAL N 37 -0.43 1.65 56.91
C VAL N 37 -0.70 3.14 57.10
N GLN N 38 -1.03 3.54 58.33
CA GLN N 38 -1.21 4.95 58.67
C GLN N 38 0.02 5.48 59.38
N PHE N 39 0.55 6.61 58.90
CA PHE N 39 1.79 7.16 59.41
C PHE N 39 1.48 8.31 60.37
N GLU N 40 2.55 8.91 60.91
CA GLU N 40 2.36 9.88 62.00
C GLU N 40 1.67 11.16 61.53
N ASP N 41 1.81 11.52 60.25
CA ASP N 41 1.11 12.67 59.69
C ASP N 41 -0.31 12.35 59.24
N ASP N 42 -0.80 11.16 59.57
CA ASP N 42 -2.13 10.64 59.27
C ASP N 42 -2.27 10.20 57.81
N SER N 43 -1.22 10.29 56.99
CA SER N 43 -1.29 9.72 55.66
C SER N 43 -1.41 8.20 55.74
N GLN N 44 -2.03 7.61 54.72
CA GLN N 44 -2.25 6.17 54.65
C GLN N 44 -1.83 5.66 53.27
N PHE N 45 -0.96 4.65 53.24
CA PHE N 45 -0.47 4.09 51.98
C PHE N 45 -0.47 2.57 52.06
N LEU N 46 -0.59 1.93 50.91
CA LEU N 46 -0.50 0.48 50.81
C LEU N 46 0.97 0.08 50.70
N VAL N 47 1.41 -0.82 51.58
CA VAL N 47 2.80 -1.25 51.67
C VAL N 47 2.83 -2.77 51.65
N LEU N 48 3.74 -3.34 50.86
CA LEU N 48 3.87 -4.79 50.83
C LEU N 48 4.31 -5.34 52.18
N TRP N 49 3.78 -6.51 52.52
CA TRP N 49 4.19 -7.21 53.75
C TRP N 49 5.70 -7.30 53.90
N LYS N 50 6.42 -7.54 52.81
CA LYS N 50 7.87 -7.71 52.92
C LYS N 50 8.57 -6.44 53.41
N ASP N 51 7.91 -5.29 53.34
CA ASP N 51 8.49 -4.01 53.75
C ASP N 51 7.94 -3.52 55.09
N ILE N 52 7.27 -4.39 55.84
CA ILE N 52 6.63 -4.07 57.11
C ILE N 52 7.23 -4.95 58.19
N SER N 53 7.61 -4.34 59.32
CA SER N 53 8.25 -5.06 60.42
C SER N 53 7.70 -4.58 61.74
N PRO N 54 7.07 -5.46 62.53
CA PRO N 54 6.67 -5.05 63.90
C PRO N 54 7.84 -4.97 64.85
N ALA N 55 8.98 -5.53 64.51
CA ALA N 55 10.12 -5.53 65.42
C ALA N 55 11.39 -5.19 64.64
N ALA N 56 12.41 -4.74 65.37
CA ALA N 56 13.65 -4.38 64.70
C ALA N 56 14.85 -4.56 65.62
N LEU N 57 16.00 -4.73 64.99
CA LEU N 57 17.27 -4.81 65.69
CA LEU N 57 17.28 -4.81 65.68
C LEU N 57 17.99 -3.48 65.54
N PRO N 58 18.11 -2.67 66.60
CA PRO N 58 18.78 -1.38 66.46
C PRO N 58 20.21 -1.56 65.99
N GLY N 59 20.69 -0.58 65.23
CA GLY N 59 22.01 -0.67 64.64
C GLY N 59 22.45 0.63 64.00
N GLU N 60 23.39 0.54 63.06
CA GLU N 60 23.93 1.73 62.40
N ARG O 2 20.10 12.11 -1.05
CA ARG O 2 18.65 12.28 -1.10
C ARG O 2 17.99 11.43 -0.02
N PRO O 3 17.16 12.04 0.81
CA PRO O 3 16.42 11.27 1.81
C PRO O 3 15.37 10.40 1.15
N ARG O 4 15.11 9.27 1.81
CA ARG O 4 14.03 8.37 1.38
C ARG O 4 12.67 9.05 1.57
N LEU O 5 12.56 9.93 2.56
CA LEU O 5 11.30 10.53 2.97
C LEU O 5 11.44 12.04 2.97
N TRP O 6 10.34 12.76 2.67
CA TRP O 6 10.43 14.20 2.61
C TRP O 6 9.04 14.80 2.75
N GLU O 7 8.99 16.08 3.15
CA GLU O 7 7.73 16.77 3.35
C GLU O 7 6.88 16.80 2.08
N GLY O 8 5.58 16.51 2.23
CA GLY O 8 4.66 16.48 1.12
C GLY O 8 4.59 15.16 0.40
N GLN O 9 5.41 14.19 0.78
CA GLN O 9 5.41 12.89 0.13
C GLN O 9 4.21 12.06 0.58
N ASP O 10 3.60 11.33 -0.35
CA ASP O 10 2.54 10.41 0.01
C ASP O 10 3.15 9.08 0.40
N VAL O 11 2.65 8.50 1.49
CA VAL O 11 3.28 7.31 2.06
C VAL O 11 2.22 6.39 2.62
N LEU O 12 2.57 5.12 2.77
CA LEU O 12 1.82 4.21 3.61
C LEU O 12 2.46 4.21 4.99
N ALA O 13 1.64 4.26 6.04
CA ALA O 13 2.16 4.21 7.41
C ALA O 13 1.44 3.11 8.17
N ARG O 14 2.22 2.30 8.88
CA ARG O 14 1.65 1.22 9.67
C ARG O 14 1.11 1.77 10.98
N TRP O 15 -0.15 1.48 11.27
CA TRP O 15 -0.83 2.01 12.44
C TRP O 15 -0.76 1.00 13.58
N THR O 16 -1.17 1.42 14.78
CA THR O 16 -1.11 0.53 15.94
C THR O 16 -2.04 -0.67 15.80
N ASP O 17 -3.03 -0.62 14.90
CA ASP O 17 -3.88 -1.77 14.64
C ASP O 17 -3.30 -2.74 13.62
N GLY O 18 -2.05 -2.52 13.20
CA GLY O 18 -1.39 -3.42 12.27
C GLY O 18 -1.69 -3.17 10.82
N LEU O 19 -2.55 -2.21 10.49
CA LEU O 19 -2.94 -1.94 9.11
C LEU O 19 -2.16 -0.75 8.55
N LEU O 20 -2.09 -0.70 7.22
CA LEU O 20 -1.42 0.36 6.49
C LEU O 20 -2.45 1.39 6.08
N TYR O 21 -2.21 2.66 6.44
CA TYR O 21 -3.04 3.77 6.02
C TYR O 21 -2.22 4.72 5.15
N LEU O 22 -2.91 5.40 4.23
CA LEU O 22 -2.24 6.33 3.33
C LEU O 22 -2.24 7.72 3.95
N GLY O 23 -1.07 8.37 3.92
CA GLY O 23 -0.98 9.70 4.48
C GLY O 23 0.04 10.54 3.76
N THR O 24 0.32 11.73 4.28
CA THR O 24 1.29 12.64 3.70
C THR O 24 2.26 13.10 4.78
N ILE O 25 3.56 13.10 4.48
CA ILE O 25 4.54 13.56 5.45
C ILE O 25 4.45 15.08 5.60
N LYS O 26 4.37 15.55 6.84
CA LYS O 26 4.38 16.97 7.12
C LYS O 26 5.70 17.47 7.70
N LYS O 27 6.44 16.62 8.38
CA LYS O 27 7.72 16.98 9.00
C LYS O 27 8.58 15.74 9.08
N VAL O 28 9.88 15.90 8.87
CA VAL O 28 10.84 14.80 8.95
C VAL O 28 11.83 15.15 10.06
N ASP O 29 11.98 14.26 11.05
CA ASP O 29 12.93 14.43 12.15
C ASP O 29 14.03 13.37 12.03
N SER O 30 15.19 13.77 11.48
CA SER O 30 16.27 12.82 11.25
CA SER O 30 16.29 12.84 11.25
C SER O 30 16.98 12.41 12.53
N ALA O 31 16.94 13.22 13.58
CA ALA O 31 17.56 12.82 14.85
C ALA O 31 16.81 11.66 15.48
N ARG O 32 15.48 11.77 15.58
CA ARG O 32 14.67 10.71 16.15
C ARG O 32 14.21 9.69 15.12
N GLU O 33 14.44 9.95 13.83
CA GLU O 33 14.01 9.05 12.77
C GLU O 33 12.51 8.78 12.87
N VAL O 34 11.76 9.88 12.97
CA VAL O 34 10.30 9.87 12.92
C VAL O 34 9.85 10.94 11.94
N CYS O 35 8.63 10.78 11.45
CA CYS O 35 7.97 11.80 10.66
C CYS O 35 6.62 12.08 11.27
N LEU O 36 6.20 13.34 11.19
CA LEU O 36 4.80 13.69 11.41
C LEU O 36 4.03 13.38 10.14
N VAL O 37 3.06 12.48 10.24
CA VAL O 37 2.26 12.05 9.08
C VAL O 37 0.84 12.53 9.30
N GLN O 38 0.25 13.15 8.29
CA GLN O 38 -1.15 13.53 8.32
C GLN O 38 -1.97 12.52 7.52
N PHE O 39 -3.05 12.05 8.11
CA PHE O 39 -3.87 11.02 7.49
C PHE O 39 -5.11 11.64 6.85
N GLU O 40 -5.94 10.78 6.26
CA GLU O 40 -7.06 11.27 5.46
C GLU O 40 -8.14 11.93 6.31
N ASP O 41 -8.19 11.64 7.61
CA ASP O 41 -9.12 12.31 8.53
C ASP O 41 -8.52 13.59 9.13
N ASP O 42 -7.40 14.06 8.59
CA ASP O 42 -6.61 15.21 9.04
C ASP O 42 -5.92 14.99 10.38
N SER O 43 -6.05 13.82 11.01
CA SER O 43 -5.26 13.55 12.20
C SER O 43 -3.77 13.56 11.84
N GLN O 44 -2.94 13.91 12.83
CA GLN O 44 -1.49 13.89 12.64
C GLN O 44 -0.81 13.11 13.76
N PHE O 45 0.10 12.20 13.41
CA PHE O 45 0.80 11.41 14.41
C PHE O 45 2.26 11.22 14.01
N LEU O 46 3.10 11.02 15.03
CA LEU O 46 4.51 10.75 14.80
C LEU O 46 4.71 9.25 14.56
N VAL O 47 5.38 8.91 13.47
CA VAL O 47 5.53 7.52 13.05
C VAL O 47 7.02 7.28 12.76
N LEU O 48 7.57 6.20 13.32
CA LEU O 48 8.94 5.83 13.04
C LEU O 48 9.17 5.61 11.55
N TRP O 49 10.34 6.03 11.07
CA TRP O 49 10.70 5.83 9.67
C TRP O 49 10.51 4.37 9.22
N LYS O 50 10.83 3.41 10.10
CA LYS O 50 10.74 2.00 9.73
C LYS O 50 9.31 1.60 9.35
N ASP O 51 8.31 2.31 9.87
CA ASP O 51 6.91 1.99 9.60
C ASP O 51 6.30 2.89 8.52
N ILE O 52 7.13 3.61 7.76
CA ILE O 52 6.67 4.48 6.68
C ILE O 52 7.26 3.96 5.38
N SER O 53 6.43 3.87 4.34
CA SER O 53 7.00 3.48 3.06
C SER O 53 6.34 4.26 1.93
N PRO O 54 7.13 4.84 1.03
CA PRO O 54 6.56 5.53 -0.13
C PRO O 54 6.12 4.60 -1.25
N ALA O 55 6.41 3.31 -1.13
CA ALA O 55 6.15 2.36 -2.20
C ALA O 55 5.73 1.03 -1.60
N ALA O 56 4.99 0.24 -2.38
CA ALA O 56 4.50 -1.03 -1.89
C ALA O 56 4.44 -2.04 -3.03
N LEU O 57 4.70 -3.29 -2.68
CA LEU O 57 4.56 -4.40 -3.60
C LEU O 57 3.24 -5.09 -3.29
N PRO O 58 2.28 -5.10 -4.19
CA PRO O 58 1.03 -5.86 -3.96
C PRO O 58 1.31 -7.32 -3.65
N GLY O 59 0.49 -7.91 -2.78
CA GLY O 59 0.74 -9.27 -2.33
C GLY O 59 -0.38 -9.78 -1.45
N GLU O 60 -0.36 -11.11 -1.23
CA GLU O 60 -1.42 -11.77 -0.48
C GLU O 60 -1.01 -11.95 0.97
N GLU O 61 -1.94 -11.69 1.88
CA GLU O 61 -1.70 -11.82 3.32
C GLU O 61 -1.99 -13.25 3.78
N ARG P 2 -14.21 -17.71 1.24
CA ARG P 2 -14.53 -16.37 0.76
C ARG P 2 -13.67 -16.00 -0.45
N PRO P 3 -14.23 -15.24 -1.38
CA PRO P 3 -13.42 -14.70 -2.47
C PRO P 3 -12.38 -13.72 -1.97
N ARG P 4 -11.46 -13.40 -2.87
CA ARG P 4 -10.36 -12.50 -2.52
C ARG P 4 -10.85 -11.06 -2.39
N LEU P 5 -11.81 -10.66 -3.22
CA LEU P 5 -12.30 -9.28 -3.25
C LEU P 5 -13.80 -9.26 -2.99
N TRP P 6 -14.27 -8.16 -2.37
CA TRP P 6 -15.66 -8.03 -1.98
C TRP P 6 -16.03 -6.56 -1.82
N GLU P 7 -17.32 -6.26 -1.95
CA GLU P 7 -17.77 -4.88 -1.83
C GLU P 7 -17.51 -4.34 -0.43
N GLY P 8 -17.06 -3.09 -0.37
CA GLY P 8 -16.71 -2.45 0.88
C GLY P 8 -15.27 -2.61 1.29
N GLN P 9 -14.51 -3.44 0.57
CA GLN P 9 -13.12 -3.72 0.94
C GLN P 9 -12.20 -2.59 0.50
N ASP P 10 -11.24 -2.24 1.37
CA ASP P 10 -10.24 -1.24 1.00
C ASP P 10 -9.11 -1.93 0.26
N VAL P 11 -8.65 -1.31 -0.83
CA VAL P 11 -7.69 -1.94 -1.72
C VAL P 11 -6.76 -0.88 -2.29
N LEU P 12 -5.57 -1.32 -2.69
CA LEU P 12 -4.74 -0.52 -3.59
C LEU P 12 -5.12 -0.87 -5.02
N ALA P 13 -5.16 0.14 -5.88
CA ALA P 13 -5.43 -0.10 -7.30
C ALA P 13 -4.38 0.60 -8.13
N ARG P 14 -3.79 -0.12 -9.09
CA ARG P 14 -2.82 0.48 -10.00
C ARG P 14 -3.54 1.33 -11.03
N TRP P 15 -3.15 2.60 -11.13
CA TRP P 15 -3.81 3.53 -12.05
C TRP P 15 -3.05 3.58 -13.38
N THR P 16 -3.56 4.35 -14.36
CA THR P 16 -2.90 4.37 -15.67
C THR P 16 -1.57 5.10 -15.65
N ASP P 17 -1.30 5.92 -14.63
CA ASP P 17 0.01 6.55 -14.46
C ASP P 17 1.02 5.62 -13.81
N GLY P 18 0.65 4.35 -13.59
CA GLY P 18 1.53 3.38 -12.96
C GLY P 18 1.64 3.46 -11.46
N LEU P 19 0.93 4.38 -10.81
CA LEU P 19 1.00 4.53 -9.35
C LEU P 19 -0.16 3.78 -8.68
N LEU P 20 0.02 3.48 -7.40
CA LEU P 20 -0.99 2.79 -6.62
C LEU P 20 -1.78 3.83 -5.83
N TYR P 21 -3.11 3.77 -5.92
CA TYR P 21 -4.01 4.64 -5.17
C TYR P 21 -4.88 3.78 -4.26
N LEU P 22 -5.29 4.35 -3.13
CA LEU P 22 -6.11 3.61 -2.18
C LEU P 22 -7.58 3.87 -2.43
N GLY P 23 -8.38 2.82 -2.55
CA GLY P 23 -9.80 2.98 -2.82
C GLY P 23 -10.65 1.94 -2.14
N THR P 24 -11.94 1.87 -2.49
CA THR P 24 -12.84 0.92 -1.88
C THR P 24 -13.65 0.25 -2.97
N ILE P 25 -13.79 -1.08 -2.89
CA ILE P 25 -14.53 -1.82 -3.90
C ILE P 25 -16.02 -1.53 -3.76
N LYS P 26 -16.67 -1.16 -4.87
CA LYS P 26 -18.11 -0.91 -4.86
C LYS P 26 -18.91 -1.99 -5.55
N LYS P 27 -18.35 -2.63 -6.58
CA LYS P 27 -18.99 -3.75 -7.25
C LYS P 27 -17.92 -4.72 -7.69
N VAL P 28 -18.21 -6.02 -7.56
CA VAL P 28 -17.35 -7.09 -8.05
C VAL P 28 -18.07 -7.76 -9.22
N ASP P 29 -17.45 -7.73 -10.40
CA ASP P 29 -17.96 -8.40 -11.59
C ASP P 29 -17.12 -9.66 -11.78
N SER P 30 -17.63 -10.78 -11.27
CA SER P 30 -16.85 -12.02 -11.31
CA SER P 30 -16.86 -12.02 -11.30
C SER P 30 -16.72 -12.58 -12.72
N ALA P 31 -17.68 -12.26 -13.60
CA ALA P 31 -17.61 -12.77 -14.97
C ALA P 31 -16.43 -12.17 -15.72
N ARG P 32 -16.33 -10.84 -15.69
CA ARG P 32 -15.28 -10.10 -16.38
C ARG P 32 -14.00 -9.94 -15.54
N GLU P 33 -14.04 -10.34 -14.27
CA GLU P 33 -12.92 -10.15 -13.35
C GLU P 33 -12.44 -8.70 -13.32
N VAL P 34 -13.41 -7.79 -13.12
CA VAL P 34 -13.13 -6.38 -12.86
C VAL P 34 -13.89 -6.01 -11.60
N CYS P 35 -13.47 -4.90 -10.99
CA CYS P 35 -14.23 -4.30 -9.92
C CYS P 35 -14.43 -2.82 -10.22
N LEU P 36 -15.58 -2.31 -9.80
CA LEU P 36 -15.77 -0.87 -9.72
C LEU P 36 -15.15 -0.38 -8.41
N VAL P 37 -14.12 0.45 -8.52
CA VAL P 37 -13.35 0.96 -7.38
C VAL P 37 -13.66 2.45 -7.23
N GLN P 38 -13.98 2.86 -6.01
CA GLN P 38 -14.19 4.26 -5.66
C GLN P 38 -12.95 4.81 -4.96
N PHE P 39 -12.42 5.91 -5.47
CA PHE P 39 -11.20 6.49 -4.93
C PHE P 39 -11.51 7.63 -3.96
N GLU P 40 -10.46 8.24 -3.43
CA GLU P 40 -10.65 9.17 -2.32
C GLU P 40 -11.28 10.48 -2.77
N ASP P 41 -11.26 10.78 -4.06
CA ASP P 41 -11.98 11.94 -4.59
C ASP P 41 -13.39 11.57 -5.03
N ASP P 42 -13.87 10.38 -4.68
CA ASP P 42 -15.17 9.82 -5.02
C ASP P 42 -15.29 9.42 -6.47
N SER P 43 -14.26 9.61 -7.29
CA SER P 43 -14.30 9.07 -8.65
C SER P 43 -14.42 7.55 -8.57
N GLN P 44 -15.03 6.95 -9.60
CA GLN P 44 -15.24 5.51 -9.65
C GLN P 44 -14.84 5.00 -11.02
N PHE P 45 -14.00 3.96 -11.04
CA PHE P 45 -13.51 3.40 -12.29
C PHE P 45 -13.50 1.89 -12.20
N LEU P 46 -13.67 1.24 -13.34
CA LEU P 46 -13.53 -0.20 -13.43
C LEU P 46 -12.05 -0.55 -13.54
N VAL P 47 -11.60 -1.48 -12.70
CA VAL P 47 -10.19 -1.89 -12.63
C VAL P 47 -10.14 -3.40 -12.67
N LEU P 48 -9.24 -3.96 -13.48
CA LEU P 48 -9.07 -5.41 -13.51
C LEU P 48 -8.61 -5.96 -12.17
N TRP P 49 -9.13 -7.16 -11.82
CA TRP P 49 -8.72 -7.84 -10.59
C TRP P 49 -7.20 -7.91 -10.45
N LYS P 50 -6.50 -8.14 -11.56
CA LYS P 50 -5.05 -8.32 -11.47
C LYS P 50 -4.35 -7.06 -10.99
N ASP P 51 -4.98 -5.91 -11.10
CA ASP P 51 -4.40 -4.65 -10.66
C ASP P 51 -4.97 -4.16 -9.33
N ILE P 52 -5.67 -5.03 -8.59
CA ILE P 52 -6.29 -4.70 -7.30
C ILE P 52 -5.63 -5.56 -6.23
N SER P 53 -5.28 -4.94 -5.09
CA SER P 53 -4.70 -5.72 -4.01
C SER P 53 -5.21 -5.24 -2.65
N PRO P 54 -5.80 -6.13 -1.86
CA PRO P 54 -6.19 -5.77 -0.48
C PRO P 54 -5.03 -5.62 0.45
N ALA P 55 -3.84 -6.10 0.07
CA ALA P 55 -2.69 -6.13 0.98
C ALA P 55 -1.42 -5.80 0.20
N ALA P 56 -0.42 -5.29 0.92
CA ALA P 56 0.82 -4.95 0.25
C ALA P 56 2.00 -5.11 1.19
N LEU P 57 3.16 -5.32 0.59
CA LEU P 57 4.43 -5.39 1.30
CA LEU P 57 4.43 -5.39 1.30
C LEU P 57 5.11 -4.03 1.19
N PRO P 58 5.19 -3.24 2.25
CA PRO P 58 5.86 -1.94 2.15
C PRO P 58 7.27 -2.10 1.63
N GLY P 59 7.70 -1.13 0.82
CA GLY P 59 8.99 -1.23 0.19
C GLY P 59 9.42 0.09 -0.40
N GLU P 60 10.45 0.01 -1.25
CA GLU P 60 11.05 1.18 -1.89
C GLU P 60 10.85 1.12 -3.41
N ARG Q 2 -59.97 -43.39 -47.28
CA ARG Q 2 -58.97 -43.79 -48.26
C ARG Q 2 -57.55 -43.52 -47.74
N PRO Q 3 -56.59 -44.30 -48.22
CA PRO Q 3 -55.19 -44.02 -47.90
C PRO Q 3 -54.73 -42.70 -48.50
N ARG Q 4 -53.64 -42.17 -47.94
CA ARG Q 4 -53.07 -40.92 -48.42
C ARG Q 4 -52.42 -41.09 -49.79
N LEU Q 5 -51.91 -42.30 -50.07
CA LEU Q 5 -51.11 -42.61 -51.25
C LEU Q 5 -51.73 -43.79 -51.99
N TRP Q 6 -51.68 -43.79 -53.32
CA TRP Q 6 -52.28 -44.88 -54.08
C TRP Q 6 -51.65 -44.97 -55.45
N GLU Q 7 -51.81 -46.13 -56.09
CA GLU Q 7 -51.24 -46.37 -57.41
C GLU Q 7 -51.81 -45.37 -58.41
N GLY Q 8 -50.96 -44.90 -59.33
CA GLY Q 8 -51.36 -43.92 -60.30
C GLY Q 8 -51.27 -42.48 -59.85
N GLN Q 9 -51.09 -42.25 -58.55
CA GLN Q 9 -51.08 -40.90 -58.00
C GLN Q 9 -49.80 -40.16 -58.37
N ASP Q 10 -49.94 -38.91 -58.79
CA ASP Q 10 -48.77 -38.07 -59.02
C ASP Q 10 -48.33 -37.48 -57.69
N VAL Q 11 -47.02 -37.48 -57.46
CA VAL Q 11 -46.48 -37.12 -56.15
C VAL Q 11 -45.14 -36.44 -56.35
N LEU Q 12 -44.76 -35.60 -55.39
CA LEU Q 12 -43.39 -35.16 -55.26
C LEU Q 12 -42.66 -36.14 -54.35
N ALA Q 13 -41.43 -36.48 -54.71
CA ALA Q 13 -40.61 -37.37 -53.90
C ALA Q 13 -39.28 -36.71 -53.65
N ARG Q 14 -38.83 -36.73 -52.39
CA ARG Q 14 -37.53 -36.20 -52.04
C ARG Q 14 -36.46 -37.22 -52.41
N TRP Q 15 -35.47 -36.77 -53.15
CA TRP Q 15 -34.43 -37.62 -53.68
C TRP Q 15 -33.19 -37.51 -52.79
N THR Q 16 -32.24 -38.41 -53.02
CA THR Q 16 -31.02 -38.41 -52.22
C THR Q 16 -30.23 -37.11 -52.35
N ASP Q 17 -30.44 -36.32 -53.41
CA ASP Q 17 -29.75 -35.03 -53.50
C ASP Q 17 -30.48 -33.92 -52.78
N GLY Q 18 -31.55 -34.24 -52.05
CA GLY Q 18 -32.32 -33.24 -51.33
C GLY Q 18 -33.31 -32.47 -52.17
N LEU Q 19 -33.47 -32.79 -53.45
CA LEU Q 19 -34.43 -32.11 -54.32
C LEU Q 19 -35.73 -32.90 -54.44
N LEU Q 20 -36.79 -32.18 -54.79
CA LEU Q 20 -38.11 -32.78 -55.01
C LEU Q 20 -38.31 -33.02 -56.51
N TYR Q 21 -38.54 -34.27 -56.88
CA TYR Q 21 -38.84 -34.63 -58.26
C TYR Q 21 -40.28 -35.11 -58.36
N LEU Q 22 -40.88 -34.94 -59.54
CA LEU Q 22 -42.27 -35.35 -59.75
C LEU Q 22 -42.31 -36.75 -60.34
N GLY Q 23 -43.19 -37.58 -59.81
CA GLY Q 23 -43.26 -38.97 -60.21
C GLY Q 23 -44.67 -39.48 -60.03
N THR Q 24 -44.84 -40.77 -60.27
CA THR Q 24 -46.12 -41.42 -60.14
C THR Q 24 -45.92 -42.69 -59.34
N ILE Q 25 -46.84 -42.97 -58.43
CA ILE Q 25 -46.76 -44.16 -57.59
C ILE Q 25 -47.19 -45.37 -58.41
N LYS Q 26 -46.37 -46.41 -58.40
CA LYS Q 26 -46.70 -47.64 -59.10
C LYS Q 26 -47.12 -48.76 -58.15
N LYS Q 27 -46.63 -48.75 -56.92
CA LYS Q 27 -46.99 -49.74 -55.91
C LYS Q 27 -46.92 -49.09 -54.53
N VAL Q 28 -47.87 -49.45 -53.67
CA VAL Q 28 -47.91 -49.03 -52.28
C VAL Q 28 -47.69 -50.25 -51.39
N ASP Q 29 -46.73 -50.17 -50.48
CA ASP Q 29 -46.42 -51.25 -49.52
C ASP Q 29 -46.73 -50.72 -48.13
N SER Q 30 -47.92 -51.03 -47.61
CA SER Q 30 -48.32 -50.46 -46.31
CA SER Q 30 -48.31 -50.46 -46.31
C SER Q 30 -47.56 -51.09 -45.16
N ALA Q 31 -47.09 -52.32 -45.31
CA ALA Q 31 -46.32 -52.96 -44.24
C ALA Q 31 -45.01 -52.21 -43.98
N ARG Q 32 -44.26 -51.92 -45.04
CA ARG Q 32 -42.98 -51.24 -44.92
C ARG Q 32 -43.11 -49.73 -45.05
N GLU Q 33 -44.30 -49.23 -45.36
CA GLU Q 33 -44.53 -47.80 -45.57
C GLU Q 33 -43.53 -47.23 -46.58
N VAL Q 34 -43.43 -47.92 -47.72
CA VAL Q 34 -42.67 -47.44 -48.87
C VAL Q 34 -43.60 -47.49 -50.09
N CYS Q 35 -43.22 -46.73 -51.11
CA CYS Q 35 -43.88 -46.82 -52.42
C CYS Q 35 -42.83 -46.99 -53.50
N LEU Q 36 -43.18 -47.77 -54.52
CA LEU Q 36 -42.44 -47.74 -55.78
C LEU Q 36 -42.89 -46.51 -56.55
N VAL Q 37 -41.96 -45.59 -56.82
CA VAL Q 37 -42.25 -44.36 -57.55
C VAL Q 37 -41.50 -44.39 -58.88
N GLN Q 38 -42.21 -44.12 -59.97
CA GLN Q 38 -41.59 -44.01 -61.28
C GLN Q 38 -41.44 -42.53 -61.64
N PHE Q 39 -40.24 -42.15 -62.06
CA PHE Q 39 -39.92 -40.76 -62.34
C PHE Q 39 -39.90 -40.50 -63.86
N GLU Q 40 -39.76 -39.22 -64.21
CA GLU Q 40 -39.86 -38.78 -65.60
C GLU Q 40 -38.97 -39.59 -66.54
N ASP Q 41 -37.78 -39.94 -66.11
CA ASP Q 41 -36.84 -40.70 -66.93
C ASP Q 41 -37.14 -42.20 -66.94
N ASP Q 42 -38.29 -42.60 -66.38
CA ASP Q 42 -38.76 -43.98 -66.25
C ASP Q 42 -38.01 -44.80 -65.22
N SER Q 43 -37.04 -44.22 -64.50
CA SER Q 43 -36.44 -44.95 -63.40
C SER Q 43 -37.48 -45.17 -62.30
N GLN Q 44 -37.26 -46.22 -61.51
CA GLN Q 44 -38.19 -46.62 -60.44
C GLN Q 44 -37.39 -46.88 -59.18
N PHE Q 45 -37.86 -46.34 -58.06
CA PHE Q 45 -37.16 -46.54 -56.80
C PHE Q 45 -38.18 -46.62 -55.67
N LEU Q 46 -37.78 -47.29 -54.59
CA LEU Q 46 -38.60 -47.38 -53.40
C LEU Q 46 -38.32 -46.15 -52.54
N VAL Q 47 -39.38 -45.47 -52.12
CA VAL Q 47 -39.26 -44.23 -51.36
C VAL Q 47 -40.16 -44.32 -50.15
N LEU Q 48 -39.62 -44.01 -48.98
CA LEU Q 48 -40.42 -43.99 -47.76
C LEU Q 48 -41.60 -43.03 -47.88
N TRP Q 49 -42.70 -43.40 -47.24
CA TRP Q 49 -43.90 -42.55 -47.27
C TRP Q 49 -43.60 -41.14 -46.77
N LYS Q 50 -42.71 -41.02 -45.78
CA LYS Q 50 -42.42 -39.71 -45.23
C LYS Q 50 -41.81 -38.78 -46.27
N ASP Q 51 -41.22 -39.32 -47.34
CA ASP Q 51 -40.58 -38.47 -48.34
C ASP Q 51 -41.42 -38.32 -49.61
N ILE Q 52 -42.68 -38.74 -49.57
CA ILE Q 52 -43.61 -38.65 -50.69
C ILE Q 52 -44.72 -37.69 -50.31
N SER Q 53 -45.07 -36.78 -51.24
CA SER Q 53 -46.14 -35.84 -50.98
C SER Q 53 -47.03 -35.68 -52.21
N PRO Q 54 -48.34 -35.91 -52.10
CA PRO Q 54 -49.25 -35.63 -53.22
C PRO Q 54 -49.59 -34.17 -53.39
N ALA Q 55 -49.26 -33.30 -52.43
CA ALA Q 55 -49.56 -31.89 -52.56
C ALA Q 55 -48.39 -31.07 -52.03
N ALA Q 56 -48.36 -29.80 -52.43
CA ALA Q 56 -47.27 -28.92 -52.07
C ALA Q 56 -47.81 -27.52 -51.84
N LEU Q 57 -47.22 -26.84 -50.86
CA LEU Q 57 -47.47 -25.44 -50.63
C LEU Q 57 -46.32 -24.65 -51.23
N PRO Q 58 -46.53 -23.82 -52.26
CA PRO Q 58 -45.42 -23.03 -52.80
C PRO Q 58 -44.77 -22.16 -51.74
N GLY Q 59 -43.46 -21.96 -51.86
CA GLY Q 59 -42.73 -21.27 -50.81
C GLY Q 59 -41.35 -20.87 -51.28
N GLU Q 60 -40.68 -20.08 -50.44
CA GLU Q 60 -39.37 -19.53 -50.75
C GLU Q 60 -38.30 -20.27 -49.95
N GLU Q 61 -37.28 -20.76 -50.64
CA GLU Q 61 -36.19 -21.52 -50.03
C GLU Q 61 -35.27 -20.62 -49.21
N ARG R 2 -29.69 -10.96 -57.68
CA ARG R 2 -30.30 -11.73 -58.75
C ARG R 2 -31.81 -11.86 -58.55
N PRO R 3 -32.55 -12.01 -59.65
CA PRO R 3 -34.01 -12.19 -59.54
C PRO R 3 -34.39 -13.58 -59.05
N ARG R 4 -35.66 -13.68 -58.63
CA ARG R 4 -36.20 -14.92 -58.09
C ARG R 4 -36.33 -16.01 -59.17
N LEU R 5 -36.55 -15.61 -60.42
CA LEU R 5 -36.88 -16.51 -61.51
C LEU R 5 -35.93 -16.27 -62.69
N TRP R 6 -35.57 -17.33 -63.41
CA TRP R 6 -34.62 -17.18 -64.50
C TRP R 6 -34.79 -18.30 -65.52
N GLU R 7 -34.37 -18.03 -66.75
CA GLU R 7 -34.45 -19.02 -67.82
C GLU R 7 -33.66 -20.28 -67.46
N GLY R 8 -34.24 -21.45 -67.78
CA GLY R 8 -33.64 -22.72 -67.44
C GLY R 8 -33.98 -23.23 -66.06
N GLN R 9 -34.73 -22.48 -65.26
CA GLN R 9 -35.05 -22.87 -63.90
C GLN R 9 -36.26 -23.80 -63.89
N ASP R 10 -36.18 -24.87 -63.11
CA ASP R 10 -37.34 -25.74 -62.90
C ASP R 10 -38.24 -25.14 -61.84
N VAL R 11 -39.55 -25.17 -62.10
CA VAL R 11 -40.53 -24.49 -61.27
C VAL R 11 -41.80 -25.32 -61.23
N LEU R 12 -42.56 -25.17 -60.14
CA LEU R 12 -43.96 -25.54 -60.15
C LEU R 12 -44.78 -24.34 -60.63
N ALA R 13 -45.78 -24.60 -61.46
CA ALA R 13 -46.67 -23.57 -61.97
C ALA R 13 -48.10 -23.99 -61.76
N ARG R 14 -48.93 -23.08 -61.23
CA ARG R 14 -50.34 -23.38 -61.01
C ARG R 14 -51.08 -23.24 -62.34
N TRP R 15 -51.83 -24.27 -62.71
CA TRP R 15 -52.55 -24.31 -63.97
C TRP R 15 -54.02 -23.89 -63.77
N THR R 16 -54.76 -23.74 -64.88
CA THR R 16 -56.15 -23.30 -64.78
C THR R 16 -57.06 -24.32 -64.09
N ASP R 17 -56.63 -25.56 -63.98
CA ASP R 17 -57.42 -26.56 -63.27
C ASP R 17 -57.11 -26.59 -61.79
N GLY R 18 -56.32 -25.63 -61.30
CA GLY R 18 -55.99 -25.54 -59.89
C GLY R 18 -54.82 -26.41 -59.44
N LEU R 19 -54.22 -27.19 -60.33
CA LEU R 19 -53.17 -28.12 -59.94
C LEU R 19 -51.79 -27.55 -60.28
N LEU R 20 -50.77 -28.06 -59.57
CA LEU R 20 -49.39 -27.63 -59.79
C LEU R 20 -48.71 -28.60 -60.73
N TYR R 21 -48.12 -28.07 -61.80
CA TYR R 21 -47.37 -28.86 -62.76
C TYR R 21 -45.92 -28.41 -62.76
N LEU R 22 -45.02 -29.32 -63.09
CA LEU R 22 -43.58 -29.05 -63.07
C LEU R 22 -43.14 -28.66 -64.47
N GLY R 23 -42.54 -27.48 -64.60
CA GLY R 23 -42.05 -27.05 -65.89
C GLY R 23 -40.70 -26.37 -65.79
N THR R 24 -40.29 -25.73 -66.88
CA THR R 24 -39.02 -25.02 -66.96
C THR R 24 -39.27 -23.64 -67.55
N ILE R 25 -38.71 -22.61 -66.92
CA ILE R 25 -38.83 -21.25 -67.42
C ILE R 25 -38.04 -21.11 -68.71
N LYS R 26 -38.69 -20.60 -69.75
CA LYS R 26 -38.04 -20.34 -71.03
C LYS R 26 -37.79 -18.87 -71.30
N LYS R 27 -38.62 -17.97 -70.77
CA LYS R 27 -38.44 -16.54 -70.92
C LYS R 27 -39.04 -15.83 -69.71
N VAL R 28 -38.40 -14.74 -69.31
CA VAL R 28 -38.86 -13.91 -68.19
C VAL R 28 -39.22 -12.54 -68.73
N ASP R 29 -40.43 -12.07 -68.43
CA ASP R 29 -40.92 -10.76 -68.85
C ASP R 29 -41.17 -9.95 -67.59
N SER R 30 -40.23 -9.07 -67.24
CA SER R 30 -40.33 -8.31 -66.01
CA SER R 30 -40.33 -8.31 -66.01
C SER R 30 -41.35 -7.18 -66.09
N ALA R 31 -41.66 -6.69 -67.28
CA ALA R 31 -42.67 -5.65 -67.42
C ALA R 31 -44.05 -6.19 -67.08
N ARG R 32 -44.45 -7.30 -67.70
CA ARG R 32 -45.73 -7.94 -67.42
C ARG R 32 -45.70 -8.85 -66.20
N GLU R 33 -44.51 -9.14 -65.66
CA GLU R 33 -44.35 -10.09 -64.56
C GLU R 33 -45.02 -11.43 -64.89
N VAL R 34 -44.69 -11.95 -66.07
CA VAL R 34 -45.06 -13.28 -66.50
C VAL R 34 -43.79 -13.99 -66.94
N CYS R 35 -43.83 -15.32 -66.93
CA CYS R 35 -42.83 -16.14 -67.57
C CYS R 35 -43.48 -17.02 -68.62
N LEU R 36 -42.72 -17.30 -69.68
CA LEU R 36 -43.07 -18.38 -70.57
C LEU R 36 -42.54 -19.67 -69.96
N VAL R 37 -43.44 -20.58 -69.64
CA VAL R 37 -43.09 -21.84 -68.97
C VAL R 37 -43.32 -22.99 -69.95
N GLN R 38 -42.33 -23.88 -70.06
CA GLN R 38 -42.47 -25.09 -70.87
C GLN R 38 -42.69 -26.29 -69.94
N PHE R 39 -43.70 -27.09 -70.26
CA PHE R 39 -44.14 -28.18 -69.42
C PHE R 39 -43.62 -29.50 -69.98
N GLU R 40 -43.96 -30.60 -69.32
CA GLU R 40 -43.38 -31.88 -69.66
C GLU R 40 -43.78 -32.33 -71.05
N ASP R 41 -44.98 -31.98 -71.49
CA ASP R 41 -45.45 -32.34 -72.83
C ASP R 41 -44.95 -31.37 -73.90
N ASP R 42 -44.02 -30.49 -73.57
CA ASP R 42 -43.40 -29.50 -74.45
C ASP R 42 -44.33 -28.32 -74.77
N SER R 43 -45.54 -28.30 -74.23
CA SER R 43 -46.38 -27.12 -74.39
C SER R 43 -45.74 -25.95 -73.62
N GLN R 44 -46.04 -24.73 -74.07
CA GLN R 44 -45.49 -23.52 -73.49
C GLN R 44 -46.61 -22.51 -73.29
N PHE R 45 -46.71 -21.95 -72.09
CA PHE R 45 -47.75 -20.97 -71.79
C PHE R 45 -47.18 -19.85 -70.94
N LEU R 46 -47.81 -18.69 -71.03
CA LEU R 46 -47.44 -17.56 -70.20
C LEU R 46 -48.16 -17.68 -68.86
N VAL R 47 -47.38 -17.59 -67.78
CA VAL R 47 -47.89 -17.75 -66.42
C VAL R 47 -47.39 -16.58 -65.59
N LEU R 48 -48.28 -16.01 -64.78
CA LEU R 48 -47.92 -14.92 -63.89
C LEU R 48 -46.92 -15.38 -62.84
N TRP R 49 -45.98 -14.48 -62.49
CA TRP R 49 -44.97 -14.79 -61.48
C TRP R 49 -45.59 -15.30 -60.19
N LYS R 50 -46.73 -14.74 -59.80
CA LYS R 50 -47.37 -15.12 -58.54
C LYS R 50 -47.77 -16.59 -58.53
N ASP R 51 -47.93 -17.20 -59.70
CA ASP R 51 -48.30 -18.60 -59.80
C ASP R 51 -47.12 -19.52 -60.08
N ILE R 52 -45.88 -19.01 -59.95
CA ILE R 52 -44.68 -19.78 -60.25
C ILE R 52 -43.83 -19.87 -58.99
N SER R 53 -43.37 -21.09 -58.66
CA SER R 53 -42.53 -21.29 -57.48
C SER R 53 -41.38 -22.23 -57.81
N PRO R 54 -40.13 -21.81 -57.61
CA PRO R 54 -39.02 -22.77 -57.71
C PRO R 54 -38.91 -23.72 -56.54
N ALA R 55 -39.64 -23.48 -55.45
CA ALA R 55 -39.49 -24.30 -54.25
C ALA R 55 -40.87 -24.58 -53.66
N ALA R 56 -40.94 -25.67 -52.89
CA ALA R 56 -42.23 -26.07 -52.35
C ALA R 56 -42.08 -26.74 -51.00
N LEU R 57 -43.09 -26.55 -50.16
CA LEU R 57 -43.19 -27.24 -48.89
CA LEU R 57 -43.21 -27.23 -48.88
C LEU R 57 -44.15 -28.42 -49.05
N PRO R 58 -43.67 -29.64 -49.05
CA PRO R 58 -44.59 -30.79 -49.16
C PRO R 58 -45.60 -30.75 -48.03
N GLY R 59 -46.85 -31.06 -48.36
CA GLY R 59 -47.89 -30.80 -47.39
C GLY R 59 -49.13 -31.62 -47.61
N GLU R 60 -50.08 -31.45 -46.68
CA GLU R 60 -51.37 -32.12 -46.74
C GLU R 60 -52.40 -31.12 -47.26
N GLU R 61 -53.20 -31.55 -48.23
CA GLU R 61 -54.20 -30.69 -48.87
C GLU R 61 -55.23 -30.18 -47.86
N ARG S 2 13.73 11.98 -32.76
CA ARG S 2 12.36 12.43 -33.01
C ARG S 2 11.40 11.52 -32.23
N PRO S 3 10.61 12.11 -31.34
CA PRO S 3 9.82 11.30 -30.40
C PRO S 3 8.73 10.50 -31.12
N ARG S 4 8.39 9.36 -30.50
CA ARG S 4 7.34 8.48 -31.01
C ARG S 4 5.95 9.04 -30.76
N LEU S 5 5.79 9.83 -29.70
CA LEU S 5 4.52 10.39 -29.29
C LEU S 5 4.63 11.91 -29.26
N TRP S 6 3.56 12.61 -29.66
CA TRP S 6 3.63 14.06 -29.70
C TRP S 6 2.25 14.67 -29.55
N GLU S 7 2.22 15.92 -29.11
CA GLU S 7 0.97 16.63 -28.89
C GLU S 7 0.14 16.66 -30.16
N GLY S 8 -1.14 16.30 -30.03
CA GLY S 8 -2.05 16.33 -31.14
C GLY S 8 -2.18 15.00 -31.87
N GLN S 9 -1.33 14.04 -31.53
CA GLN S 9 -1.34 12.74 -32.17
C GLN S 9 -2.52 11.91 -31.68
N ASP S 10 -3.15 11.17 -32.59
CA ASP S 10 -4.19 10.23 -32.20
C ASP S 10 -3.58 8.87 -31.87
N VAL S 11 -4.07 8.24 -30.81
CA VAL S 11 -3.43 7.06 -30.26
C VAL S 11 -4.50 6.13 -29.69
N LEU S 12 -4.13 4.86 -29.52
CA LEU S 12 -4.88 3.96 -28.64
C LEU S 12 -4.19 3.94 -27.28
N ALA S 13 -4.99 3.91 -26.21
CA ALA S 13 -4.45 3.90 -24.87
C ALA S 13 -5.15 2.83 -24.07
N ARG S 14 -4.38 2.01 -23.36
CA ARG S 14 -4.95 0.95 -22.54
C ARG S 14 -5.48 1.53 -21.23
N TRP S 15 -6.73 1.21 -20.91
CA TRP S 15 -7.40 1.72 -19.72
C TRP S 15 -7.31 0.69 -18.58
N THR S 16 -7.70 1.11 -17.37
CA THR S 16 -7.62 0.20 -16.22
C THR S 16 -8.56 -0.99 -16.34
N ASP S 17 -9.53 -0.94 -17.24
CA ASP S 17 -10.39 -2.09 -17.48
C ASP S 17 -9.80 -3.07 -18.49
N GLY S 18 -8.58 -2.81 -18.95
CA GLY S 18 -7.91 -3.69 -19.88
C GLY S 18 -8.23 -3.45 -21.33
N LEU S 19 -9.11 -2.50 -21.66
CA LEU S 19 -9.51 -2.25 -23.03
C LEU S 19 -8.74 -1.07 -23.61
N LEU S 20 -8.66 -1.04 -24.95
CA LEU S 20 -8.02 0.06 -25.66
C LEU S 20 -9.07 1.09 -26.06
N TYR S 21 -8.83 2.36 -25.73
CA TYR S 21 -9.71 3.45 -26.14
C TYR S 21 -8.95 4.41 -27.04
N LEU S 22 -9.69 5.13 -27.89
CA LEU S 22 -9.05 6.06 -28.80
C LEU S 22 -8.96 7.42 -28.14
N GLY S 23 -7.81 8.09 -28.29
CA GLY S 23 -7.61 9.36 -27.65
C GLY S 23 -6.67 10.25 -28.45
N THR S 24 -6.40 11.43 -27.88
CA THR S 24 -5.47 12.40 -28.47
C THR S 24 -4.50 12.85 -27.40
N ILE S 25 -3.21 12.92 -27.77
CA ILE S 25 -2.18 13.34 -26.82
C ILE S 25 -2.25 14.85 -26.63
N LYS S 26 -2.29 15.29 -25.37
CA LYS S 26 -2.31 16.71 -25.06
C LYS S 26 -0.99 17.24 -24.52
N LYS S 27 -0.23 16.41 -23.83
CA LYS S 27 1.04 16.79 -23.21
C LYS S 27 1.89 15.54 -23.13
N VAL S 28 3.20 15.71 -23.32
CA VAL S 28 4.15 14.61 -23.28
C VAL S 28 5.17 14.93 -22.19
N ASP S 29 5.33 14.02 -21.23
CA ASP S 29 6.25 14.19 -20.10
C ASP S 29 7.36 13.15 -20.24
N SER S 30 8.52 13.58 -20.76
CA SER S 30 9.62 12.66 -21.00
CA SER S 30 9.62 12.66 -21.00
C SER S 30 10.31 12.20 -19.72
N ALA S 31 10.21 12.98 -18.65
CA ALA S 31 10.87 12.61 -17.40
C ALA S 31 10.16 11.44 -16.72
N ARG S 32 8.84 11.49 -16.65
CA ARG S 32 8.04 10.41 -16.09
C ARG S 32 7.56 9.42 -17.12
N GLU S 33 7.77 9.70 -18.41
CA GLU S 33 7.34 8.83 -19.51
C GLU S 33 5.85 8.53 -19.42
N VAL S 34 5.08 9.61 -19.30
CA VAL S 34 3.63 9.57 -19.38
C VAL S 34 3.20 10.65 -20.36
N CYS S 35 1.99 10.48 -20.91
CA CYS S 35 1.31 11.53 -21.63
C CYS S 35 -0.03 11.80 -20.98
N LEU S 36 -0.46 13.07 -21.05
CA LEU S 36 -1.84 13.43 -20.80
C LEU S 36 -2.64 13.10 -22.06
N VAL S 37 -3.60 12.18 -21.95
CA VAL S 37 -4.41 11.75 -23.08
C VAL S 37 -5.83 12.24 -22.85
N GLN S 38 -6.43 12.86 -23.87
CA GLN S 38 -7.83 13.24 -23.82
C GLN S 38 -8.65 12.22 -24.61
N PHE S 39 -9.73 11.74 -23.99
CA PHE S 39 -10.52 10.66 -24.57
C PHE S 39 -11.77 11.24 -25.21
N GLU S 40 -12.58 10.38 -25.82
CA GLU S 40 -13.71 10.89 -26.60
C GLU S 40 -14.77 11.52 -25.73
N ASP S 41 -14.82 11.19 -24.43
CA ASP S 41 -15.74 11.86 -23.53
C ASP S 41 -15.14 13.15 -22.97
N ASP S 42 -14.01 13.59 -23.50
CA ASP S 42 -13.24 14.78 -23.12
C ASP S 42 -12.56 14.63 -21.77
N SER S 43 -12.63 13.47 -21.13
CA SER S 43 -11.86 13.24 -19.93
C SER S 43 -10.37 13.20 -20.29
N GLN S 44 -9.53 13.59 -19.33
CA GLN S 44 -8.09 13.61 -19.53
C GLN S 44 -7.41 12.83 -18.42
N PHE S 45 -6.52 11.90 -18.78
CA PHE S 45 -5.81 11.13 -17.77
C PHE S 45 -4.36 10.94 -18.18
N LEU S 46 -3.50 10.77 -17.18
CA LEU S 46 -2.09 10.50 -17.42
C LEU S 46 -1.89 9.00 -17.65
N VAL S 47 -1.26 8.67 -18.77
CA VAL S 47 -1.09 7.28 -19.20
C VAL S 47 0.38 7.05 -19.50
N LEU S 48 0.93 5.96 -18.97
CA LEU S 48 2.31 5.57 -19.25
C LEU S 48 2.54 5.33 -20.74
N TRP S 49 3.73 5.72 -21.21
CA TRP S 49 4.06 5.55 -22.63
C TRP S 49 3.88 4.10 -23.08
N LYS S 50 4.19 3.14 -22.21
CA LYS S 50 4.10 1.74 -22.61
C LYS S 50 2.68 1.34 -22.98
N ASP S 51 1.68 2.05 -22.46
CA ASP S 51 0.29 1.75 -22.73
C ASP S 51 -0.33 2.65 -23.79
N ILE S 52 0.48 3.37 -24.57
CA ILE S 52 0.03 4.25 -25.63
C ILE S 52 0.63 3.78 -26.94
N SER S 53 -0.20 3.64 -27.97
CA SER S 53 0.35 3.26 -29.27
C SER S 53 -0.34 4.06 -30.37
N PRO S 54 0.43 4.64 -31.30
CA PRO S 54 -0.18 5.31 -32.45
C PRO S 54 -0.61 4.35 -33.56
N ALA S 55 -0.34 3.05 -33.40
CA ALA S 55 -0.64 2.08 -34.44
C ALA S 55 -1.06 0.77 -33.80
N ALA S 56 -1.72 -0.07 -34.59
CA ALA S 56 -2.26 -1.32 -34.09
C ALA S 56 -2.27 -2.37 -35.19
N LEU S 57 -2.01 -3.61 -34.80
CA LEU S 57 -2.11 -4.75 -35.69
C LEU S 57 -3.40 -5.48 -35.38
N PRO S 58 -4.37 -5.50 -36.28
CA PRO S 58 -5.61 -6.27 -36.03
C PRO S 58 -5.28 -7.70 -35.67
N GLY S 59 -6.06 -8.27 -34.74
CA GLY S 59 -5.83 -9.62 -34.27
C GLY S 59 -6.99 -10.13 -33.45
N GLU S 60 -6.92 -11.40 -33.09
CA GLU S 60 -7.97 -12.06 -32.32
C GLU S 60 -7.56 -12.14 -30.86
N GLU S 61 -8.47 -11.78 -29.96
CA GLU S 61 -8.19 -11.73 -28.53
C GLU S 61 -8.17 -13.12 -27.91
N ARG T 2 -20.96 -18.69 -30.51
CA ARG T 2 -21.20 -17.28 -30.80
C ARG T 2 -20.28 -16.79 -31.92
N PRO T 3 -20.82 -15.95 -32.81
CA PRO T 3 -20.04 -15.49 -33.97
C PRO T 3 -19.03 -14.43 -33.58
N ARG T 4 -18.16 -14.08 -34.54
CA ARG T 4 -17.07 -13.18 -34.23
C ARG T 4 -17.55 -11.74 -34.09
N LEU T 5 -18.55 -11.34 -34.88
CA LEU T 5 -19.05 -9.97 -34.93
C LEU T 5 -20.54 -9.95 -34.64
N TRP T 6 -21.01 -8.84 -34.08
CA TRP T 6 -22.40 -8.71 -33.68
C TRP T 6 -22.75 -7.22 -33.55
N GLU T 7 -24.05 -6.95 -33.56
CA GLU T 7 -24.50 -5.57 -33.45
C GLU T 7 -24.15 -4.98 -32.09
N GLY T 8 -23.76 -3.71 -32.10
CA GLY T 8 -23.36 -3.00 -30.90
C GLY T 8 -21.90 -3.16 -30.53
N GLN T 9 -21.15 -4.00 -31.24
CA GLN T 9 -19.76 -4.29 -30.91
C GLN T 9 -18.85 -3.16 -31.38
N ASP T 10 -17.89 -2.78 -30.54
CA ASP T 10 -16.89 -1.79 -30.93
C ASP T 10 -15.76 -2.49 -31.66
N VAL T 11 -15.27 -1.86 -32.74
CA VAL T 11 -14.32 -2.51 -33.65
C VAL T 11 -13.40 -1.46 -34.27
N LEU T 12 -12.23 -1.91 -34.71
CA LEU T 12 -11.44 -1.16 -35.66
C LEU T 12 -11.83 -1.58 -37.06
N ALA T 13 -11.98 -0.62 -37.96
CA ALA T 13 -12.27 -0.90 -39.35
C ALA T 13 -11.22 -0.22 -40.21
N ARG T 14 -10.64 -0.96 -41.16
CA ARG T 14 -9.72 -0.38 -42.12
C ARG T 14 -10.50 0.38 -43.18
N TRP T 15 -10.15 1.66 -43.36
CA TRP T 15 -10.82 2.52 -44.32
C TRP T 15 -10.07 2.49 -45.66
N THR T 16 -10.59 3.18 -46.68
CA THR T 16 -9.92 3.15 -47.97
C THR T 16 -8.62 3.95 -47.98
N ASP T 17 -8.40 4.84 -47.01
CA ASP T 17 -7.11 5.53 -46.87
C ASP T 17 -6.05 4.63 -46.23
N GLY T 18 -6.37 3.39 -45.93
CA GLY T 18 -5.42 2.48 -45.33
C GLY T 18 -5.32 2.56 -43.83
N LEU T 19 -5.96 3.54 -43.19
CA LEU T 19 -5.84 3.73 -41.75
C LEU T 19 -7.00 3.06 -41.00
N LEU T 20 -6.80 2.84 -39.70
CA LEU T 20 -7.79 2.15 -38.87
C LEU T 20 -8.58 3.20 -38.08
N TYR T 21 -9.90 3.09 -38.12
CA TYR T 21 -10.81 3.98 -37.42
C TYR T 21 -11.68 3.17 -36.46
N LEU T 22 -12.09 3.80 -35.37
CA LEU T 22 -12.85 3.10 -34.35
C LEU T 22 -14.33 3.29 -34.63
N GLY T 23 -15.07 2.19 -34.62
CA GLY T 23 -16.49 2.29 -34.96
C GLY T 23 -17.32 1.28 -34.18
N THR T 24 -18.60 1.18 -34.54
CA THR T 24 -19.51 0.26 -33.87
C THR T 24 -20.34 -0.45 -34.92
N ILE T 25 -20.50 -1.76 -34.79
CA ILE T 25 -21.25 -2.53 -35.78
C ILE T 25 -22.73 -2.24 -35.62
N LYS T 26 -23.39 -1.87 -36.72
CA LYS T 26 -24.83 -1.62 -36.72
C LYS T 26 -25.63 -2.77 -37.34
N LYS T 27 -25.14 -3.38 -38.40
CA LYS T 27 -25.78 -4.52 -39.02
C LYS T 27 -24.72 -5.50 -39.46
N VAL T 28 -24.99 -6.79 -39.26
CA VAL T 28 -24.13 -7.87 -39.74
C VAL T 28 -24.87 -8.58 -40.87
N ASP T 29 -24.22 -8.68 -42.03
CA ASP T 29 -24.74 -9.41 -43.20
C ASP T 29 -23.85 -10.63 -43.37
N SER T 30 -24.37 -11.80 -42.95
CA SER T 30 -23.57 -13.03 -43.01
CA SER T 30 -23.59 -13.04 -43.00
C SER T 30 -23.52 -13.62 -44.41
N ALA T 31 -24.50 -13.33 -45.26
CA ALA T 31 -24.45 -13.85 -46.62
C ALA T 31 -23.33 -13.20 -47.42
N ARG T 32 -23.14 -11.90 -47.27
CA ARG T 32 -22.09 -11.18 -47.99
C ARG T 32 -20.81 -11.02 -47.18
N GLU T 33 -20.83 -11.34 -45.89
CA GLU T 33 -19.68 -11.11 -45.02
C GLU T 33 -19.26 -9.64 -45.06
N VAL T 34 -20.25 -8.76 -44.84
CA VAL T 34 -20.03 -7.33 -44.69
C VAL T 34 -20.72 -6.90 -43.41
N CYS T 35 -20.29 -5.76 -42.89
CA CYS T 35 -20.99 -5.12 -41.78
C CYS T 35 -21.24 -3.67 -42.10
N LEU T 36 -22.35 -3.16 -41.57
CA LEU T 36 -22.60 -1.73 -41.53
C LEU T 36 -21.94 -1.18 -40.27
N VAL T 37 -20.96 -0.30 -40.44
CA VAL T 37 -20.16 0.20 -39.33
C VAL T 37 -20.43 1.69 -39.18
N GLN T 38 -20.79 2.11 -37.98
CA GLN T 38 -20.97 3.52 -37.69
C GLN T 38 -19.73 4.05 -36.99
N PHE T 39 -19.21 5.16 -37.47
CA PHE T 39 -17.97 5.74 -36.99
C PHE T 39 -18.25 6.91 -36.05
N GLU T 40 -17.17 7.48 -35.52
CA GLU T 40 -17.30 8.47 -34.45
C GLU T 40 -17.99 9.74 -34.94
N ASP T 41 -17.98 10.02 -36.24
CA ASP T 41 -18.73 11.15 -36.79
C ASP T 41 -20.14 10.75 -37.25
N ASP T 42 -20.63 9.60 -36.82
CA ASP T 42 -21.96 9.06 -37.11
C ASP T 42 -22.15 8.60 -38.55
N SER T 43 -21.17 8.79 -39.44
CA SER T 43 -21.26 8.21 -40.77
C SER T 43 -21.31 6.69 -40.66
N GLN T 44 -21.93 6.07 -41.66
CA GLN T 44 -22.10 4.63 -41.70
C GLN T 44 -21.71 4.12 -43.08
N PHE T 45 -20.96 3.02 -43.11
CA PHE T 45 -20.50 2.42 -44.36
C PHE T 45 -20.42 0.91 -44.18
N LEU T 46 -20.57 0.21 -45.29
CA LEU T 46 -20.39 -1.24 -45.31
C LEU T 46 -18.91 -1.56 -45.42
N VAL T 47 -18.43 -2.44 -44.55
CA VAL T 47 -17.03 -2.86 -44.51
C VAL T 47 -17.01 -4.38 -44.52
N LEU T 48 -16.15 -4.97 -45.35
CA LEU T 48 -15.99 -6.41 -45.38
C LEU T 48 -15.50 -6.92 -44.02
N TRP T 49 -15.95 -8.13 -43.66
CA TRP T 49 -15.50 -8.74 -42.41
C TRP T 49 -13.97 -8.73 -42.31
N LYS T 50 -13.28 -9.01 -43.42
CA LYS T 50 -11.83 -9.14 -43.37
C LYS T 50 -11.15 -7.85 -42.92
N ASP T 51 -11.84 -6.72 -43.00
CA ASP T 51 -11.26 -5.45 -42.63
C ASP T 51 -11.79 -4.93 -41.29
N ILE T 52 -12.47 -5.77 -40.52
CA ILE T 52 -13.04 -5.42 -39.22
C ILE T 52 -12.39 -6.29 -38.17
N SER T 53 -12.04 -5.69 -37.03
CA SER T 53 -11.44 -6.47 -35.95
CA SER T 53 -11.41 -6.46 -35.95
C SER T 53 -11.89 -5.93 -34.60
N PRO T 54 -12.43 -6.79 -33.74
CA PRO T 54 -12.79 -6.36 -32.38
C PRO T 54 -11.59 -6.10 -31.49
N ALA T 55 -10.41 -6.60 -31.86
CA ALA T 55 -9.24 -6.54 -30.99
C ALA T 55 -8.02 -6.18 -31.81
N ALA T 56 -6.98 -5.66 -31.14
CA ALA T 56 -5.76 -5.36 -31.86
C ALA T 56 -4.57 -5.43 -30.91
N LEU T 57 -3.39 -5.54 -31.50
CA LEU T 57 -2.16 -5.55 -30.75
C LEU T 57 -1.50 -4.18 -30.91
N PRO T 58 -1.38 -3.39 -29.86
CA PRO T 58 -0.73 -2.08 -30.00
C PRO T 58 0.69 -2.26 -30.52
N GLY T 59 1.09 -1.36 -31.42
CA GLY T 59 2.36 -1.54 -32.09
C GLY T 59 2.86 -0.25 -32.68
N GLU T 60 3.94 -0.37 -33.44
CA GLU T 60 4.52 0.76 -34.16
C GLU T 60 4.40 0.53 -35.67
N GLU T 61 4.04 1.58 -36.39
N ARG U 2 -53.17 -39.90 -14.66
CA ARG U 2 -52.18 -40.33 -15.63
C ARG U 2 -50.77 -40.23 -15.05
N PRO U 3 -49.84 -41.02 -15.58
CA PRO U 3 -48.44 -40.86 -15.20
C PRO U 3 -47.88 -39.56 -15.76
N ARG U 4 -46.74 -39.17 -15.19
CA ARG U 4 -46.05 -37.98 -15.68
C ARG U 4 -45.53 -38.21 -17.09
N LEU U 5 -45.08 -39.42 -17.37
CA LEU U 5 -44.45 -39.80 -18.63
C LEU U 5 -45.23 -40.92 -19.29
N TRP U 6 -45.23 -40.94 -20.63
CA TRP U 6 -45.91 -41.98 -21.38
C TRP U 6 -45.30 -42.11 -22.77
N GLU U 7 -45.51 -43.26 -23.39
CA GLU U 7 -45.02 -43.48 -24.74
C GLU U 7 -45.61 -42.46 -25.71
N GLY U 8 -44.79 -42.08 -26.70
CA GLY U 8 -45.17 -41.07 -27.65
C GLY U 8 -44.98 -39.64 -27.20
N GLN U 9 -44.75 -39.43 -25.91
CA GLN U 9 -44.63 -38.07 -25.37
C GLN U 9 -43.31 -37.43 -25.81
N ASP U 10 -43.37 -36.15 -26.17
CA ASP U 10 -42.18 -35.37 -26.47
C ASP U 10 -41.63 -34.77 -25.19
N VAL U 11 -40.32 -34.88 -24.96
CA VAL U 11 -39.71 -34.42 -23.72
C VAL U 11 -38.33 -33.83 -24.00
N LEU U 12 -37.88 -33.02 -23.05
CA LEU U 12 -36.46 -32.68 -22.93
C LEU U 12 -35.78 -33.70 -22.04
N ALA U 13 -34.56 -34.09 -22.41
CA ALA U 13 -33.80 -35.08 -21.66
C ALA U 13 -32.37 -34.57 -21.48
N ARG U 14 -31.93 -34.50 -20.23
CA ARG U 14 -30.54 -34.13 -19.96
C ARG U 14 -29.60 -35.23 -20.41
N TRP U 15 -28.60 -34.87 -21.21
CA TRP U 15 -27.66 -35.82 -21.76
C TRP U 15 -26.41 -35.90 -20.89
N THR U 16 -25.51 -36.82 -21.25
CA THR U 16 -24.26 -36.95 -20.51
C THR U 16 -23.41 -35.68 -20.62
N ASP U 17 -23.55 -34.94 -21.72
CA ASP U 17 -22.81 -33.69 -21.87
C ASP U 17 -23.39 -32.54 -21.05
N GLY U 18 -24.52 -32.77 -20.38
CA GLY U 18 -25.13 -31.75 -19.55
C GLY U 18 -26.10 -30.84 -20.26
N LEU U 19 -26.38 -31.08 -21.54
CA LEU U 19 -27.30 -30.26 -22.32
C LEU U 19 -28.66 -30.94 -22.44
N LEU U 20 -29.69 -30.12 -22.64
CA LEU U 20 -31.05 -30.62 -22.85
C LEU U 20 -31.29 -30.85 -24.34
N TYR U 21 -31.63 -32.08 -24.70
CA TYR U 21 -32.01 -32.43 -26.06
C TYR U 21 -33.48 -32.80 -26.09
N LEU U 22 -34.07 -32.72 -27.28
CA LEU U 22 -35.49 -33.00 -27.45
C LEU U 22 -35.66 -34.39 -28.05
N GLY U 23 -36.54 -35.18 -27.45
CA GLY U 23 -36.78 -36.53 -27.92
C GLY U 23 -38.21 -36.95 -27.65
N THR U 24 -38.51 -38.19 -27.98
CA THR U 24 -39.83 -38.78 -27.75
C THR U 24 -39.67 -40.08 -26.99
N ILE U 25 -40.51 -40.27 -25.97
CA ILE U 25 -40.46 -41.51 -25.18
C ILE U 25 -40.96 -42.67 -26.02
N LYS U 26 -40.17 -43.73 -26.06
CA LYS U 26 -40.56 -44.95 -26.76
C LYS U 26 -40.99 -46.07 -25.82
N LYS U 27 -40.40 -46.15 -24.62
CA LYS U 27 -40.77 -47.15 -23.63
C LYS U 27 -40.63 -46.54 -22.24
N VAL U 28 -41.57 -46.89 -21.35
CA VAL U 28 -41.52 -46.47 -19.96
C VAL U 28 -41.28 -47.71 -19.10
N ASP U 29 -40.44 -47.55 -18.08
CA ASP U 29 -40.07 -48.64 -17.16
C ASP U 29 -40.21 -48.08 -15.74
N SER U 30 -41.40 -48.22 -15.16
CA SER U 30 -41.63 -47.69 -13.82
C SER U 30 -40.96 -48.51 -12.74
N ALA U 31 -40.59 -49.77 -13.04
CA ALA U 31 -39.82 -50.55 -12.08
C ALA U 31 -38.47 -49.91 -11.82
N ARG U 32 -37.69 -49.68 -12.88
CA ARG U 32 -36.40 -49.04 -12.76
C ARG U 32 -36.48 -47.51 -12.82
N GLU U 33 -37.64 -46.95 -13.18
CA GLU U 33 -37.83 -45.51 -13.30
C GLU U 33 -36.89 -44.91 -14.35
N VAL U 34 -36.92 -45.50 -15.55
CA VAL U 34 -36.19 -45.01 -16.71
C VAL U 34 -37.11 -45.11 -17.92
N CYS U 35 -36.74 -44.40 -18.98
CA CYS U 35 -37.43 -44.47 -20.25
C CYS U 35 -36.43 -44.65 -21.38
N LEU U 36 -36.85 -45.37 -22.41
CA LEU U 36 -36.13 -45.40 -23.67
C LEU U 36 -36.56 -44.19 -24.48
N VAL U 37 -35.66 -43.22 -24.67
CA VAL U 37 -35.96 -41.97 -25.34
C VAL U 37 -35.32 -41.99 -26.73
N GLN U 38 -36.13 -41.71 -27.75
CA GLN U 38 -35.65 -41.61 -29.13
C GLN U 38 -35.46 -40.14 -29.49
N PHE U 39 -34.27 -39.80 -29.96
CA PHE U 39 -33.91 -38.41 -30.22
C PHE U 39 -34.08 -38.08 -31.70
N GLU U 40 -33.67 -36.87 -32.08
CA GLU U 40 -33.93 -36.38 -33.43
C GLU U 40 -33.13 -37.16 -34.48
N ASP U 41 -31.92 -37.61 -34.13
CA ASP U 41 -31.10 -38.41 -35.03
C ASP U 41 -31.47 -39.89 -35.01
N ASP U 42 -32.63 -40.25 -34.44
CA ASP U 42 -33.19 -41.60 -34.36
C ASP U 42 -32.46 -42.51 -33.36
N SER U 43 -31.46 -42.02 -32.64
CA SER U 43 -30.84 -42.87 -31.63
C SER U 43 -31.78 -43.06 -30.44
N GLN U 44 -31.50 -44.09 -29.64
CA GLN U 44 -32.36 -44.46 -28.52
C GLN U 44 -31.51 -44.83 -27.31
N PHE U 45 -31.81 -44.22 -26.16
CA PHE U 45 -31.03 -44.46 -24.94
C PHE U 45 -31.97 -44.43 -23.74
N LEU U 46 -31.60 -45.19 -22.71
CA LEU U 46 -32.35 -45.19 -21.47
C LEU U 46 -31.96 -43.98 -20.62
N VAL U 47 -32.96 -43.27 -20.11
CA VAL U 47 -32.74 -42.04 -19.36
C VAL U 47 -33.55 -42.12 -18.07
N LEU U 48 -32.93 -41.80 -16.94
CA LEU U 48 -33.65 -41.75 -15.68
C LEU U 48 -34.77 -40.72 -15.75
N TRP U 49 -35.92 -41.09 -15.20
CA TRP U 49 -37.06 -40.19 -15.07
C TRP U 49 -36.64 -38.80 -14.57
N LYS U 50 -35.70 -38.74 -13.62
CA LYS U 50 -35.34 -37.45 -13.04
C LYS U 50 -34.66 -36.53 -14.03
N ASP U 51 -34.13 -37.07 -15.14
CA ASP U 51 -33.51 -36.26 -16.17
C ASP U 51 -34.42 -36.05 -17.38
N ILE U 52 -35.73 -36.24 -17.20
CA ILE U 52 -36.72 -36.10 -18.26
C ILE U 52 -37.76 -35.08 -17.82
N SER U 53 -38.10 -34.16 -18.72
CA SER U 53 -39.14 -33.20 -18.42
C SER U 53 -40.00 -32.99 -19.68
N PRO U 54 -41.31 -33.20 -19.59
CA PRO U 54 -42.18 -32.85 -20.72
C PRO U 54 -42.41 -31.37 -20.88
N ALA U 55 -42.07 -30.55 -19.89
CA ALA U 55 -42.33 -29.12 -19.95
C ALA U 55 -41.08 -28.37 -19.47
N ALA U 56 -41.00 -27.10 -19.87
CA ALA U 56 -39.80 -26.32 -19.62
C ALA U 56 -40.17 -24.85 -19.40
N LEU U 57 -39.34 -24.17 -18.61
CA LEU U 57 -39.49 -22.75 -18.35
C LEU U 57 -38.39 -21.99 -19.07
N PRO U 58 -38.72 -21.11 -20.02
CA PRO U 58 -37.68 -20.35 -20.72
C PRO U 58 -36.85 -19.51 -19.75
N GLY U 59 -35.53 -19.55 -19.94
CA GLY U 59 -34.62 -18.81 -19.06
C GLY U 59 -33.21 -18.66 -19.58
N GLU U 60 -32.27 -18.39 -18.66
CA GLU U 60 -30.86 -18.22 -19.03
N ARG V 2 -21.94 -9.09 -25.51
CA ARG V 2 -22.56 -9.86 -26.57
C ARG V 2 -24.09 -9.83 -26.44
N PRO V 3 -24.82 -10.15 -27.50
CA PRO V 3 -26.27 -10.26 -27.40
C PRO V 3 -26.74 -11.67 -27.07
N ARG V 4 -28.00 -11.74 -26.62
CA ARG V 4 -28.57 -12.98 -26.08
C ARG V 4 -28.79 -14.03 -27.17
N LEU V 5 -29.08 -13.60 -28.39
CA LEU V 5 -29.33 -14.50 -29.50
C LEU V 5 -28.33 -14.20 -30.63
N TRP V 6 -28.05 -15.22 -31.44
CA TRP V 6 -27.17 -15.07 -32.58
C TRP V 6 -27.44 -16.21 -33.55
N GLU V 7 -26.94 -16.05 -34.78
CA GLU V 7 -27.15 -17.04 -35.82
C GLU V 7 -26.48 -18.37 -35.46
N GLY V 8 -27.03 -19.46 -36.00
CA GLY V 8 -26.54 -20.78 -35.68
C GLY V 8 -26.75 -21.23 -34.25
N GLN V 9 -27.43 -20.44 -33.41
CA GLN V 9 -27.68 -20.80 -32.02
C GLN V 9 -28.94 -21.63 -31.91
N ASP V 10 -28.86 -22.76 -31.20
CA ASP V 10 -30.03 -23.58 -30.95
C ASP V 10 -30.90 -22.96 -29.85
N VAL V 11 -32.21 -22.93 -30.09
CA VAL V 11 -33.14 -22.25 -29.21
C VAL V 11 -34.46 -23.02 -29.13
N LEU V 12 -35.20 -22.74 -28.06
CA LEU V 12 -36.60 -23.13 -27.97
C LEU V 12 -37.47 -21.92 -28.32
N ALA V 13 -38.47 -22.14 -29.18
CA ALA V 13 -39.33 -21.05 -29.63
C ALA V 13 -40.80 -21.41 -29.38
N ARG V 14 -41.54 -20.46 -28.81
CA ARG V 14 -42.95 -20.67 -28.56
C ARG V 14 -43.76 -20.47 -29.84
N TRP V 15 -44.55 -21.47 -30.20
CA TRP V 15 -45.33 -21.45 -31.43
C TRP V 15 -46.75 -20.96 -31.16
N THR V 16 -47.50 -20.74 -32.24
CA THR V 16 -48.86 -20.22 -32.10
C THR V 16 -49.79 -21.18 -31.39
N ASP V 17 -49.43 -22.47 -31.31
CA ASP V 17 -50.20 -23.44 -30.54
C ASP V 17 -49.83 -23.44 -29.06
N GLY V 18 -48.92 -22.56 -28.63
CA GLY V 18 -48.54 -22.45 -27.24
C GLY V 18 -47.47 -23.41 -26.78
N LEU V 19 -46.91 -24.21 -27.67
CA LEU V 19 -45.90 -25.20 -27.31
C LEU V 19 -44.51 -24.67 -27.70
N LEU V 20 -43.50 -25.21 -27.03
CA LEU V 20 -42.11 -24.87 -27.35
C LEU V 20 -41.54 -25.88 -28.32
N TYR V 21 -40.98 -25.40 -29.42
CA TYR V 21 -40.33 -26.24 -30.41
C TYR V 21 -38.85 -25.92 -30.48
N LEU V 22 -38.06 -26.91 -30.86
CA LEU V 22 -36.61 -26.75 -30.93
C LEU V 22 -36.21 -26.31 -32.33
N GLY V 23 -35.39 -25.27 -32.42
CA GLY V 23 -34.96 -24.79 -33.71
C GLY V 23 -33.66 -24.04 -33.60
N THR V 24 -33.22 -23.51 -34.74
CA THR V 24 -31.96 -22.80 -34.85
C THR V 24 -32.19 -21.41 -35.45
N ILE V 25 -31.56 -20.41 -34.84
CA ILE V 25 -31.70 -19.04 -35.35
C ILE V 25 -30.90 -18.89 -36.63
N LYS V 26 -31.57 -18.40 -37.69
CA LYS V 26 -30.94 -18.13 -38.96
C LYS V 26 -30.62 -16.66 -39.19
N LYS V 27 -31.42 -15.75 -38.63
CA LYS V 27 -31.20 -14.32 -38.81
C LYS V 27 -31.68 -13.57 -37.57
N VAL V 28 -30.96 -12.51 -37.21
CA VAL V 28 -31.32 -11.64 -36.10
C VAL V 28 -31.71 -10.28 -36.67
N ASP V 29 -32.69 -9.63 -36.04
CA ASP V 29 -33.29 -8.40 -36.56
C ASP V 29 -33.58 -7.50 -35.35
N SER V 30 -32.55 -6.75 -34.92
CA SER V 30 -32.70 -5.90 -33.74
C SER V 30 -33.64 -4.72 -33.99
N ALA V 31 -34.01 -4.45 -35.24
CA ALA V 31 -34.97 -3.39 -35.51
C ALA V 31 -36.39 -3.81 -35.10
N ARG V 32 -36.81 -5.01 -35.53
CA ARG V 32 -38.13 -5.53 -35.20
C ARG V 32 -38.12 -6.44 -33.97
N GLU V 33 -36.94 -6.75 -33.44
CA GLU V 33 -36.78 -7.69 -32.33
C GLU V 33 -37.45 -9.03 -32.64
N VAL V 34 -37.13 -9.55 -33.83
CA VAL V 34 -37.56 -10.87 -34.26
C VAL V 34 -36.33 -11.63 -34.72
N CYS V 35 -36.47 -12.95 -34.82
CA CYS V 35 -35.49 -13.81 -35.46
C CYS V 35 -36.19 -14.70 -36.46
N LEU V 36 -35.56 -14.92 -37.60
CA LEU V 36 -35.94 -16.01 -38.47
C LEU V 36 -35.43 -17.30 -37.84
N VAL V 37 -36.36 -18.20 -37.51
CA VAL V 37 -36.05 -19.44 -36.81
C VAL V 37 -36.33 -20.59 -37.75
N GLN V 38 -35.37 -21.50 -37.86
CA GLN V 38 -35.54 -22.72 -38.62
C GLN V 38 -35.79 -23.86 -37.66
N PHE V 39 -36.85 -24.60 -37.90
CA PHE V 39 -37.30 -25.67 -37.02
C PHE V 39 -36.83 -27.02 -37.59
N GLU V 40 -37.17 -28.10 -36.88
CA GLU V 40 -36.63 -29.41 -37.23
C GLU V 40 -37.12 -29.90 -38.59
N ASP V 41 -38.28 -29.41 -39.05
CA ASP V 41 -38.78 -29.76 -40.36
C ASP V 41 -38.32 -28.80 -41.45
N ASP V 42 -37.32 -27.96 -41.16
CA ASP V 42 -36.71 -26.99 -42.06
C ASP V 42 -37.62 -25.82 -42.42
N SER V 43 -38.78 -25.71 -41.80
CA SER V 43 -39.61 -24.53 -41.98
C SER V 43 -38.94 -23.32 -41.32
N GLN V 44 -39.31 -22.14 -41.78
CA GLN V 44 -38.68 -20.91 -41.30
C GLN V 44 -39.77 -19.86 -41.03
N PHE V 45 -39.69 -19.22 -39.87
CA PHE V 45 -40.69 -18.23 -39.49
C PHE V 45 -40.04 -17.16 -38.61
N LEU V 46 -40.62 -15.98 -38.64
CA LEU V 46 -40.19 -14.89 -37.77
C LEU V 46 -40.85 -15.01 -36.40
N VAL V 47 -40.04 -14.96 -35.35
CA VAL V 47 -40.51 -15.13 -33.98
C VAL V 47 -39.96 -13.99 -33.14
N LEU V 48 -40.83 -13.39 -32.32
CA LEU V 48 -40.40 -12.32 -31.42
C LEU V 48 -39.36 -12.83 -30.44
N TRP V 49 -38.44 -11.95 -30.04
CA TRP V 49 -37.38 -12.34 -29.11
C TRP V 49 -37.95 -12.85 -27.80
N LYS V 50 -39.06 -12.27 -27.35
CA LYS V 50 -39.63 -12.66 -26.05
C LYS V 50 -40.09 -14.10 -26.03
N ASP V 51 -40.33 -14.70 -27.20
CA ASP V 51 -40.75 -16.08 -27.31
C ASP V 51 -39.60 -17.01 -27.71
N ILE V 52 -38.37 -16.53 -27.64
CA ILE V 52 -37.18 -17.32 -27.91
C ILE V 52 -36.30 -17.33 -26.67
N SER V 53 -35.70 -18.48 -26.37
CA SER V 53 -34.66 -18.52 -25.36
C SER V 53 -33.75 -19.71 -25.64
N PRO V 54 -32.45 -19.59 -25.40
CA PRO V 54 -31.54 -20.69 -25.69
C PRO V 54 -31.37 -21.68 -24.56
N ALA V 55 -32.01 -21.45 -23.42
CA ALA V 55 -31.86 -22.30 -22.26
C ALA V 55 -33.21 -22.49 -21.58
N ALA V 56 -33.39 -23.65 -20.96
CA ALA V 56 -34.67 -23.99 -20.35
C ALA V 56 -34.45 -24.61 -18.98
N LEU V 57 -35.40 -24.36 -18.09
CA LEU V 57 -35.41 -24.99 -16.78
C LEU V 57 -36.50 -26.05 -16.79
N PRO V 58 -36.15 -27.34 -16.78
CA PRO V 58 -37.17 -28.39 -16.74
C PRO V 58 -38.19 -28.14 -15.62
N GLY V 59 -39.46 -28.40 -15.93
CA GLY V 59 -40.51 -28.08 -15.00
C GLY V 59 -41.74 -28.93 -15.21
N GLU V 60 -42.77 -28.62 -14.44
CA GLU V 60 -44.04 -29.35 -14.50
C GLU V 60 -45.20 -28.41 -14.82
N GLU V 61 -46.02 -28.79 -15.79
CA GLU V 61 -47.17 -27.98 -16.20
CA GLY W 1 8.59 7.98 -65.70
C GLY W 1 7.15 8.39 -65.39
N ARG W 2 6.36 8.62 -66.45
CA ARG W 2 4.97 9.07 -66.38
C ARG W 2 4.18 8.31 -65.31
N PRO W 3 3.40 9.00 -64.50
CA PRO W 3 2.64 8.31 -63.43
C PRO W 3 1.50 7.49 -64.01
N ARG W 4 1.12 6.45 -63.27
CA ARG W 4 0.00 5.61 -63.70
C ARG W 4 -1.35 6.28 -63.49
N LEU W 5 -1.45 7.17 -62.49
CA LEU W 5 -2.69 7.84 -62.13
C LEU W 5 -2.50 9.36 -62.17
N TRP W 6 -3.54 10.09 -62.57
CA TRP W 6 -3.45 11.54 -62.67
C TRP W 6 -4.84 12.17 -62.58
N GLU W 7 -4.85 13.46 -62.29
CA GLU W 7 -6.11 14.19 -62.11
C GLU W 7 -6.94 14.12 -63.38
N GLY W 8 -8.25 13.90 -63.22
CA GLY W 8 -9.16 13.83 -64.33
C GLY W 8 -9.32 12.45 -64.93
N GLN W 9 -8.53 11.48 -64.47
CA GLN W 9 -8.53 10.15 -65.06
C GLN W 9 -9.70 9.33 -64.51
N ASP W 10 -10.41 8.66 -65.42
CA ASP W 10 -11.49 7.77 -65.01
C ASP W 10 -10.90 6.43 -64.57
N VAL W 11 -11.40 5.92 -63.45
CA VAL W 11 -10.81 4.75 -62.83
C VAL W 11 -11.90 3.89 -62.20
N LEU W 12 -11.61 2.60 -62.09
CA LEU W 12 -12.29 1.74 -61.14
C LEU W 12 -11.56 1.83 -59.82
N ALA W 13 -12.31 1.94 -58.73
CA ALA W 13 -11.71 2.01 -57.40
C ALA W 13 -12.41 1.02 -56.47
N ARG W 14 -11.61 0.33 -55.67
CA ARG W 14 -12.15 -0.68 -54.76
C ARG W 14 -12.67 0.01 -53.51
N TRP W 15 -13.91 -0.27 -53.15
CA TRP W 15 -14.54 0.35 -52.00
C TRP W 15 -14.46 -0.58 -50.80
N THR W 16 -14.86 -0.07 -49.62
CA THR W 16 -14.80 -0.90 -48.42
C THR W 16 -15.70 -2.12 -48.51
N ASP W 17 -16.74 -2.08 -49.35
CA ASP W 17 -17.56 -3.27 -49.56
C ASP W 17 -16.91 -4.27 -50.50
N GLY W 18 -15.73 -3.98 -51.04
CA GLY W 18 -15.03 -4.90 -51.91
C GLY W 18 -15.45 -4.84 -53.35
N LEU W 19 -16.38 -3.97 -53.72
CA LEU W 19 -16.82 -3.83 -55.09
C LEU W 19 -16.07 -2.70 -55.77
N LEU W 20 -16.04 -2.76 -57.10
CA LEU W 20 -15.39 -1.74 -57.92
C LEU W 20 -16.41 -0.74 -58.41
N TYR W 21 -16.23 0.53 -58.03
CA TYR W 21 -17.06 1.61 -58.52
C TYR W 21 -16.26 2.49 -59.46
N LEU W 22 -16.97 3.18 -60.36
CA LEU W 22 -16.34 4.04 -61.34
C LEU W 22 -16.27 5.45 -60.79
N GLY W 23 -15.09 6.06 -60.87
CA GLY W 23 -14.87 7.39 -60.35
C GLY W 23 -13.86 8.11 -61.22
N THR W 24 -13.52 9.32 -60.81
CA THR W 24 -12.56 10.17 -61.50
C THR W 24 -11.61 10.73 -60.45
N ILE W 25 -10.30 10.68 -60.74
CA ILE W 25 -9.30 11.14 -59.78
C ILE W 25 -9.32 12.66 -59.67
N LYS W 26 -9.39 13.16 -58.44
CA LYS W 26 -9.39 14.60 -58.20
C LYS W 26 -8.09 15.13 -57.64
N LYS W 27 -7.36 14.35 -56.84
CA LYS W 27 -6.06 14.71 -56.32
C LYS W 27 -5.23 13.44 -56.19
N VAL W 28 -3.94 13.54 -56.54
CA VAL W 28 -2.99 12.44 -56.36
C VAL W 28 -2.01 12.84 -55.25
N ASP W 29 -1.83 11.94 -54.28
CA ASP W 29 -0.94 12.18 -53.13
C ASP W 29 0.14 11.09 -53.15
N SER W 30 1.35 11.45 -53.55
CA SER W 30 2.41 10.45 -53.70
C SER W 30 3.14 10.16 -52.39
N ALA W 31 3.10 11.07 -51.43
CA ALA W 31 3.70 10.79 -50.12
C ALA W 31 2.99 9.63 -49.44
N ARG W 32 1.66 9.66 -49.43
CA ARG W 32 0.85 8.62 -48.81
C ARG W 32 0.36 7.57 -49.81
N GLU W 33 0.55 7.79 -51.11
CA GLU W 33 0.06 6.88 -52.14
C GLU W 33 -1.44 6.64 -52.02
N VAL W 34 -2.19 7.73 -51.93
CA VAL W 34 -3.64 7.74 -52.04
C VAL W 34 -4.03 8.73 -53.13
N CYS W 35 -5.26 8.59 -53.62
CA CYS W 35 -5.91 9.60 -54.45
C CYS W 35 -7.23 10.00 -53.82
N LEU W 36 -7.61 11.26 -54.04
CA LEU W 36 -8.98 11.67 -53.80
C LEU W 36 -9.82 11.31 -55.02
N VAL W 37 -10.77 10.41 -54.85
CA VAL W 37 -11.60 9.91 -55.94
C VAL W 37 -13.02 10.41 -55.73
N GLN W 38 -13.60 11.00 -56.77
CA GLN W 38 -14.98 11.44 -56.74
C GLN W 38 -15.82 10.42 -57.51
N PHE W 39 -16.87 9.92 -56.85
CA PHE W 39 -17.69 8.84 -57.41
C PHE W 39 -18.96 9.41 -58.03
N GLU W 40 -19.72 8.52 -58.67
CA GLU W 40 -20.91 8.94 -59.41
C GLU W 40 -21.90 9.70 -58.55
N ASP W 41 -22.00 9.37 -57.26
CA ASP W 41 -22.87 10.14 -56.36
C ASP W 41 -22.22 11.43 -55.87
N ASP W 42 -21.13 11.87 -56.52
CA ASP W 42 -20.37 13.05 -56.16
C ASP W 42 -19.76 13.00 -54.77
N SER W 43 -19.74 11.83 -54.12
CA SER W 43 -18.94 11.75 -52.92
C SER W 43 -17.46 11.73 -53.29
N GLN W 44 -16.61 12.07 -52.32
CA GLN W 44 -15.18 12.12 -52.51
C GLN W 44 -14.50 11.42 -51.34
N PHE W 45 -13.66 10.43 -51.64
CA PHE W 45 -12.94 9.71 -50.60
C PHE W 45 -11.51 9.45 -51.04
N LEU W 46 -10.64 9.29 -50.04
CA LEU W 46 -9.25 8.92 -50.27
C LEU W 46 -9.14 7.40 -50.44
N VAL W 47 -8.51 6.97 -51.53
CA VAL W 47 -8.35 5.55 -51.86
C VAL W 47 -6.89 5.29 -52.15
N LEU W 48 -6.37 4.20 -51.60
CA LEU W 48 -4.98 3.79 -51.84
C LEU W 48 -4.75 3.51 -53.32
N TRP W 49 -3.54 3.84 -53.79
CA TRP W 49 -3.19 3.62 -55.19
C TRP W 49 -3.43 2.18 -55.60
N LYS W 50 -3.19 1.23 -54.70
CA LYS W 50 -3.29 -0.17 -55.07
C LYS W 50 -4.72 -0.56 -55.36
N ASP W 51 -5.71 0.19 -54.86
CA ASP W 51 -7.11 -0.12 -55.07
C ASP W 51 -7.71 0.67 -56.23
N ILE W 52 -6.87 1.33 -57.03
CA ILE W 52 -7.32 2.16 -58.13
C ILE W 52 -6.69 1.63 -59.42
N SER W 53 -7.52 1.46 -60.47
CA SER W 53 -6.98 1.04 -61.76
C SER W 53 -7.68 1.77 -62.90
N PRO W 54 -6.92 2.29 -63.87
CA PRO W 54 -7.54 2.90 -65.06
C PRO W 54 -7.95 1.88 -66.11
N ALA W 55 -7.59 0.61 -65.96
CA ALA W 55 -7.88 -0.40 -66.96
C ALA W 55 -8.34 -1.68 -66.28
N ALA W 56 -9.13 -2.46 -67.01
CA ALA W 56 -9.68 -3.70 -66.48
C ALA W 56 -9.73 -4.74 -67.59
N LEU W 57 -9.60 -5.97 -67.18
CA LEU W 57 -9.76 -7.11 -68.06
C LEU W 57 -11.04 -7.83 -67.67
N PRO W 58 -11.97 -8.07 -68.61
CA PRO W 58 -13.17 -8.83 -68.27
C PRO W 58 -12.84 -10.17 -67.64
N GLY W 59 -13.51 -10.49 -66.53
CA GLY W 59 -13.27 -11.72 -65.84
C GLY W 59 -14.56 -12.31 -65.29
N GLU W 60 -14.44 -13.51 -64.73
CA GLU W 60 -15.56 -14.17 -64.09
C GLU W 60 -15.35 -14.28 -62.57
N GLU W 61 -16.31 -13.76 -61.81
CA GLU W 61 -16.23 -13.77 -60.36
N ARG X 2 -28.21 -20.64 -62.33
CA ARG X 2 -28.58 -19.28 -62.73
C ARG X 2 -27.68 -18.80 -63.86
N PRO X 3 -28.23 -17.98 -64.76
CA PRO X 3 -27.44 -17.46 -65.87
C PRO X 3 -26.46 -16.38 -65.43
N ARG X 4 -25.50 -16.08 -66.31
CA ARG X 4 -24.42 -15.17 -65.98
C ARG X 4 -24.88 -13.73 -65.90
N LEU X 5 -25.88 -13.36 -66.71
CA LEU X 5 -26.35 -11.99 -66.84
C LEU X 5 -27.85 -11.93 -66.57
N TRP X 6 -28.30 -10.85 -65.92
CA TRP X 6 -29.71 -10.71 -65.61
C TRP X 6 -30.09 -9.24 -65.55
N GLU X 7 -31.40 -8.99 -65.56
CA GLU X 7 -31.90 -7.62 -65.55
C GLU X 7 -31.59 -6.95 -64.22
N GLY X 8 -31.17 -5.68 -64.30
CA GLY X 8 -30.81 -4.92 -63.12
C GLY X 8 -29.35 -5.05 -62.72
N GLN X 9 -28.61 -5.94 -63.35
CA GLN X 9 -27.23 -6.23 -62.98
C GLN X 9 -26.30 -5.14 -63.50
N ASP X 10 -25.39 -4.68 -62.66
CA ASP X 10 -24.38 -3.71 -63.08
C ASP X 10 -23.24 -4.45 -63.77
N VAL X 11 -22.75 -3.88 -64.88
CA VAL X 11 -21.82 -4.56 -65.75
C VAL X 11 -20.87 -3.56 -66.39
N LEU X 12 -19.71 -4.05 -66.79
CA LEU X 12 -18.83 -3.36 -67.72
C LEU X 12 -19.15 -3.85 -69.13
N ALA X 13 -19.32 -2.93 -70.06
CA ALA X 13 -19.66 -3.27 -71.44
C ALA X 13 -18.68 -2.59 -72.37
N ARG X 14 -18.15 -3.35 -73.33
CA ARG X 14 -17.23 -2.79 -74.30
C ARG X 14 -18.00 -2.08 -75.41
N TRP X 15 -17.65 -0.81 -75.64
CA TRP X 15 -18.29 0.03 -76.65
C TRP X 15 -17.54 -0.09 -77.98
N THR X 16 -18.04 0.56 -79.03
CA THR X 16 -17.37 0.44 -80.33
C THR X 16 -16.04 1.17 -80.37
N ASP X 17 -15.84 2.17 -79.52
CA ASP X 17 -14.54 2.85 -79.41
C ASP X 17 -13.48 1.96 -78.76
N GLY X 18 -13.83 0.74 -78.38
CA GLY X 18 -12.89 -0.18 -77.76
C GLY X 18 -12.78 -0.08 -76.26
N LEU X 19 -13.47 0.87 -75.64
CA LEU X 19 -13.35 1.12 -74.21
C LEU X 19 -14.49 0.47 -73.44
N LEU X 20 -14.30 0.37 -72.12
CA LEU X 20 -15.29 -0.24 -71.23
C LEU X 20 -16.08 0.84 -70.52
N TYR X 21 -17.41 0.71 -70.52
CA TYR X 21 -18.28 1.62 -69.81
C TYR X 21 -19.11 0.84 -68.80
N LEU X 22 -19.49 1.53 -67.73
CA LEU X 22 -20.32 0.96 -66.68
C LEU X 22 -21.79 1.17 -67.02
N GLY X 23 -22.57 0.10 -66.97
CA GLY X 23 -23.98 0.20 -67.29
C GLY X 23 -24.78 -0.80 -66.49
N THR X 24 -26.08 -0.82 -66.75
CA THR X 24 -26.99 -1.73 -66.10
C THR X 24 -27.80 -2.47 -67.17
N ILE X 25 -27.95 -3.77 -67.00
CA ILE X 25 -28.68 -4.57 -67.96
C ILE X 25 -30.18 -4.27 -67.85
N LYS X 26 -30.80 -3.96 -68.98
CA LYS X 26 -32.24 -3.69 -69.03
C LYS X 26 -33.04 -4.87 -69.56
N LYS X 27 -32.57 -5.55 -70.60
CA LYS X 27 -33.21 -6.75 -71.13
C LYS X 27 -32.14 -7.74 -71.56
N VAL X 28 -32.49 -9.02 -71.52
CA VAL X 28 -31.60 -10.10 -71.89
C VAL X 28 -32.28 -10.94 -72.97
N ASP X 29 -31.59 -11.13 -74.08
CA ASP X 29 -32.09 -11.91 -75.22
C ASP X 29 -31.17 -13.12 -75.39
N SER X 30 -31.62 -14.27 -74.89
CA SER X 30 -30.81 -15.48 -74.96
C SER X 30 -30.80 -16.13 -76.35
N ALA X 31 -31.77 -15.81 -77.19
CA ALA X 31 -31.77 -16.36 -78.55
C ALA X 31 -30.62 -15.78 -79.37
N ARG X 32 -30.45 -14.46 -79.37
CA ARG X 32 -29.37 -13.81 -80.09
C ARG X 32 -28.13 -13.56 -79.23
N GLU X 33 -28.22 -13.77 -77.91
CA GLU X 33 -27.12 -13.54 -76.97
C GLU X 33 -26.63 -12.09 -77.04
N VAL X 34 -27.58 -11.17 -76.80
CA VAL X 34 -27.32 -9.75 -76.63
C VAL X 34 -28.07 -9.32 -75.39
N CYS X 35 -27.70 -8.14 -74.88
CA CYS X 35 -28.46 -7.48 -73.83
C CYS X 35 -28.70 -6.03 -74.23
N LEU X 36 -29.81 -5.48 -73.75
CA LEU X 36 -30.04 -4.05 -73.80
C LEU X 36 -29.42 -3.45 -72.54
N VAL X 37 -28.33 -2.71 -72.71
CA VAL X 37 -27.59 -2.13 -71.61
C VAL X 37 -27.88 -0.63 -71.56
N GLN X 38 -28.21 -0.13 -70.38
CA GLN X 38 -28.39 1.30 -70.16
C GLN X 38 -27.15 1.84 -69.47
N PHE X 39 -26.60 2.92 -70.01
CA PHE X 39 -25.33 3.47 -69.56
C PHE X 39 -25.57 4.66 -68.64
N GLU X 40 -24.46 5.29 -68.22
CA GLU X 40 -24.56 6.35 -67.22
C GLU X 40 -25.31 7.56 -67.76
N ASP X 41 -25.15 7.87 -69.05
CA ASP X 41 -25.92 8.95 -69.67
C ASP X 41 -27.34 8.52 -70.03
N ASP X 42 -27.82 7.44 -69.41
CA ASP X 42 -29.14 6.86 -69.59
C ASP X 42 -29.45 6.45 -71.03
N SER X 43 -28.44 6.44 -71.93
CA SER X 43 -28.65 5.86 -73.24
C SER X 43 -28.75 4.33 -73.15
N GLN X 44 -29.26 3.71 -74.20
CA GLN X 44 -29.47 2.27 -74.22
C GLN X 44 -29.08 1.69 -75.57
N PHE X 45 -28.25 0.64 -75.56
CA PHE X 45 -27.81 -0.02 -76.78
C PHE X 45 -27.78 -1.53 -76.55
N LEU X 46 -27.84 -2.28 -77.64
CA LEU X 46 -27.67 -3.71 -77.59
C LEU X 46 -26.19 -4.04 -77.63
N VAL X 47 -25.76 -4.93 -76.73
CA VAL X 47 -24.37 -5.38 -76.65
C VAL X 47 -24.37 -6.89 -76.61
N LEU X 48 -23.47 -7.50 -77.40
CA LEU X 48 -23.31 -8.94 -77.36
C LEU X 48 -22.89 -9.39 -75.98
N TRP X 49 -23.34 -10.59 -75.59
CA TRP X 49 -22.92 -11.16 -74.31
C TRP X 49 -21.41 -11.22 -74.20
N LYS X 50 -20.72 -11.46 -75.32
CA LYS X 50 -19.27 -11.63 -75.26
C LYS X 50 -18.56 -10.34 -74.85
N ASP X 51 -19.22 -9.18 -74.96
CA ASP X 51 -18.63 -7.90 -74.60
C ASP X 51 -19.20 -7.31 -73.32
N ILE X 52 -19.92 -8.12 -72.54
CA ILE X 52 -20.48 -7.70 -71.26
C ILE X 52 -19.83 -8.53 -70.17
N SER X 53 -19.43 -7.86 -69.09
CA SER X 53 -18.83 -8.57 -67.97
C SER X 53 -19.31 -7.99 -66.64
N PRO X 54 -19.93 -8.79 -65.78
CA PRO X 54 -20.32 -8.27 -64.46
C PRO X 54 -19.15 -8.13 -63.50
N ALA X 55 -17.97 -8.62 -63.86
CA ALA X 55 -16.80 -8.53 -62.98
C ALA X 55 -15.58 -8.16 -63.81
N ALA X 56 -14.55 -7.64 -63.12
CA ALA X 56 -13.35 -7.19 -63.80
C ALA X 56 -12.13 -7.50 -62.95
N LEU X 57 -11.01 -7.69 -63.65
CA LEU X 57 -9.71 -7.81 -63.01
C LEU X 57 -8.96 -6.49 -63.21
N PRO X 58 -8.68 -5.74 -62.15
CA PRO X 58 -7.86 -4.54 -62.30
C PRO X 58 -6.50 -4.91 -62.87
N GLY X 59 -6.02 -4.09 -63.80
CA GLY X 59 -4.79 -4.44 -64.48
C GLY X 59 -4.16 -3.26 -65.16
N GLU X 60 -3.11 -3.55 -65.92
CA GLU X 60 -2.39 -2.54 -66.67
C GLU X 60 -2.50 -2.81 -68.17
N GLU X 61 -2.80 -1.77 -68.95
N ARG Y 2 -33.92 -39.70 81.08
CA ARG Y 2 -33.44 -39.57 79.71
C ARG Y 2 -31.98 -39.13 79.71
N PRO Y 3 -31.13 -39.91 79.06
CA PRO Y 3 -29.69 -39.65 79.11
C PRO Y 3 -29.29 -38.36 78.43
N ARG Y 4 -28.15 -37.82 78.88
CA ARG Y 4 -27.63 -36.58 78.33
C ARG Y 4 -27.02 -36.79 76.95
N LEU Y 5 -26.48 -37.97 76.67
CA LEU Y 5 -25.86 -38.29 75.40
C LEU Y 5 -26.57 -39.46 74.73
N TRP Y 6 -26.59 -39.46 73.39
CA TRP Y 6 -27.28 -40.51 72.65
C TRP Y 6 -26.75 -40.55 71.23
N GLU Y 7 -27.01 -41.67 70.56
CA GLU Y 7 -26.50 -41.89 69.22
C GLU Y 7 -27.07 -40.87 68.23
N GLY Y 8 -26.21 -40.42 67.31
CA GLY Y 8 -26.59 -39.43 66.32
C GLY Y 8 -26.47 -38.00 66.78
N GLN Y 9 -26.15 -37.78 68.05
CA GLN Y 9 -26.09 -36.43 68.60
C GLN Y 9 -24.77 -35.76 68.22
N ASP Y 10 -24.85 -34.52 67.74
CA ASP Y 10 -23.67 -33.70 67.50
C ASP Y 10 -23.17 -33.14 68.82
N VAL Y 11 -21.85 -33.21 69.02
CA VAL Y 11 -21.25 -32.83 70.30
C VAL Y 11 -19.89 -32.21 70.06
N LEU Y 12 -19.41 -31.49 71.07
CA LEU Y 12 -18.02 -31.10 71.19
C LEU Y 12 -17.30 -32.10 72.09
N ALA Y 13 -16.13 -32.54 71.65
CA ALA Y 13 -15.36 -33.54 72.38
C ALA Y 13 -13.95 -33.03 72.61
N ARG Y 14 -13.47 -33.17 73.84
CA ARG Y 14 -12.10 -32.80 74.17
C ARG Y 14 -11.15 -33.92 73.72
N TRP Y 15 -10.13 -33.55 72.96
CA TRP Y 15 -9.15 -34.47 72.43
C TRP Y 15 -7.90 -34.46 73.32
N THR Y 16 -6.95 -35.35 73.03
CA THR Y 16 -5.76 -35.45 73.87
C THR Y 16 -4.86 -34.21 73.76
N ASP Y 17 -4.95 -33.45 72.66
CA ASP Y 17 -4.22 -32.20 72.57
C ASP Y 17 -4.87 -31.08 73.39
N GLY Y 18 -5.98 -31.37 74.05
CA GLY Y 18 -6.66 -30.39 74.89
C GLY Y 18 -7.67 -29.52 74.19
N LEU Y 19 -7.80 -29.63 72.86
CA LEU Y 19 -8.72 -28.78 72.11
C LEU Y 19 -10.07 -29.48 71.95
N LEU Y 20 -11.09 -28.67 71.66
CA LEU Y 20 -12.44 -29.17 71.45
C LEU Y 20 -12.68 -29.38 69.96
N TYR Y 21 -13.07 -30.59 69.59
CA TYR Y 21 -13.41 -30.93 68.22
C TYR Y 21 -14.90 -31.25 68.13
N LEU Y 22 -15.45 -31.11 66.93
CA LEU Y 22 -16.86 -31.37 66.69
C LEU Y 22 -17.04 -32.75 66.09
N GLY Y 23 -17.98 -33.52 66.64
CA GLY Y 23 -18.22 -34.86 66.15
C GLY Y 23 -19.63 -35.31 66.44
N THR Y 24 -19.90 -36.58 66.12
CA THR Y 24 -21.22 -37.17 66.31
C THR Y 24 -21.07 -38.48 67.10
N ILE Y 25 -21.91 -38.67 68.10
CA ILE Y 25 -21.89 -39.91 68.89
C ILE Y 25 -22.38 -41.08 68.05
N LYS Y 26 -21.58 -42.14 67.99
CA LYS Y 26 -21.95 -43.35 67.28
C LYS Y 26 -22.32 -44.52 68.19
N LYS Y 27 -21.84 -44.53 69.43
CA LYS Y 27 -22.22 -45.56 70.40
C LYS Y 27 -22.06 -45.00 71.80
N VAL Y 28 -22.99 -45.36 72.68
CA VAL Y 28 -22.96 -44.94 74.09
C VAL Y 28 -22.70 -46.16 74.96
N ASP Y 29 -21.79 -46.02 75.93
CA ASP Y 29 -21.37 -47.11 76.81
C ASP Y 29 -21.50 -46.62 78.24
N SER Y 30 -22.63 -46.92 78.89
CA SER Y 30 -22.86 -46.44 80.25
C SER Y 30 -22.08 -47.22 81.30
N ALA Y 31 -21.65 -48.45 80.99
CA ALA Y 31 -20.83 -49.20 81.93
C ALA Y 31 -19.49 -48.50 82.16
N ARG Y 32 -18.78 -48.20 81.08
CA ARG Y 32 -17.51 -47.50 81.17
C ARG Y 32 -17.65 -45.99 81.11
N GLU Y 33 -18.85 -45.47 80.85
CA GLU Y 33 -19.10 -44.04 80.68
C GLU Y 33 -18.16 -43.44 79.62
N VAL Y 34 -18.19 -44.04 78.44
CA VAL Y 34 -17.52 -43.51 77.27
C VAL Y 34 -18.52 -43.48 76.13
N CYS Y 35 -18.15 -42.77 75.07
CA CYS Y 35 -18.87 -42.83 73.81
C CYS Y 35 -17.88 -43.07 72.69
N LEU Y 36 -18.31 -43.82 71.68
CA LEU Y 36 -17.62 -43.81 70.41
C LEU Y 36 -18.03 -42.54 69.67
N VAL Y 37 -17.08 -41.67 69.40
CA VAL Y 37 -17.34 -40.39 68.75
C VAL Y 37 -16.68 -40.39 67.39
N GLN Y 38 -17.45 -40.08 66.35
CA GLN Y 38 -16.92 -39.93 65.00
C GLN Y 38 -16.71 -38.46 64.70
N PHE Y 39 -15.56 -38.13 64.10
CA PHE Y 39 -15.13 -36.75 63.91
C PHE Y 39 -15.22 -36.35 62.44
N GLU Y 40 -14.96 -35.06 62.19
CA GLU Y 40 -15.20 -34.48 60.87
C GLU Y 40 -14.40 -35.19 59.78
N ASP Y 41 -13.28 -35.81 60.13
CA ASP Y 41 -12.50 -36.59 59.18
C ASP Y 41 -12.92 -38.05 59.14
N ASP Y 42 -14.07 -38.39 59.73
CA ASP Y 42 -14.58 -39.75 59.78
C ASP Y 42 -13.59 -40.70 60.47
N SER Y 43 -12.85 -40.18 61.44
CA SER Y 43 -12.16 -41.03 62.39
C SER Y 43 -13.08 -41.25 63.59
N GLN Y 44 -12.78 -42.28 64.38
CA GLN Y 44 -13.63 -42.69 65.49
C GLN Y 44 -12.77 -43.06 66.69
N PHE Y 45 -13.10 -42.51 67.85
CA PHE Y 45 -12.36 -42.77 69.07
C PHE Y 45 -13.31 -42.80 70.26
N LEU Y 46 -12.94 -43.57 71.27
CA LEU Y 46 -13.68 -43.61 72.51
C LEU Y 46 -13.31 -42.39 73.35
N VAL Y 47 -14.32 -41.65 73.81
CA VAL Y 47 -14.13 -40.44 74.60
C VAL Y 47 -14.93 -40.56 75.88
N LEU Y 48 -14.33 -40.15 77.00
CA LEU Y 48 -15.04 -40.12 78.27
C LEU Y 48 -16.23 -39.18 78.20
N TRP Y 49 -17.32 -39.57 78.89
CA TRP Y 49 -18.50 -38.72 78.97
C TRP Y 49 -18.14 -37.33 79.49
N LYS Y 50 -17.23 -37.26 80.46
CA LYS Y 50 -16.88 -35.98 81.07
C LYS Y 50 -16.27 -35.01 80.05
N ASP Y 51 -15.75 -35.50 78.93
CA ASP Y 51 -15.14 -34.66 77.91
C ASP Y 51 -16.06 -34.41 76.71
N ILE Y 52 -17.34 -34.77 76.82
CA ILE Y 52 -18.31 -34.63 75.74
C ILE Y 52 -19.40 -33.67 76.20
N SER Y 53 -19.73 -32.68 75.36
CA SER Y 53 -20.81 -31.76 75.66
C SER Y 53 -21.60 -31.50 74.38
N PRO Y 54 -22.93 -31.61 74.42
CA PRO Y 54 -23.75 -31.21 73.27
C PRO Y 54 -24.04 -29.72 73.22
N ALA Y 55 -23.60 -28.97 74.23
CA ALA Y 55 -23.87 -27.55 74.33
C ALA Y 55 -22.61 -26.82 74.78
N ALA Y 56 -22.46 -25.59 74.30
CA ALA Y 56 -21.29 -24.80 74.64
C ALA Y 56 -21.70 -23.37 74.95
N LEU Y 57 -21.09 -22.80 75.98
CA LEU Y 57 -21.19 -21.37 76.24
C LEU Y 57 -20.00 -20.70 75.56
N PRO Y 58 -20.22 -19.87 74.55
CA PRO Y 58 -19.09 -19.16 73.92
C PRO Y 58 -18.32 -18.35 74.94
N GLY Y 59 -16.99 -18.50 74.92
CA GLY Y 59 -16.15 -17.91 75.95
C GLY Y 59 -14.89 -17.30 75.37
N GLU Y 60 -14.18 -16.58 76.25
CA GLU Y 60 -12.93 -15.92 75.89
C GLU Y 60 -11.77 -16.85 76.19
N GLU Y 61 -10.94 -17.12 75.17
CA GLU Y 61 -9.82 -18.04 75.26
C GLU Y 61 -8.93 -17.76 76.47
N ARG Z 2 -3.19 -7.72 69.88
CA ARG Z 2 -3.70 -8.65 68.88
C ARG Z 2 -5.21 -8.70 68.92
N PRO Z 3 -5.86 -8.73 67.75
CA PRO Z 3 -7.32 -8.83 67.72
C PRO Z 3 -7.78 -10.21 68.15
N ARG Z 4 -9.06 -10.28 68.54
CA ARG Z 4 -9.62 -11.54 69.02
C ARG Z 4 -9.84 -12.53 67.88
N LEU Z 5 -10.09 -12.04 66.66
CA LEU Z 5 -10.41 -12.87 65.51
C LEU Z 5 -9.46 -12.56 64.36
N TRP Z 6 -8.97 -13.61 63.68
CA TRP Z 6 -8.08 -13.45 62.55
C TRP Z 6 -8.39 -14.50 61.48
N GLU Z 7 -7.84 -14.30 60.29
CA GLU Z 7 -8.11 -15.20 59.18
C GLU Z 7 -7.48 -16.57 59.43
N GLY Z 8 -8.15 -17.60 58.94
CA GLY Z 8 -7.72 -18.98 59.11
C GLY Z 8 -8.00 -19.56 60.48
N GLN Z 9 -8.67 -18.82 61.36
CA GLN Z 9 -8.90 -19.24 62.73
C GLN Z 9 -10.20 -20.02 62.83
N ASP Z 10 -10.15 -21.16 63.51
CA ASP Z 10 -11.34 -21.99 63.69
C ASP Z 10 -12.20 -21.43 64.81
N VAL Z 11 -13.52 -21.39 64.59
CA VAL Z 11 -14.44 -20.72 65.50
C VAL Z 11 -15.77 -21.44 65.51
N LEU Z 12 -16.54 -21.20 66.57
CA LEU Z 12 -17.97 -21.50 66.62
C LEU Z 12 -18.75 -20.23 66.28
N ALA Z 13 -19.64 -20.32 65.30
CA ALA Z 13 -20.42 -19.17 64.85
C ALA Z 13 -21.90 -19.46 65.06
N ARG Z 14 -22.61 -18.52 65.69
CA ARG Z 14 -24.04 -18.67 65.95
C ARG Z 14 -24.82 -18.34 64.68
N TRP Z 15 -25.59 -19.31 64.20
CA TRP Z 15 -26.39 -19.19 62.99
C TRP Z 15 -27.81 -18.70 63.33
N THR Z 16 -28.61 -18.44 62.28
CA THR Z 16 -29.94 -17.88 62.53
C THR Z 16 -30.88 -18.86 63.22
N ASP Z 17 -30.63 -20.17 63.13
CA ASP Z 17 -31.45 -21.15 63.83
C ASP Z 17 -31.15 -21.22 65.33
N GLY Z 18 -30.29 -20.34 65.82
CA GLY Z 18 -29.93 -20.32 67.23
C GLY Z 18 -28.84 -21.30 67.62
N LEU Z 19 -28.33 -22.08 66.68
CA LEU Z 19 -27.35 -23.12 66.97
C LEU Z 19 -25.95 -22.65 66.64
N LEU Z 20 -24.96 -23.37 67.17
CA LEU Z 20 -23.55 -23.08 66.96
C LEU Z 20 -22.97 -24.05 65.95
N TYR Z 21 -22.39 -23.52 64.87
CA TYR Z 21 -21.72 -24.32 63.87
C TYR Z 21 -20.23 -24.00 63.88
N LEU Z 22 -19.44 -24.95 63.38
CA LEU Z 22 -17.99 -24.85 63.38
C LEU Z 22 -17.53 -24.36 62.01
N GLY Z 23 -16.76 -23.28 62.00
CA GLY Z 23 -16.28 -22.72 60.75
C GLY Z 23 -14.87 -22.19 60.88
N THR Z 24 -14.40 -21.59 59.78
CA THR Z 24 -13.07 -21.01 59.71
C THR Z 24 -13.20 -19.60 59.16
N ILE Z 25 -12.53 -18.65 59.79
CA ILE Z 25 -12.64 -17.26 59.38
C ILE Z 25 -11.91 -17.05 58.05
N LYS Z 26 -12.59 -16.44 57.09
CA LYS Z 26 -12.00 -16.16 55.79
C LYS Z 26 -11.65 -14.69 55.60
N LYS Z 27 -12.44 -13.75 56.13
CA LYS Z 27 -12.11 -12.33 56.10
C LYS Z 27 -12.61 -11.69 57.39
N VAL Z 28 -11.97 -10.59 57.78
CA VAL Z 28 -12.35 -9.82 58.96
C VAL Z 28 -12.58 -8.37 58.55
N ASP Z 29 -13.74 -7.83 58.91
CA ASP Z 29 -14.14 -6.46 58.59
C ASP Z 29 -14.35 -5.73 59.91
N SER Z 30 -13.37 -4.91 60.31
CA SER Z 30 -13.45 -4.21 61.58
C SER Z 30 -14.37 -2.99 61.55
N ALA Z 31 -14.63 -2.41 60.37
CA ALA Z 31 -15.55 -1.28 60.30
C ALA Z 31 -16.98 -1.73 60.63
N ARG Z 32 -17.46 -2.79 60.00
CA ARG Z 32 -18.77 -3.35 60.26
C ARG Z 32 -18.78 -4.34 61.42
N GLU Z 33 -17.60 -4.79 61.86
CA GLU Z 33 -17.47 -5.80 62.92
C GLU Z 33 -18.21 -7.09 62.57
N VAL Z 34 -17.93 -7.60 61.37
CA VAL Z 34 -18.37 -8.91 60.92
C VAL Z 34 -17.17 -9.63 60.33
N CYS Z 35 -17.28 -10.95 60.25
CA CYS Z 35 -16.33 -11.78 59.53
C CYS Z 35 -17.07 -12.56 58.45
N LEU Z 36 -16.34 -12.91 57.39
CA LEU Z 36 -16.80 -13.91 56.45
C LEU Z 36 -16.34 -15.27 56.96
N VAL Z 37 -17.30 -16.11 57.33
CA VAL Z 37 -17.02 -17.43 57.92
C VAL Z 37 -17.38 -18.48 56.89
N GLN Z 38 -16.47 -19.43 56.67
CA GLN Z 38 -16.74 -20.58 55.83
C GLN Z 38 -17.02 -21.78 56.72
N PHE Z 39 -18.13 -22.45 56.47
CA PHE Z 39 -18.62 -23.50 57.35
C PHE Z 39 -18.19 -24.86 56.82
N GLU Z 40 -18.67 -25.93 57.46
CA GLU Z 40 -18.24 -27.27 57.10
C GLU Z 40 -18.64 -27.62 55.68
N ASP Z 41 -19.82 -27.17 55.24
CA ASP Z 41 -20.31 -27.44 53.89
C ASP Z 41 -19.76 -26.46 52.85
N ASP Z 42 -18.60 -25.86 53.12
CA ASP Z 42 -17.92 -24.91 52.23
C ASP Z 42 -18.75 -23.67 51.94
N SER Z 43 -19.90 -23.49 52.59
CA SER Z 43 -20.63 -22.24 52.43
C SER Z 43 -19.94 -21.11 53.16
N GLN Z 44 -20.28 -19.87 52.79
CA GLN Z 44 -19.63 -18.69 53.34
C GLN Z 44 -20.67 -17.62 53.64
N PHE Z 45 -20.73 -17.15 54.88
CA PHE Z 45 -21.66 -16.11 55.26
C PHE Z 45 -20.97 -15.11 56.18
N LEU Z 46 -21.49 -13.89 56.20
CA LEU Z 46 -21.03 -12.85 57.11
C LEU Z 46 -21.73 -13.01 58.45
N VAL Z 47 -20.92 -13.08 59.51
CA VAL Z 47 -21.41 -13.23 60.88
C VAL Z 47 -20.85 -12.08 61.71
N LEU Z 48 -21.70 -11.51 62.56
CA LEU Z 48 -21.25 -10.49 63.50
C LEU Z 48 -20.18 -11.04 64.42
N TRP Z 49 -19.32 -10.14 64.91
CA TRP Z 49 -18.28 -10.53 65.86
C TRP Z 49 -18.89 -11.09 67.14
N LYS Z 50 -19.99 -10.49 67.60
CA LYS Z 50 -20.61 -10.90 68.85
C LYS Z 50 -21.11 -12.34 68.82
N ASP Z 51 -21.29 -12.91 67.62
CA ASP Z 51 -21.76 -14.29 67.45
C ASP Z 51 -20.66 -15.23 66.99
N ILE Z 52 -19.40 -14.83 67.13
CA ILE Z 52 -18.25 -15.65 66.77
C ILE Z 52 -17.37 -15.79 68.00
N SER Z 53 -16.87 -17.00 68.25
CA SER Z 53 -15.90 -17.15 69.32
C SER Z 53 -14.95 -18.30 69.03
N PRO Z 54 -13.64 -18.10 69.20
CA PRO Z 54 -12.68 -19.17 68.97
C PRO Z 54 -12.56 -20.15 70.13
N ALA Z 55 -13.31 -19.93 71.20
CA ALA Z 55 -13.22 -20.77 72.39
C ALA Z 55 -14.61 -20.95 72.97
N ALA Z 56 -14.79 -22.05 73.70
CA ALA Z 56 -16.08 -22.36 74.29
C ALA Z 56 -15.86 -23.08 75.61
N LEU Z 57 -16.80 -22.89 76.53
CA LEU Z 57 -16.83 -23.62 77.79
C LEU Z 57 -17.97 -24.63 77.73
N PRO Z 58 -17.70 -25.93 77.86
CA PRO Z 58 -18.78 -26.91 77.85
C PRO Z 58 -19.75 -26.67 79.00
N GLY Z 59 -20.99 -27.07 78.80
CA GLY Z 59 -22.00 -26.86 79.83
C GLY Z 59 -23.37 -27.29 79.40
N GLU Z 60 -24.36 -26.83 80.15
CA GLU Z 60 -25.78 -27.17 79.97
C GLU Z 60 -26.26 -27.11 78.53
N ARG AA 2 -40.88 -39.36 48.40
CA ARG AA 2 -39.92 -39.79 47.40
C ARG AA 2 -38.49 -39.50 47.89
N PRO AA 3 -37.51 -40.21 47.36
CA PRO AA 3 -36.12 -39.95 47.74
C PRO AA 3 -35.57 -38.71 47.03
N ARG AA 4 -34.42 -38.26 47.53
CA ARG AA 4 -33.77 -37.06 47.02
C ARG AA 4 -33.34 -37.23 45.57
N LEU AA 5 -32.78 -38.40 45.25
CA LEU AA 5 -32.20 -38.67 43.94
C LEU AA 5 -32.94 -39.83 43.28
N TRP AA 6 -33.02 -39.78 41.95
CA TRP AA 6 -33.70 -40.82 41.19
C TRP AA 6 -33.12 -40.87 39.79
N GLU AA 7 -33.40 -41.97 39.09
CA GLU AA 7 -32.87 -42.17 37.76
C GLU AA 7 -33.52 -41.19 36.78
N GLY AA 8 -32.72 -40.71 35.83
CA GLY AA 8 -33.15 -39.70 34.88
C GLY AA 8 -32.98 -38.28 35.34
N GLN AA 9 -32.58 -38.07 36.60
CA GLN AA 9 -32.49 -36.74 37.17
C GLN AA 9 -31.15 -36.10 36.82
N ASP AA 10 -31.20 -34.81 36.45
CA ASP AA 10 -29.99 -34.05 36.19
C ASP AA 10 -29.44 -33.50 37.50
N VAL AA 11 -28.12 -33.63 37.68
CA VAL AA 11 -27.48 -33.26 38.93
C VAL AA 11 -26.10 -32.66 38.65
N LEU AA 12 -25.59 -31.96 39.66
CA LEU AA 12 -24.19 -31.60 39.75
C LEU AA 12 -23.47 -32.60 40.65
N ALA AA 13 -22.30 -33.04 40.20
CA ALA AA 13 -21.51 -34.02 40.95
C ALA AA 13 -20.10 -33.50 41.15
N ARG AA 14 -19.56 -33.70 42.35
CA ARG AA 14 -18.21 -33.29 42.69
C ARG AA 14 -17.24 -34.38 42.27
N TRP AA 15 -16.37 -34.07 41.32
CA TRP AA 15 -15.38 -35.01 40.81
C TRP AA 15 -14.16 -35.03 41.74
N THR AA 16 -13.19 -35.91 41.45
CA THR AA 16 -12.02 -36.00 42.31
C THR AA 16 -11.13 -34.77 42.20
N ASP AA 17 -11.17 -34.06 41.07
CA ASP AA 17 -10.39 -32.83 40.94
C ASP AA 17 -10.99 -31.68 41.73
N GLY AA 18 -12.08 -31.92 42.47
CA GLY AA 18 -12.70 -30.90 43.29
C GLY AA 18 -13.73 -30.03 42.60
N LEU AA 19 -13.92 -30.17 41.28
CA LEU AA 19 -14.87 -29.35 40.54
C LEU AA 19 -16.22 -30.03 40.42
N LEU AA 20 -17.25 -29.23 40.15
CA LEU AA 20 -18.59 -29.75 39.93
C LEU AA 20 -18.82 -29.96 38.43
N TYR AA 21 -19.29 -31.14 38.06
CA TYR AA 21 -19.66 -31.46 36.70
C TYR AA 21 -21.14 -31.80 36.64
N LEU AA 22 -21.73 -31.62 35.46
CA LEU AA 22 -23.16 -31.82 35.26
C LEU AA 22 -23.41 -33.20 34.65
N GLY AA 23 -24.30 -33.97 35.27
CA GLY AA 23 -24.58 -35.30 34.79
C GLY AA 23 -26.03 -35.68 35.03
N THR AA 24 -26.34 -36.94 34.68
CA THR AA 24 -27.66 -37.50 34.88
C THR AA 24 -27.52 -38.84 35.61
N ILE AA 25 -28.32 -39.04 36.66
CA ILE AA 25 -28.26 -40.27 37.45
C ILE AA 25 -28.74 -41.45 36.62
N LYS AA 26 -27.90 -42.49 36.55
CA LYS AA 26 -28.24 -43.70 35.81
C LYS AA 26 -28.74 -44.84 36.70
N LYS AA 27 -28.35 -44.86 37.98
CA LYS AA 27 -28.83 -45.87 38.91
C LYS AA 27 -28.55 -45.41 40.33
N VAL AA 28 -29.49 -45.66 41.23
CA VAL AA 28 -29.38 -45.29 42.63
C VAL AA 28 -29.09 -46.54 43.45
N ASP AA 29 -28.18 -46.42 44.41
CA ASP AA 29 -27.77 -47.53 45.29
C ASP AA 29 -27.88 -47.03 46.72
N SER AA 30 -29.03 -47.24 47.34
CA SER AA 30 -29.25 -46.76 48.70
C SER AA 30 -28.51 -47.60 49.75
N ALA AA 31 -28.11 -48.82 49.41
CA ALA AA 31 -27.35 -49.64 50.34
C ALA AA 31 -25.98 -49.02 50.60
N ARG AA 32 -25.23 -48.74 49.53
CA ARG AA 32 -23.93 -48.09 49.64
C ARG AA 32 -24.01 -46.57 49.61
N GLU AA 33 -25.19 -46.00 49.33
CA GLU AA 33 -25.38 -44.55 49.21
C GLU AA 33 -24.44 -43.95 48.15
N VAL AA 34 -24.56 -44.50 46.95
CA VAL AA 34 -23.88 -43.96 45.77
C VAL AA 34 -24.89 -43.88 44.64
N CYS AA 35 -24.47 -43.27 43.54
CA CYS AA 35 -25.23 -43.31 42.31
C CYS AA 35 -24.27 -43.55 41.15
N LEU AA 36 -24.76 -44.21 40.11
CA LEU AA 36 -24.07 -44.22 38.83
C LEU AA 36 -24.47 -42.96 38.08
N VAL AA 37 -23.52 -42.05 37.88
CA VAL AA 37 -23.77 -40.76 37.26
C VAL AA 37 -23.12 -40.77 35.88
N GLN AA 38 -23.90 -40.47 34.85
CA GLN AA 38 -23.39 -40.33 33.49
C GLN AA 38 -23.12 -38.87 33.20
N PHE AA 39 -21.96 -38.58 32.63
CA PHE AA 39 -21.49 -37.23 32.40
C PHE AA 39 -21.57 -36.89 30.91
N GLU AA 40 -21.42 -35.59 30.62
CA GLU AA 40 -21.65 -35.10 29.26
C GLU AA 40 -20.77 -35.79 28.22
N ASP AA 41 -19.64 -36.35 28.64
CA ASP AA 41 -18.78 -37.12 27.73
C ASP AA 41 -19.20 -38.58 27.63
N ASP AA 42 -20.38 -38.93 28.13
CA ASP AA 42 -20.88 -40.31 28.14
C ASP AA 42 -19.91 -41.24 28.87
N SER AA 43 -19.52 -40.83 30.06
CA SER AA 43 -18.80 -41.70 30.98
C SER AA 43 -19.66 -41.90 32.23
N GLN AA 44 -19.38 -42.97 32.96
CA GLN AA 44 -20.21 -43.33 34.11
C GLN AA 44 -19.31 -43.70 35.27
N PHE AA 45 -19.57 -43.10 36.44
CA PHE AA 45 -18.79 -43.35 37.63
C PHE AA 45 -19.70 -43.32 38.85
N LEU AA 46 -19.34 -44.13 39.83
CA LEU AA 46 -20.06 -44.19 41.09
C LEU AA 46 -19.66 -43.01 41.95
N VAL AA 47 -20.64 -42.18 42.31
CA VAL AA 47 -20.43 -40.97 43.10
C VAL AA 47 -21.25 -41.08 44.37
N LEU AA 48 -20.63 -40.81 45.50
CA LEU AA 48 -21.35 -40.77 46.77
C LEU AA 48 -22.48 -39.76 46.70
N TRP AA 49 -23.58 -40.09 47.39
CA TRP AA 49 -24.70 -39.15 47.49
C TRP AA 49 -24.23 -37.80 47.98
N LYS AA 50 -23.29 -37.77 48.93
CA LYS AA 50 -22.88 -36.51 49.53
C LYS AA 50 -22.29 -35.53 48.53
N ASP AA 51 -21.82 -36.00 47.38
CA ASP AA 51 -21.23 -35.14 46.36
C ASP AA 51 -22.15 -34.95 45.16
N ILE AA 52 -23.44 -35.22 45.33
CA ILE AA 52 -24.45 -35.08 44.28
C ILE AA 52 -25.52 -34.13 44.78
N SER AA 53 -25.84 -33.12 43.96
CA SER AA 53 -26.89 -32.18 44.29
C SER AA 53 -27.72 -31.95 43.03
N PRO AA 54 -29.05 -32.09 43.12
CA PRO AA 54 -29.90 -31.73 41.98
C PRO AA 54 -30.13 -30.24 41.84
N ALA AA 55 -29.85 -29.46 42.88
CA ALA AA 55 -30.04 -28.02 42.89
C ALA AA 55 -28.73 -27.35 43.28
N ALA AA 56 -28.56 -26.11 42.82
CA ALA AA 56 -27.34 -25.37 43.08
C ALA AA 56 -27.68 -23.93 43.44
N LEU AA 57 -26.84 -23.34 44.28
CA LEU AA 57 -26.99 -21.95 44.69
C LEU AA 57 -25.87 -21.14 44.01
N PRO AA 58 -26.20 -20.22 43.10
CA PRO AA 58 -25.14 -19.48 42.41
C PRO AA 58 -24.31 -18.65 43.38
N GLY AA 59 -23.02 -18.63 43.15
CA GLY AA 59 -22.13 -17.91 44.05
C GLY AA 59 -20.77 -17.69 43.42
N GLU AA 60 -19.84 -17.24 44.25
CA GLU AA 60 -18.48 -16.94 43.80
C GLU AA 60 -17.46 -17.73 44.59
N GLU AA 61 -16.32 -18.02 43.96
N ARG BA 2 -9.17 -8.17 37.85
CA ARG BA 2 -9.72 -9.10 36.87
C ARG BA 2 -11.26 -9.07 36.92
N PRO BA 3 -11.91 -9.41 35.81
CA PRO BA 3 -13.37 -9.48 35.82
C PRO BA 3 -13.85 -10.84 36.32
N ARG BA 4 -15.12 -10.87 36.72
CA ARG BA 4 -15.71 -12.12 37.21
C ARG BA 4 -15.93 -13.12 36.08
N LEU BA 5 -16.16 -12.64 34.86
CA LEU BA 5 -16.48 -13.48 33.72
C LEU BA 5 -15.54 -13.17 32.56
N TRP BA 6 -15.12 -14.22 31.85
CA TRP BA 6 -14.25 -14.03 30.68
C TRP BA 6 -14.58 -15.07 29.62
N GLU BA 7 -14.06 -14.83 28.41
CA GLU BA 7 -14.30 -15.75 27.31
C GLU BA 7 -13.66 -17.10 27.60
N GLY BA 8 -14.32 -18.16 27.16
CA GLY BA 8 -13.87 -19.52 27.38
C GLY BA 8 -14.19 -20.10 28.75
N GLN BA 9 -14.77 -19.30 29.64
CA GLN BA 9 -15.03 -19.73 31.01
C GLN BA 9 -16.35 -20.52 31.10
N ASP BA 10 -16.29 -21.69 31.72
CA ASP BA 10 -17.48 -22.51 31.92
C ASP BA 10 -18.29 -21.96 33.09
N VAL BA 11 -19.61 -21.89 32.90
CA VAL BA 11 -20.49 -21.23 33.87
C VAL BA 11 -21.86 -21.89 33.88
N LEU BA 12 -22.63 -21.61 34.92
CA LEU BA 12 -24.05 -21.90 34.97
C LEU BA 12 -24.83 -20.62 34.65
N ALA BA 13 -25.80 -20.73 33.74
CA ALA BA 13 -26.59 -19.59 33.31
C ALA BA 13 -28.06 -19.86 33.55
N ARG BA 14 -28.73 -18.93 34.24
CA ARG BA 14 -30.16 -19.07 34.48
C ARG BA 14 -30.94 -18.78 33.20
N TRP BA 15 -31.87 -19.67 32.86
CA TRP BA 15 -32.68 -19.55 31.67
C TRP BA 15 -34.07 -19.00 32.02
N THR BA 16 -34.87 -18.74 30.98
CA THR BA 16 -36.19 -18.16 31.21
C THR BA 16 -37.15 -19.12 31.89
N ASP BA 17 -36.88 -20.42 31.83
CA ASP BA 17 -37.71 -21.41 32.52
C ASP BA 17 -37.38 -21.52 34.00
N GLY BA 18 -36.44 -20.70 34.50
CA GLY BA 18 -36.07 -20.72 35.89
C GLY BA 18 -34.94 -21.67 36.25
N LEU BA 19 -34.49 -22.50 35.32
CA LEU BA 19 -33.50 -23.52 35.59
C LEU BA 19 -32.10 -23.06 35.19
N LEU BA 20 -31.10 -23.71 35.78
CA LEU BA 20 -29.69 -23.41 35.51
C LEU BA 20 -29.12 -24.41 34.51
N TYR BA 21 -28.54 -23.89 33.44
CA TYR BA 21 -27.90 -24.71 32.43
C TYR BA 21 -26.40 -24.43 32.41
N LEU BA 22 -25.67 -25.34 31.76
CA LEU BA 22 -24.21 -25.27 31.71
C LEU BA 22 -23.79 -24.78 30.34
N GLY BA 23 -22.91 -23.78 30.31
CA GLY BA 23 -22.40 -23.27 29.06
C GLY BA 23 -21.01 -22.72 29.22
N THR BA 24 -20.46 -22.24 28.11
CA THR BA 24 -19.16 -21.59 28.06
C THR BA 24 -19.35 -20.21 27.46
N ILE BA 25 -18.75 -19.20 28.09
CA ILE BA 25 -18.89 -17.82 27.63
C ILE BA 25 -18.12 -17.63 26.34
N LYS BA 26 -18.78 -17.04 25.33
CA LYS BA 26 -18.15 -16.78 24.04
C LYS BA 26 -17.81 -15.32 23.81
N LYS BA 27 -18.55 -14.38 24.40
CA LYS BA 27 -18.26 -12.96 24.29
C LYS BA 27 -18.75 -12.25 25.55
N VAL BA 28 -17.99 -11.26 26.01
CA VAL BA 28 -18.37 -10.43 27.14
C VAL BA 28 -18.64 -9.01 26.64
N ASP BA 29 -19.69 -8.39 27.18
CA ASP BA 29 -20.14 -7.05 26.76
C ASP BA 29 -20.45 -6.25 28.02
N SER BA 30 -19.46 -5.48 28.50
CA SER BA 30 -19.62 -4.73 29.74
C SER BA 30 -20.50 -3.50 29.61
N ALA BA 31 -20.83 -3.07 28.38
CA ALA BA 31 -21.76 -1.96 28.21
C ALA BA 31 -23.19 -2.36 28.59
N ARG BA 32 -23.69 -3.42 27.96
CA ARG BA 32 -25.01 -3.95 28.31
C ARG BA 32 -24.97 -4.88 29.53
N GLU BA 33 -23.77 -5.25 29.99
CA GLU BA 33 -23.58 -6.21 31.09
C GLU BA 33 -24.28 -7.54 30.79
N VAL BA 34 -24.03 -8.05 29.58
CA VAL BA 34 -24.47 -9.37 29.17
C VAL BA 34 -23.26 -10.11 28.62
N CYS BA 35 -23.36 -11.44 28.57
CA CYS BA 35 -22.43 -12.27 27.84
C CYS BA 35 -23.16 -13.04 26.76
N LEU BA 36 -22.42 -13.43 25.72
CA LEU BA 36 -22.89 -14.45 24.80
C LEU BA 36 -22.49 -15.80 25.37
N VAL BA 37 -23.48 -16.64 25.69
CA VAL BA 37 -23.26 -17.95 26.27
C VAL BA 37 -23.67 -19.01 25.25
N GLN BA 38 -22.76 -19.93 24.97
CA GLN BA 38 -23.06 -21.09 24.14
C GLN BA 38 -23.35 -22.28 25.07
N PHE BA 39 -24.48 -22.92 24.85
CA PHE BA 39 -24.93 -24.00 25.73
C PHE BA 39 -24.57 -25.35 25.13
N GLU BA 40 -24.98 -26.42 25.84
CA GLU BA 40 -24.57 -27.77 25.45
C GLU BA 40 -25.07 -28.14 24.07
N ASP BA 41 -26.24 -27.63 23.67
CA ASP BA 41 -26.79 -27.87 22.34
C ASP BA 41 -26.28 -26.87 21.31
N ASP BA 42 -25.17 -26.20 21.58
CA ASP BA 42 -24.53 -25.22 20.71
C ASP BA 42 -25.40 -23.99 20.44
N SER BA 43 -26.50 -23.82 21.18
CA SER BA 43 -27.30 -22.61 21.05
C SER BA 43 -26.64 -21.47 21.80
N GLN BA 44 -26.74 -20.25 21.25
CA GLN BA 44 -26.06 -19.08 21.78
C GLN BA 44 -27.08 -17.98 22.07
N PHE BA 45 -27.06 -17.47 23.30
CA PHE BA 45 -27.97 -16.40 23.69
C PHE BA 45 -27.23 -15.41 24.57
N LEU BA 46 -27.78 -14.20 24.64
CA LEU BA 46 -27.28 -13.17 25.53
C LEU BA 46 -27.94 -13.32 26.89
N VAL BA 47 -27.12 -13.43 27.94
CA VAL BA 47 -27.58 -13.58 29.31
C VAL BA 47 -26.98 -12.46 30.14
N LEU BA 48 -27.79 -11.85 30.99
CA LEU BA 48 -27.30 -10.84 31.91
C LEU BA 48 -26.26 -11.44 32.86
N TRP BA 49 -25.38 -10.58 33.37
CA TRP BA 49 -24.35 -11.04 34.29
C TRP BA 49 -24.93 -11.57 35.59
N LYS BA 50 -26.08 -11.01 36.01
CA LYS BA 50 -26.71 -11.43 37.26
C LYS BA 50 -27.14 -12.88 37.25
N ASP BA 51 -27.33 -13.48 36.07
CA ASP BA 51 -27.79 -14.85 35.94
C ASP BA 51 -26.70 -15.77 35.39
N ILE BA 52 -25.43 -15.37 35.52
CA ILE BA 52 -24.29 -16.18 35.15
C ILE BA 52 -23.39 -16.31 36.37
N SER BA 53 -22.89 -17.52 36.63
CA SER BA 53 -22.03 -17.75 37.77
C SER BA 53 -21.05 -18.84 37.40
N PRO BA 54 -19.74 -18.64 37.63
CA PRO BA 54 -18.76 -19.69 37.33
C PRO BA 54 -18.62 -20.72 38.43
N ALA BA 55 -19.26 -20.49 39.58
CA ALA BA 55 -19.16 -21.39 40.72
C ALA BA 55 -20.52 -21.54 41.36
N ALA BA 56 -20.74 -22.68 41.99
CA ALA BA 56 -22.02 -22.95 42.63
C ALA BA 56 -21.80 -23.65 43.97
N LEU BA 57 -22.77 -23.50 44.85
CA LEU BA 57 -22.81 -24.21 46.12
C LEU BA 57 -23.92 -25.24 46.08
N PRO BA 58 -23.64 -26.52 46.25
CA PRO BA 58 -24.70 -27.54 46.21
C PRO BA 58 -25.77 -27.26 47.26
N GLY BA 59 -27.00 -27.67 46.94
CA GLY BA 59 -28.12 -27.44 47.83
C GLY BA 59 -29.44 -28.08 47.43
N GLU BA 60 -30.52 -27.66 48.08
CA GLU BA 60 -31.86 -28.17 47.78
N ARG CA 2 -47.14 -39.61 16.97
CA ARG CA 2 -46.18 -40.07 15.97
C ARG CA 2 -44.76 -39.78 16.43
N PRO CA 3 -43.79 -40.58 15.99
CA PRO CA 3 -42.40 -40.34 16.36
C PRO CA 3 -41.85 -39.11 15.67
N ARG CA 4 -40.71 -38.65 16.19
CA ARG CA 4 -40.07 -37.43 15.70
C ARG CA 4 -39.58 -37.59 14.26
N LEU CA 5 -39.01 -38.74 13.94
CA LEU CA 5 -38.37 -39.00 12.66
C LEU CA 5 -39.09 -40.15 11.95
N TRP CA 6 -39.11 -40.09 10.63
CA TRP CA 6 -39.81 -41.12 9.86
C TRP CA 6 -39.23 -41.18 8.45
N GLU CA 7 -39.57 -42.28 7.75
CA GLU CA 7 -39.02 -42.51 6.43
C GLU CA 7 -39.61 -41.52 5.42
N GLY CA 8 -38.77 -41.10 4.47
CA GLY CA 8 -39.14 -40.08 3.50
C GLY CA 8 -38.95 -38.67 3.98
N GLN CA 9 -38.67 -38.46 5.26
CA GLN CA 9 -38.57 -37.13 5.85
C GLN CA 9 -37.24 -36.48 5.50
N ASP CA 10 -37.28 -35.20 5.14
CA ASP CA 10 -36.07 -34.43 4.87
C ASP CA 10 -35.53 -33.85 6.17
N VAL CA 11 -34.22 -34.02 6.40
CA VAL CA 11 -33.59 -33.62 7.65
C VAL CA 11 -32.19 -33.06 7.38
N LEU CA 12 -31.69 -32.32 8.36
CA LEU CA 12 -30.27 -32.00 8.43
C LEU CA 12 -29.57 -33.04 9.30
N ALA CA 13 -28.39 -33.46 8.87
CA ALA CA 13 -27.60 -34.46 9.59
C ALA CA 13 -26.18 -33.96 9.77
N ARG CA 14 -25.67 -34.04 11.00
CA ARG CA 14 -24.30 -33.65 11.29
C ARG CA 14 -23.34 -34.74 10.86
N TRP CA 15 -22.40 -34.41 9.99
CA TRP CA 15 -21.44 -35.37 9.46
C TRP CA 15 -20.21 -35.44 10.38
N THR CA 16 -19.31 -36.37 10.06
CA THR CA 16 -18.09 -36.50 10.86
C THR CA 16 -17.19 -35.29 10.71
N ASP CA 17 -17.27 -34.58 9.57
CA ASP CA 17 -16.48 -33.38 9.35
C ASP CA 17 -17.01 -32.17 10.10
N GLY CA 18 -18.06 -32.35 10.92
CA GLY CA 18 -18.61 -31.28 11.73
C GLY CA 18 -19.72 -30.46 11.09
N LEU CA 19 -19.99 -30.65 9.80
CA LEU CA 19 -20.92 -29.82 9.06
C LEU CA 19 -22.28 -30.49 8.90
N LEU CA 20 -23.31 -29.66 8.68
CA LEU CA 20 -24.67 -30.14 8.45
C LEU CA 20 -24.92 -30.34 6.97
N TYR CA 21 -25.45 -31.52 6.63
CA TYR CA 21 -25.83 -31.84 5.26
C TYR CA 21 -27.32 -32.15 5.23
N LEU CA 22 -27.90 -32.05 4.03
CA LEU CA 22 -29.33 -32.20 3.85
C LEU CA 22 -29.61 -33.57 3.25
N GLY CA 23 -30.42 -34.37 3.95
CA GLY CA 23 -30.70 -35.72 3.50
C GLY CA 23 -32.16 -36.09 3.70
N THR CA 24 -32.48 -37.34 3.36
CA THR CA 24 -33.81 -37.90 3.55
C THR CA 24 -33.69 -39.24 4.26
N ILE CA 25 -34.44 -39.39 5.36
CA ILE CA 25 -34.39 -40.62 6.14
C ILE CA 25 -34.90 -41.79 5.30
N LYS CA 26 -34.13 -42.87 5.25
CA LYS CA 26 -34.52 -44.08 4.53
C LYS CA 26 -35.00 -45.21 5.45
N LYS CA 27 -34.47 -45.29 6.67
CA LYS CA 27 -34.89 -46.30 7.62
C LYS CA 27 -34.66 -45.78 9.02
N VAL CA 28 -35.65 -45.99 9.90
CA VAL CA 28 -35.57 -45.60 11.31
C VAL CA 28 -35.36 -46.84 12.16
N ASP CA 29 -34.42 -46.76 13.09
CA ASP CA 29 -34.05 -47.87 13.96
C ASP CA 29 -34.19 -47.39 15.40
N SER CA 30 -35.39 -47.55 15.97
CA SER CA 30 -35.63 -47.11 17.33
C SER CA 30 -34.90 -47.95 18.36
N ALA CA 31 -34.47 -49.16 17.99
CA ALA CA 31 -33.72 -50.00 18.92
C ALA CA 31 -32.36 -49.41 19.24
N ARG CA 32 -31.60 -49.05 18.21
CA ARG CA 32 -30.29 -48.43 18.39
C ARG CA 32 -30.36 -46.91 18.43
N GLU CA 33 -31.48 -46.32 18.04
CA GLU CA 33 -31.65 -44.87 17.93
C GLU CA 33 -30.68 -44.27 16.90
N VAL CA 34 -30.77 -44.82 15.69
CA VAL CA 34 -30.07 -44.32 14.51
C VAL CA 34 -31.04 -44.31 13.34
N CYS CA 35 -30.65 -43.64 12.27
CA CYS CA 35 -31.40 -43.68 11.02
C CYS CA 35 -30.44 -43.89 9.87
N LEU CA 36 -30.94 -44.50 8.80
CA LEU CA 36 -30.19 -44.58 7.54
C LEU CA 36 -30.57 -43.37 6.70
N VAL CA 37 -29.64 -42.43 6.56
CA VAL CA 37 -29.89 -41.16 5.90
C VAL CA 37 -29.28 -41.21 4.51
N GLN CA 38 -30.04 -40.76 3.51
CA GLN CA 38 -29.56 -40.67 2.14
C GLN CA 38 -29.31 -39.20 1.82
N PHE CA 39 -28.10 -38.90 1.38
CA PHE CA 39 -27.66 -37.54 1.10
C PHE CA 39 -27.73 -37.24 -0.40
N GLU CA 40 -27.50 -35.97 -0.74
CA GLU CA 40 -27.71 -35.51 -2.11
C GLU CA 40 -26.85 -36.25 -3.12
N ASP CA 41 -25.73 -36.84 -2.69
CA ASP CA 41 -24.90 -37.64 -3.58
C ASP CA 41 -25.34 -39.10 -3.65
N ASP CA 42 -26.53 -39.41 -3.14
CA ASP CA 42 -27.09 -40.76 -3.13
C ASP CA 42 -26.26 -41.72 -2.30
N SER CA 43 -25.55 -41.21 -1.30
CA SER CA 43 -24.88 -42.05 -0.32
C SER CA 43 -25.79 -42.25 0.88
N GLN CA 44 -25.60 -43.37 1.58
CA GLN CA 44 -26.45 -43.72 2.72
C GLN CA 44 -25.59 -44.17 3.89
N PHE CA 45 -25.80 -43.54 5.05
CA PHE CA 45 -24.99 -43.81 6.23
C PHE CA 45 -25.88 -43.78 7.47
N LEU CA 46 -25.42 -44.44 8.52
CA LEU CA 46 -26.16 -44.56 9.76
C LEU CA 46 -25.79 -43.40 10.68
N VAL CA 47 -26.80 -42.63 11.09
CA VAL CA 47 -26.60 -41.41 11.87
C VAL CA 47 -27.42 -41.51 13.15
N LEU CA 48 -26.79 -41.25 14.28
CA LEU CA 48 -27.51 -41.19 15.55
C LEU CA 48 -28.58 -40.11 15.51
N TRP CA 49 -29.71 -40.38 16.19
CA TRP CA 49 -30.81 -39.43 16.25
C TRP CA 49 -30.35 -38.07 16.76
N LYS CA 50 -29.35 -38.05 17.64
CA LYS CA 50 -28.92 -36.78 18.24
C LYS CA 50 -28.42 -35.80 17.18
N ASP CA 51 -27.86 -36.30 16.08
CA ASP CA 51 -27.31 -35.45 15.03
C ASP CA 51 -28.23 -35.34 13.82
N ILE CA 52 -29.52 -35.62 14.00
CA ILE CA 52 -30.53 -35.53 12.95
C ILE CA 52 -31.60 -34.56 13.41
N SER CA 53 -31.97 -33.62 12.54
CA SER CA 53 -33.07 -32.72 12.86
C SER CA 53 -33.92 -32.42 11.62
N PRO CA 54 -35.24 -32.42 11.76
CA PRO CA 54 -36.10 -32.08 10.62
C PRO CA 54 -36.30 -30.59 10.46
N ALA CA 55 -35.98 -29.82 11.49
CA ALA CA 55 -36.16 -28.38 11.48
C ALA CA 55 -34.91 -27.70 11.99
N ALA CA 56 -34.70 -26.47 11.54
CA ALA CA 56 -33.50 -25.72 11.91
C ALA CA 56 -33.85 -24.25 12.11
N LEU CA 57 -33.14 -23.62 13.05
CA LEU CA 57 -33.22 -22.17 13.22
C LEU CA 57 -32.02 -21.53 12.53
N PRO CA 58 -32.22 -20.70 11.51
CA PRO CA 58 -31.09 -20.13 10.79
C PRO CA 58 -30.32 -19.14 11.67
N GLY CA 59 -28.99 -19.29 11.68
CA GLY CA 59 -28.13 -18.46 12.50
C GLY CA 59 -26.77 -18.22 11.91
N GLU CA 60 -25.85 -17.68 12.71
CA GLU CA 60 -24.51 -17.36 12.23
C GLU CA 60 -23.44 -18.07 13.06
N GLU CA 61 -22.30 -18.35 12.43
N ARG DA 2 -15.11 -9.24 6.02
CA ARG DA 2 -15.87 -9.81 4.91
C ARG DA 2 -17.36 -9.49 5.06
N PRO DA 3 -18.14 -9.74 4.00
CA PRO DA 3 -19.59 -9.79 4.17
C PRO DA 3 -20.04 -11.18 4.61
N ARG DA 4 -21.27 -11.24 5.12
CA ARG DA 4 -21.83 -12.50 5.60
C ARG DA 4 -22.07 -13.50 4.48
N LEU DA 5 -22.25 -13.02 3.25
CA LEU DA 5 -22.54 -13.87 2.11
C LEU DA 5 -21.59 -13.56 0.97
N TRP DA 6 -21.31 -14.57 0.14
CA TRP DA 6 -20.44 -14.39 -1.02
C TRP DA 6 -20.76 -15.47 -2.05
N GLU DA 7 -20.33 -15.23 -3.29
CA GLU DA 7 -20.57 -16.18 -4.35
C GLU DA 7 -19.93 -17.52 -4.02
N GLY DA 8 -20.51 -18.59 -4.57
CA GLY DA 8 -20.01 -19.94 -4.34
C GLY DA 8 -20.33 -20.53 -2.98
N GLN DA 9 -20.85 -19.74 -2.05
CA GLN DA 9 -21.13 -20.17 -0.69
C GLN DA 9 -22.43 -20.98 -0.62
N ASP DA 10 -22.41 -22.07 0.16
CA ASP DA 10 -23.59 -22.88 0.39
C ASP DA 10 -24.40 -22.32 1.56
N VAL DA 11 -25.72 -22.27 1.39
CA VAL DA 11 -26.60 -21.58 2.33
C VAL DA 11 -27.95 -22.28 2.40
N LEU DA 12 -28.69 -21.98 3.47
CA LEU DA 12 -30.11 -22.28 3.56
C LEU DA 12 -30.89 -21.02 3.19
N ALA DA 13 -31.89 -21.17 2.32
CA ALA DA 13 -32.69 -20.06 1.85
C ALA DA 13 -34.16 -20.31 2.17
N ARG DA 14 -34.82 -19.29 2.71
CA ARG DA 14 -36.24 -19.39 3.06
C ARG DA 14 -37.09 -19.14 1.82
N TRP DA 15 -37.94 -20.11 1.48
CA TRP DA 15 -38.77 -20.03 0.28
C TRP DA 15 -40.14 -19.46 0.64
N THR DA 16 -40.99 -19.28 -0.38
CA THR DA 16 -42.31 -18.69 -0.13
C THR DA 16 -43.26 -19.65 0.57
N ASP DA 17 -42.97 -20.94 0.55
CA ASP DA 17 -43.75 -21.90 1.33
C ASP DA 17 -43.36 -21.92 2.80
N GLY DA 18 -42.39 -21.12 3.20
CA GLY DA 18 -41.93 -21.06 4.56
C GLY DA 18 -40.80 -22.00 4.90
N LEU DA 19 -40.50 -22.98 4.06
CA LEU DA 19 -39.50 -23.99 4.33
C LEU DA 19 -38.12 -23.55 3.85
N LEU DA 20 -37.10 -24.14 4.45
CA LEU DA 20 -35.70 -23.84 4.14
C LEU DA 20 -35.17 -24.86 3.15
N TYR DA 21 -34.53 -24.37 2.09
CA TYR DA 21 -33.94 -25.23 1.08
C TYR DA 21 -32.43 -24.97 1.01
N LEU DA 22 -31.70 -25.96 0.50
CA LEU DA 22 -30.26 -25.83 0.34
C LEU DA 22 -29.96 -25.28 -1.04
N GLY DA 23 -29.05 -24.31 -1.10
CA GLY DA 23 -28.61 -23.76 -2.37
C GLY DA 23 -27.21 -23.21 -2.25
N THR DA 24 -26.72 -22.69 -3.37
CA THR DA 24 -25.42 -22.02 -3.44
C THR DA 24 -25.64 -20.62 -3.99
N ILE DA 25 -24.93 -19.65 -3.42
CA ILE DA 25 -25.06 -18.26 -3.85
C ILE DA 25 -24.31 -18.05 -5.15
N LYS DA 26 -25.00 -17.54 -6.17
CA LYS DA 26 -24.40 -17.25 -7.46
C LYS DA 26 -23.99 -15.80 -7.62
N LYS DA 27 -24.79 -14.84 -7.16
CA LYS DA 27 -24.45 -13.42 -7.24
C LYS DA 27 -24.93 -12.70 -5.98
N VAL DA 28 -24.20 -11.64 -5.62
CA VAL DA 28 -24.55 -10.80 -4.46
C VAL DA 28 -24.86 -9.40 -4.98
N ASP DA 29 -26.05 -8.91 -4.67
CA ASP DA 29 -26.52 -7.59 -5.08
C ASP DA 29 -26.76 -6.76 -3.81
N SER DA 30 -25.75 -6.00 -3.40
CA SER DA 30 -25.83 -5.29 -2.12
C SER DA 30 -26.66 -4.00 -2.18
N ALA DA 31 -27.13 -3.60 -3.37
CA ALA DA 31 -28.05 -2.48 -3.43
C ALA DA 31 -29.46 -2.90 -3.03
N ARG DA 32 -30.03 -3.87 -3.77
CA ARG DA 32 -31.31 -4.44 -3.37
C ARG DA 32 -31.21 -5.30 -2.12
N GLU DA 33 -29.99 -5.68 -1.73
CA GLU DA 33 -29.75 -6.60 -0.61
C GLU DA 33 -30.42 -7.95 -0.84
N VAL DA 34 -30.21 -8.51 -2.04
CA VAL DA 34 -30.68 -9.84 -2.40
C VAL DA 34 -29.47 -10.63 -2.92
N CYS DA 35 -29.69 -11.92 -3.13
CA CYS DA 35 -28.71 -12.78 -3.78
C CYS DA 35 -29.42 -13.64 -4.81
N LEU DA 36 -28.73 -13.92 -5.90
CA LEU DA 36 -29.19 -14.96 -6.84
C LEU DA 36 -28.75 -16.30 -6.27
N VAL DA 37 -29.72 -17.10 -5.83
CA VAL DA 37 -29.47 -18.40 -5.22
C VAL DA 37 -29.89 -19.48 -6.22
N GLN DA 38 -28.97 -20.40 -6.51
CA GLN DA 38 -29.27 -21.57 -7.32
C GLN DA 38 -29.55 -22.75 -6.39
N PHE DA 39 -30.69 -23.40 -6.59
CA PHE DA 39 -31.13 -24.48 -5.73
C PHE DA 39 -30.81 -25.82 -6.38
N GLU DA 40 -31.09 -26.91 -5.65
CA GLU DA 40 -30.67 -28.23 -6.10
C GLU DA 40 -31.38 -28.65 -7.39
N ASP DA 41 -32.55 -28.11 -7.67
CA ASP DA 41 -33.18 -28.33 -8.98
C ASP DA 41 -32.67 -27.37 -10.05
N ASP DA 42 -31.59 -26.64 -9.76
CA ASP DA 42 -30.95 -25.69 -10.66
C ASP DA 42 -31.81 -24.45 -10.94
N SER DA 43 -32.93 -24.28 -10.24
CA SER DA 43 -33.72 -23.07 -10.39
C SER DA 43 -33.09 -21.93 -9.59
N GLN DA 44 -33.11 -20.73 -10.17
CA GLN DA 44 -32.48 -19.57 -9.57
C GLN DA 44 -33.52 -18.50 -9.28
N PHE DA 45 -33.42 -17.87 -8.12
CA PHE DA 45 -34.30 -16.77 -7.75
C PHE DA 45 -33.53 -15.80 -6.86
N LEU DA 46 -34.09 -14.60 -6.74
CA LEU DA 46 -33.50 -13.57 -5.87
C LEU DA 46 -34.14 -13.68 -4.49
N VAL DA 47 -33.31 -13.90 -3.48
CA VAL DA 47 -33.76 -14.07 -2.11
C VAL DA 47 -33.13 -12.97 -1.27
N LEU DA 48 -33.96 -12.28 -0.48
CA LEU DA 48 -33.45 -11.25 0.41
C LEU DA 48 -32.43 -11.83 1.37
N TRP DA 49 -31.56 -10.97 1.90
CA TRP DA 49 -30.49 -11.43 2.78
C TRP DA 49 -31.05 -11.99 4.08
N LYS DA 50 -32.11 -11.36 4.61
CA LYS DA 50 -32.72 -11.81 5.86
C LYS DA 50 -33.31 -13.21 5.75
N ASP DA 51 -33.41 -13.77 4.55
CA ASP DA 51 -33.91 -15.12 4.35
C ASP DA 51 -32.82 -16.10 3.96
N ILE DA 52 -31.55 -15.69 4.07
CA ILE DA 52 -30.41 -16.52 3.73
C ILE DA 52 -29.52 -16.65 4.96
N SER DA 53 -29.01 -17.86 5.19
CA SER DA 53 -28.09 -18.07 6.29
C SER DA 53 -27.10 -19.13 5.84
N PRO DA 54 -25.81 -18.95 6.13
CA PRO DA 54 -24.82 -19.99 5.81
C PRO DA 54 -24.73 -21.08 6.86
N ALA DA 55 -25.35 -20.88 8.03
CA ALA DA 55 -25.26 -21.82 9.13
C ALA DA 55 -26.62 -21.99 9.78
N ALA DA 56 -26.80 -23.11 10.48
CA ALA DA 56 -28.09 -23.44 11.07
C ALA DA 56 -27.90 -24.11 12.41
N LEU DA 57 -28.85 -23.87 13.31
CA LEU DA 57 -28.90 -24.51 14.61
C LEU DA 57 -30.05 -25.50 14.64
N PRO DA 58 -29.79 -26.81 14.71
CA PRO DA 58 -30.90 -27.77 14.74
C PRO DA 58 -31.82 -27.53 15.92
N GLY DA 59 -33.09 -27.86 15.74
CA GLY DA 59 -34.05 -27.67 16.82
C GLY DA 59 -35.47 -28.14 16.54
N GLU DA 60 -36.42 -27.47 17.20
CA GLU DA 60 -37.84 -27.82 17.17
C GLU DA 60 -38.40 -27.97 15.76
N AYA EA 1 34.07 36.00 18.97
CA AYA EA 1 35.06 35.10 19.52
CB AYA EA 1 36.13 34.66 18.51
C AYA EA 1 35.73 35.77 20.73
O AYA EA 1 36.08 36.94 20.78
CT AYA EA 1 32.91 36.28 19.66
OT AYA EA 1 32.71 35.75 20.79
CM AYA EA 1 31.91 37.22 19.02
N THR EA 2 35.91 34.93 21.73
CA THR EA 2 36.37 35.34 23.05
C THR EA 2 37.62 34.55 23.45
N LYS EA 3 38.64 35.22 24.01
CA LYS EA 3 39.85 34.50 24.40
C LYS EA 3 39.57 33.52 25.52
N VAL EA 4 40.26 32.36 25.51
CA VAL EA 4 40.19 31.44 26.64
C VAL EA 4 41.34 31.74 27.59
N ALA EA 5 41.21 31.25 28.82
CA ALA EA 5 42.22 31.55 29.82
C ALA EA 5 42.26 30.43 30.86
N ARG EA 6 43.43 30.22 31.44
CA ARG EA 6 43.58 29.31 32.58
C ARG EA 6 43.59 30.17 33.82
N M3L EA 7 43.22 29.59 34.96
CA M3L EA 7 43.31 30.33 36.20
CB M3L EA 7 42.71 29.58 37.40
CG M3L EA 7 41.21 29.58 37.31
CD M3L EA 7 40.63 30.95 37.62
CE M3L EA 7 39.12 30.77 37.68
NZ M3L EA 7 38.27 31.99 37.98
C M3L EA 7 44.77 30.67 36.47
O M3L EA 7 45.70 29.88 36.29
CM1 M3L EA 7 38.29 32.91 36.80
CM2 M3L EA 7 38.74 32.71 39.19
CM3 M3L EA 7 36.88 31.50 38.22
N SER EA 8 44.97 31.93 36.89
CA SER EA 8 46.30 32.48 37.11
C SER EA 8 46.74 32.32 38.56
N AYA FA 1 29.93 23.42 16.55
CA AYA FA 1 30.80 23.57 17.69
CB AYA FA 1 30.11 24.35 18.81
C AYA FA 1 31.26 22.21 18.21
O AYA FA 1 30.62 21.17 18.11
CT AYA FA 1 30.37 22.90 15.36
OT AYA FA 1 31.57 22.55 15.24
CM AYA FA 1 29.36 22.76 14.24
N THR FA 2 32.44 22.23 18.81
CA THR FA 2 33.08 21.04 19.38
C THR FA 2 33.01 21.02 20.91
N LYS FA 3 32.69 19.86 21.48
CA LYS FA 3 32.65 19.74 22.93
C LYS FA 3 34.03 19.95 23.53
N VAL FA 4 34.06 20.66 24.68
CA VAL FA 4 35.29 20.85 25.45
C VAL FA 4 35.38 19.74 26.49
N ALA FA 5 36.58 19.54 27.01
CA ALA FA 5 36.82 18.47 27.97
C ALA FA 5 38.00 18.83 28.85
N ARG FA 6 38.02 18.26 30.05
CA ARG FA 6 39.20 18.32 30.90
C ARG FA 6 39.93 16.98 30.84
N M3L FA 7 41.22 17.00 31.14
CA M3L FA 7 41.99 15.78 31.25
CB M3L FA 7 43.48 16.04 31.51
CG M3L FA 7 44.19 16.63 30.31
CD M3L FA 7 44.13 15.67 29.13
CE M3L FA 7 45.12 16.17 28.07
NZ M3L FA 7 45.24 15.29 26.86
C M3L FA 7 41.44 14.97 32.41
O M3L FA 7 41.09 15.47 33.48
CM1 M3L FA 7 43.93 15.15 26.17
CM2 M3L FA 7 45.76 13.93 27.23
CM3 M3L FA 7 46.22 15.96 25.93
N SER FA 8 41.34 13.66 32.19
CA SER FA 8 40.77 12.75 33.18
C SER FA 8 41.87 12.03 33.93
N AYA GA 1 27.78 35.86 -12.70
CA AYA GA 1 28.73 34.91 -12.19
CB AYA GA 1 29.74 34.42 -13.24
C AYA GA 1 29.45 35.56 -11.02
O AYA GA 1 29.85 36.73 -10.99
CT AYA GA 1 26.61 36.10 -11.98
OT AYA GA 1 26.40 35.49 -10.90
CM AYA GA 1 25.64 37.13 -12.54
N THR GA 2 29.60 34.74 -10.00
CA THR GA 2 30.03 35.17 -8.69
C THR GA 2 31.29 34.39 -8.29
N LYS GA 3 32.29 35.04 -7.68
CA LYS GA 3 33.51 34.32 -7.31
C LYS GA 3 33.22 33.35 -6.17
N VAL GA 4 33.90 32.19 -6.20
CA VAL GA 4 33.82 31.25 -5.10
C VAL GA 4 34.96 31.55 -4.13
N ALA GA 5 34.80 31.07 -2.90
CA ALA GA 5 35.79 31.36 -1.87
C ALA GA 5 35.84 30.22 -0.87
N ARG GA 6 37.02 30.03 -0.29
CA ARG GA 6 37.15 29.14 0.87
C ARG GA 6 37.15 29.99 2.13
N M3L GA 7 36.76 29.41 3.25
CA M3L GA 7 36.88 30.13 4.50
CB M3L GA 7 36.28 29.37 5.70
CG M3L GA 7 34.77 29.33 5.65
CD M3L GA 7 34.18 30.72 5.87
CE M3L GA 7 32.66 30.55 5.91
NZ M3L GA 7 31.83 31.78 6.19
C M3L GA 7 38.34 30.43 4.75
O M3L GA 7 39.23 29.60 4.52
CM1 M3L GA 7 31.80 32.69 5.00
CM2 M3L GA 7 32.36 32.52 7.38
CM3 M3L GA 7 30.44 31.32 6.48
N SER GA 8 38.59 31.65 5.19
CA SER GA 8 39.94 32.13 5.53
C SER GA 8 40.68 31.16 6.47
N AYA HA 1 23.48 23.18 -15.22
CA AYA HA 1 24.36 23.41 -14.10
CB AYA HA 1 23.66 24.15 -12.95
C AYA HA 1 24.86 22.06 -13.60
O AYA HA 1 24.21 21.05 -13.72
CT AYA HA 1 23.92 22.64 -16.41
OT AYA HA 1 25.11 22.34 -16.58
CM AYA HA 1 22.88 22.45 -17.49
N THR HA 2 26.05 22.09 -13.01
CA THR HA 2 26.68 20.89 -12.46
C THR HA 2 26.57 20.86 -10.92
N LYS HA 3 26.28 19.69 -10.35
CA LYS HA 3 26.23 19.60 -8.89
C LYS HA 3 27.60 19.84 -8.28
N VAL HA 4 27.61 20.53 -7.13
CA VAL HA 4 28.83 20.70 -6.35
C VAL HA 4 28.89 19.58 -5.32
N ALA HA 5 30.09 19.38 -4.77
CA ALA HA 5 30.29 18.27 -3.84
C ALA HA 5 31.47 18.60 -2.95
N ARG HA 6 31.48 18.00 -1.76
CA ARG HA 6 32.62 18.07 -0.86
C ARG HA 6 33.38 16.75 -0.92
N M3L HA 7 34.67 16.80 -0.63
CA M3L HA 7 35.44 15.58 -0.52
CB M3L HA 7 36.93 15.83 -0.31
CG M3L HA 7 37.56 16.45 -1.55
CD M3L HA 7 37.64 15.43 -2.69
CE M3L HA 7 38.62 15.93 -3.74
NZ M3L HA 7 38.76 15.04 -4.95
C M3L HA 7 34.91 14.75 0.66
O M3L HA 7 34.52 15.26 1.71
CM1 M3L HA 7 37.44 14.85 -5.62
CM2 M3L HA 7 39.31 13.70 -4.57
CM3 M3L HA 7 39.71 15.68 -5.92
N SER HA 8 34.89 13.43 0.47
CA SER HA 8 34.39 12.55 1.53
C SER HA 8 35.52 11.72 2.13
N AYA IA 1 40.47 36.09 50.65
CA AYA IA 1 41.41 35.20 51.30
CB AYA IA 1 42.48 34.66 50.35
C AYA IA 1 42.09 35.93 52.47
O AYA IA 1 42.43 37.11 52.50
CT AYA IA 1 39.31 36.45 51.32
OT AYA IA 1 39.10 36.02 52.47
CM AYA IA 1 38.35 37.37 50.60
N THR IA 2 42.31 35.13 53.49
CA THR IA 2 42.79 35.57 54.79
C THR IA 2 44.06 34.81 55.17
N LYS IA 3 45.08 35.49 55.70
CA LYS IA 3 46.31 34.79 56.09
C LYS IA 3 46.02 33.82 57.23
N VAL IA 4 46.74 32.68 57.22
CA VAL IA 4 46.68 31.76 58.34
C VAL IA 4 47.85 32.07 59.28
N ALA IA 5 47.75 31.55 60.50
CA ALA IA 5 48.74 31.88 61.51
C ALA IA 5 48.78 30.75 62.53
N ARG IA 6 49.95 30.53 63.09
CA ARG IA 6 50.11 29.66 64.24
C ARG IA 6 50.14 30.52 65.49
N M3L IA 7 49.79 29.93 66.63
CA M3L IA 7 49.95 30.62 67.89
CB M3L IA 7 49.29 29.87 69.04
CG M3L IA 7 47.78 29.91 68.92
CD M3L IA 7 47.22 31.24 69.39
CE M3L IA 7 45.70 31.07 69.44
NZ M3L IA 7 44.86 32.30 69.69
C M3L IA 7 51.44 30.79 68.17
O M3L IA 7 52.25 29.87 68.04
CM1 M3L IA 7 44.88 33.21 68.53
CM2 M3L IA 7 45.29 33.02 70.93
CM3 M3L IA 7 43.46 31.81 69.88
N SER IA 8 51.81 32.01 68.55
CA SER IA 8 53.22 32.34 68.75
C SER IA 8 53.69 32.02 70.17
N ALA IA 9 54.78 31.26 70.29
CA ALA IA 9 55.31 30.88 71.60
C ALA IA 9 56.52 31.74 71.99
N AYA JA 1 36.46 23.66 48.35
CA AYA JA 1 37.37 23.81 49.46
CB AYA JA 1 36.72 24.62 50.58
C AYA JA 1 37.81 22.45 50.02
O AYA JA 1 37.15 21.43 49.95
CT AYA JA 1 36.87 23.13 47.15
OT AYA JA 1 38.05 22.78 46.99
CM AYA JA 1 35.80 23.02 46.07
N THR JA 2 38.99 22.47 50.64
CA THR JA 2 39.62 21.28 51.17
C THR JA 2 39.57 21.27 52.70
N LYS JA 3 39.22 20.11 53.28
CA LYS JA 3 39.18 20.00 54.74
C LYS JA 3 40.56 20.22 55.34
N VAL JA 4 40.58 20.91 56.50
CA VAL JA 4 41.80 21.09 57.27
C VAL JA 4 41.90 19.99 58.30
N ALA JA 5 43.12 19.77 58.80
CA ALA JA 5 43.36 18.69 59.75
C ALA JA 5 44.54 19.07 60.63
N ARG JA 6 44.56 18.54 61.85
CA ARG JA 6 45.72 18.61 62.72
C ARG JA 6 46.46 17.28 62.64
N M3L JA 7 47.77 17.31 62.86
CA M3L JA 7 48.55 16.10 63.00
CB M3L JA 7 50.02 16.40 63.26
CG M3L JA 7 50.73 16.92 62.05
CD M3L JA 7 50.69 15.92 60.90
CE M3L JA 7 51.70 16.43 59.86
NZ M3L JA 7 51.88 15.56 58.64
C M3L JA 7 48.03 15.26 64.17
O M3L JA 7 47.70 15.76 65.25
CM1 M3L JA 7 50.58 15.48 57.89
CM2 M3L JA 7 52.36 14.18 58.98
CM3 M3L JA 7 52.89 16.22 57.76
N SER JA 8 47.91 13.97 63.93
CA SER JA 8 47.49 13.02 64.94
C SER JA 8 48.70 12.28 65.52
N AYA KA 1 17.95 23.28 -47.55
CA AYA KA 1 18.38 23.39 -46.19
CB AYA KA 1 17.32 23.96 -45.24
C AYA KA 1 18.79 22.01 -45.69
O AYA KA 1 18.25 20.93 -45.99
CT AYA KA 1 18.87 22.99 -48.56
OT AYA KA 1 20.09 22.85 -48.27
CM AYA KA 1 18.38 22.90 -49.97
N THR KA 2 19.83 22.07 -44.87
CA THR KA 2 20.48 20.89 -44.32
C THR KA 2 20.36 20.89 -42.80
N LYS KA 3 20.05 19.75 -42.19
CA LYS KA 3 19.98 19.68 -40.72
C LYS KA 3 21.35 19.91 -40.10
N VAL KA 4 21.36 20.60 -38.96
CA VAL KA 4 22.58 20.74 -38.16
C VAL KA 4 22.62 19.60 -37.14
N ALA KA 5 23.78 19.39 -36.56
CA ALA KA 5 23.96 18.28 -35.64
C ALA KA 5 25.13 18.60 -34.73
N ARG KA 6 25.08 18.03 -33.53
CA ARG KA 6 26.21 18.04 -32.63
C ARG KA 6 26.91 16.70 -32.71
N M3L KA 7 28.21 16.70 -32.45
CA M3L KA 7 28.95 15.47 -32.26
CB M3L KA 7 30.43 15.76 -31.97
CG M3L KA 7 31.14 16.33 -33.18
CD M3L KA 7 31.15 15.32 -34.33
CE M3L KA 7 32.18 15.79 -35.34
NZ M3L KA 7 32.37 14.95 -36.58
C M3L KA 7 28.37 14.67 -31.10
O M3L KA 7 28.03 15.18 -30.05
CM1 M3L KA 7 31.06 14.70 -37.26
CM2 M3L KA 7 32.98 13.64 -36.25
CM3 M3L KA 7 33.26 15.70 -37.51
N SER KA 8 28.24 13.35 -31.29
CA SER KA 8 27.59 12.52 -30.30
C SER KA 8 28.54 12.12 -29.19
N AYA LA 1 22.60 35.76 -44.95
CA AYA LA 1 22.93 34.73 -44.01
CB AYA LA 1 23.87 33.68 -44.63
C AYA LA 1 23.61 35.35 -42.78
O AYA LA 1 24.26 36.39 -42.81
CT AYA LA 1 21.65 36.71 -44.65
OT AYA LA 1 21.05 36.68 -43.56
CM AYA LA 1 21.41 37.74 -45.73
N THR LA 2 23.45 34.65 -41.66
CA THR LA 2 23.93 35.09 -40.36
C THR LA 2 25.18 34.33 -39.92
N LYS LA 3 26.19 35.04 -39.42
CA LYS LA 3 27.41 34.37 -38.95
C LYS LA 3 27.09 33.39 -37.83
N VAL LA 4 27.74 32.22 -37.85
CA VAL LA 4 27.62 31.27 -36.76
C VAL LA 4 28.75 31.53 -35.76
N ALA LA 5 28.56 31.04 -34.53
CA ALA LA 5 29.54 31.28 -33.49
C ALA LA 5 29.56 30.12 -32.52
N ARG LA 6 30.72 29.89 -31.92
CA ARG LA 6 30.81 28.99 -30.78
C ARG LA 6 30.82 29.82 -29.50
N M3L LA 7 30.42 29.24 -28.39
CA M3L LA 7 30.52 29.96 -27.13
CB M3L LA 7 29.88 29.23 -25.94
CG M3L LA 7 28.37 29.17 -26.06
CD M3L LA 7 27.76 30.55 -25.81
CE M3L LA 7 26.24 30.35 -25.73
NZ M3L LA 7 25.42 31.61 -25.49
C M3L LA 7 31.97 30.22 -26.77
O M3L LA 7 32.86 29.38 -26.97
CM1 M3L LA 7 25.39 32.51 -26.68
CM2 M3L LA 7 25.91 32.38 -24.31
CM3 M3L LA 7 24.01 31.16 -25.20
N SER LA 8 32.21 31.41 -26.24
CA SER LA 8 33.54 31.86 -25.76
C SER LA 8 34.29 30.83 -24.92
N AYA MA 1 11.48 20.25 -80.68
CA AYA MA 1 11.80 20.23 -79.27
CB AYA MA 1 10.67 20.77 -78.40
C AYA MA 1 12.14 18.80 -78.82
O AYA MA 1 11.60 17.75 -79.21
CT AYA MA 1 12.44 19.91 -81.64
OT AYA MA 1 13.59 19.57 -81.29
CM AYA MA 1 12.01 19.98 -83.09
N THR MA 2 13.11 18.79 -77.93
CA THR MA 2 13.73 17.61 -77.39
C THR MA 2 13.58 17.58 -75.86
N LYS MA 3 13.21 16.44 -75.28
CA LYS MA 3 13.10 16.36 -73.82
C LYS MA 3 14.47 16.54 -73.17
N VAL MA 4 14.49 17.23 -72.01
CA VAL MA 4 15.70 17.33 -71.21
C VAL MA 4 15.69 16.22 -70.18
N ALA MA 5 16.84 15.99 -69.56
CA ALA MA 5 17.01 14.85 -68.67
C ALA MA 5 18.18 15.14 -67.74
N ARG MA 6 18.09 14.61 -66.52
CA ARG MA 6 19.21 14.63 -65.62
C ARG MA 6 19.84 13.26 -65.66
N M3L MA 7 21.11 13.19 -65.30
CA M3L MA 7 21.77 11.90 -65.15
CB M3L MA 7 23.28 12.04 -64.91
CG M3L MA 7 23.97 12.65 -66.11
CD M3L MA 7 24.07 11.65 -67.27
CE M3L MA 7 25.07 12.20 -68.26
NZ M3L MA 7 25.33 11.36 -69.51
C M3L MA 7 21.15 11.15 -63.97
O M3L MA 7 20.89 11.70 -62.92
CM1 M3L MA 7 24.11 11.28 -70.35
CM2 M3L MA 7 25.83 10.00 -69.17
CM3 M3L MA 7 26.40 12.05 -70.29
N SER MA 8 20.90 9.86 -64.18
CA SER MA 8 20.26 9.04 -63.15
C SER MA 8 21.24 8.61 -62.07
N ALA MA 9 20.75 8.51 -60.83
CA ALA MA 9 21.58 8.09 -59.70
N AYA NA 1 15.86 32.35 -77.79
CA AYA NA 1 16.23 31.33 -76.85
CB AYA NA 1 17.21 30.32 -77.46
C AYA NA 1 16.86 31.98 -75.62
O AYA NA 1 17.41 33.06 -75.65
CT AYA NA 1 14.85 33.27 -77.54
OT AYA NA 1 14.20 33.25 -76.46
CM AYA NA 1 14.61 34.28 -78.64
N THR NA 2 16.79 31.23 -74.52
CA THR NA 2 17.22 31.68 -73.22
C THR NA 2 18.46 30.87 -72.77
N LYS NA 3 19.46 31.54 -72.20
CA LYS NA 3 20.65 30.83 -71.75
C LYS NA 3 20.33 29.87 -70.61
N VAL NA 4 21.00 28.72 -70.64
CA VAL NA 4 20.91 27.74 -69.56
C VAL NA 4 22.00 28.03 -68.54
N ALA NA 5 21.82 27.50 -67.34
CA ALA NA 5 22.77 27.75 -66.27
C ALA NA 5 22.73 26.59 -65.30
N ARG NA 6 23.85 26.38 -64.62
CA ARG NA 6 23.88 25.47 -63.49
C ARG NA 6 23.87 26.28 -62.19
N M3L NA 7 23.35 25.69 -61.12
CA M3L NA 7 23.45 26.30 -59.83
CB M3L NA 7 22.78 25.47 -58.72
CG M3L NA 7 21.27 25.46 -58.82
CD M3L NA 7 20.72 26.86 -58.63
CE M3L NA 7 19.20 26.74 -58.46
NZ M3L NA 7 18.43 28.02 -58.23
C M3L NA 7 24.93 26.47 -59.46
O M3L NA 7 25.77 25.62 -59.74
CM1 M3L NA 7 18.61 28.92 -59.41
CM2 M3L NA 7 18.85 28.73 -56.98
CM3 M3L NA 7 16.99 27.65 -58.09
N SER NA 8 25.22 27.61 -58.83
CA SER NA 8 26.58 27.92 -58.40
C SER NA 8 26.69 27.90 -56.88
N AYA OA 1 9.07 -9.31 35.97
CA AYA OA 1 8.26 -8.22 35.48
CB AYA OA 1 7.55 -8.59 34.18
C AYA OA 1 7.25 -7.83 36.55
O AYA OA 1 6.75 -8.60 37.37
CT AYA OA 1 10.05 -9.09 36.92
OT AYA OA 1 10.27 -7.94 37.34
CM AYA OA 1 10.85 -10.28 37.38
N THR OA 2 6.93 -6.53 36.53
CA THR OA 2 6.08 -5.93 37.53
C THR OA 2 4.85 -5.30 36.87
N LYS OA 3 3.66 -5.49 37.43
CA LYS OA 3 2.46 -4.85 36.87
C LYS OA 3 2.59 -3.33 36.94
N VAL OA 4 2.07 -2.66 35.90
CA VAL OA 4 1.97 -1.21 35.90
C VAL OA 4 0.58 -0.82 36.41
N ALA OA 5 0.44 0.43 36.83
CA ALA OA 5 -0.82 0.88 37.42
C ALA OA 5 -0.97 2.37 37.22
N ARG OA 6 -2.23 2.79 37.12
CA ARG OA 6 -2.60 4.19 37.16
C ARG OA 6 -3.06 4.54 38.56
N M3L OA 7 -2.90 5.81 38.96
CA M3L OA 7 -3.44 6.28 40.21
CB M3L OA 7 -3.02 7.73 40.52
CG M3L OA 7 -1.53 7.84 40.77
CD M3L OA 7 -1.18 7.31 42.15
CE M3L OA 7 0.23 7.78 42.49
NZ M3L OA 7 0.86 7.15 43.72
C M3L OA 7 -4.96 6.18 40.15
O M3L OA 7 -5.59 6.48 39.12
CM1 M3L OA 7 0.95 5.67 43.61
CM2 M3L OA 7 0.05 7.47 44.94
CM3 M3L OA 7 2.23 7.73 43.89
N SER OA 8 -5.57 5.76 41.25
CA SER OA 8 -7.03 5.59 41.32
C SER OA 8 -7.76 6.94 41.36
N ALA OA 9 -9.02 6.95 40.92
CA ALA OA 9 -9.82 8.17 40.88
C ALA OA 9 -10.43 8.50 42.24
N AYA PA 1 15.20 -2.43 26.18
CA AYA PA 1 14.08 -1.79 26.81
CB AYA PA 1 14.38 -1.36 28.25
C AYA PA 1 13.71 -0.55 26.00
O AYA PA 1 14.50 0.09 25.31
CT AYA PA 1 15.12 -3.00 24.91
OT AYA PA 1 14.05 -3.00 24.29
CM AYA PA 1 16.38 -3.63 24.36
N THR PA 2 12.44 -0.19 26.12
CA THR PA 2 11.82 0.90 25.37
C THR PA 2 11.51 2.07 26.31
N LYS PA 3 11.79 3.31 25.88
CA LYS PA 3 11.52 4.47 26.74
C LYS PA 3 10.02 4.62 26.96
N VAL PA 4 9.64 5.03 28.17
CA VAL PA 4 8.24 5.34 28.48
C VAL PA 4 8.01 6.82 28.21
N ALA PA 5 6.75 7.19 28.03
CA ALA PA 5 6.42 8.58 27.75
C ALA PA 5 5.03 8.88 28.29
N ARG PA 6 4.79 10.16 28.61
CA ARG PA 6 3.46 10.65 28.91
C ARG PA 6 2.90 11.38 27.69
N M3L PA 7 1.58 11.37 27.52
CA M3L PA 7 0.98 12.17 26.48
CB M3L PA 7 -0.55 12.02 26.44
CG M3L PA 7 -0.99 10.64 26.02
CD M3L PA 7 -0.64 10.43 24.55
CE M3L PA 7 -1.46 9.26 24.02
NZ M3L PA 7 -1.20 8.89 22.58
C M3L PA 7 1.34 13.64 26.71
O M3L PA 7 1.46 14.14 27.84
CM1 M3L PA 7 0.22 8.48 22.37
CM2 M3L PA 7 -1.55 10.02 21.66
CM3 M3L PA 7 -2.10 7.74 22.22
N SER PA 8 1.58 14.33 25.61
CA SER PA 8 1.90 15.76 25.69
C SER PA 8 0.77 16.59 25.08
N ALA PA 9 0.56 17.79 25.62
CA ALA PA 9 -0.53 18.67 25.20
C ALA PA 9 -0.54 18.97 23.69
N AYA QA 1 15.63 -8.82 68.14
CA AYA QA 1 14.69 -7.85 67.63
CB AYA QA 1 13.92 -8.34 66.39
C AYA QA 1 13.69 -7.48 68.72
O AYA QA 1 13.23 -8.27 69.55
CT AYA QA 1 16.54 -8.45 69.13
OT AYA QA 1 16.56 -7.29 69.56
CM AYA QA 1 17.50 -9.49 69.62
N THR QA 2 13.36 -6.19 68.73
CA THR QA 2 12.51 -5.61 69.74
C THR QA 2 11.30 -4.98 69.05
N LYS QA 3 10.11 -5.12 69.64
CA LYS QA 3 8.93 -4.49 69.08
C LYS QA 3 9.04 -2.97 69.13
N VAL QA 4 8.54 -2.29 68.09
CA VAL QA 4 8.44 -0.84 68.10
C VAL QA 4 7.07 -0.45 68.64
N ALA QA 5 6.93 0.81 69.05
CA ALA QA 5 5.67 1.25 69.65
C ALA QA 5 5.48 2.74 69.41
N ARG QA 6 4.22 3.14 69.31
CA ARG QA 6 3.86 4.55 69.37
C ARG QA 6 3.43 4.90 70.77
N M3L QA 7 3.62 6.17 71.13
CA M3L QA 7 3.15 6.67 72.40
CB M3L QA 7 3.56 8.13 72.61
CG M3L QA 7 5.03 8.28 72.92
CD M3L QA 7 5.33 7.77 74.32
CE M3L QA 7 6.77 8.12 74.65
NZ M3L QA 7 7.38 7.52 75.90
C M3L QA 7 1.64 6.53 72.45
O M3L QA 7 0.93 6.82 71.48
CM1 M3L QA 7 7.55 6.04 75.81
CM2 M3L QA 7 6.56 7.85 77.10
CM3 M3L QA 7 8.74 8.12 76.07
N SER QA 8 1.14 6.06 73.59
CA SER QA 8 -0.27 5.70 73.76
C SER QA 8 -1.22 6.86 73.47
N AYA RA 1 21.70 -2.13 58.41
CA AYA RA 1 20.56 -1.49 59.02
CB AYA RA 1 20.84 -1.05 60.46
C AYA RA 1 20.16 -0.27 58.20
O AYA RA 1 20.94 0.37 57.52
CT AYA RA 1 21.67 -2.70 57.15
OT AYA RA 1 20.63 -2.70 56.48
CM AYA RA 1 22.95 -3.33 56.64
N THR RA 2 18.88 0.06 58.30
CA THR RA 2 18.27 1.18 57.56
C THR RA 2 17.96 2.36 58.49
N LYS RA 3 18.25 3.59 58.07
CA LYS RA 3 17.96 4.75 58.91
C LYS RA 3 16.46 4.89 59.15
N VAL RA 4 16.09 5.30 60.38
CA VAL RA 4 14.71 5.63 60.69
C VAL RA 4 14.47 7.11 60.41
N ALA RA 5 13.21 7.47 60.20
CA ALA RA 5 12.88 8.86 59.90
C ALA RA 5 11.49 9.18 60.44
N ARG RA 6 11.26 10.46 60.74
CA ARG RA 6 9.92 10.92 61.05
C ARG RA 6 9.40 11.69 59.84
N M3L RA 7 8.08 11.73 59.68
CA M3L RA 7 7.49 12.53 58.64
CB M3L RA 7 5.97 12.38 58.62
CG M3L RA 7 5.57 10.97 58.22
CD M3L RA 7 5.84 10.77 56.74
CE M3L RA 7 5.06 9.55 56.23
NZ M3L RA 7 5.35 9.17 54.79
C M3L RA 7 7.87 14.00 58.84
O M3L RA 7 7.98 14.51 59.95
CM1 M3L RA 7 6.80 8.84 54.63
CM2 M3L RA 7 4.99 10.29 53.87
CM3 M3L RA 7 4.52 7.98 54.44
N SER RA 8 8.11 14.69 57.73
CA SER RA 8 8.57 16.08 57.79
C SER RA 8 7.41 17.05 57.58
N AYA SA 1 2.55 -9.68 3.65
CA AYA SA 1 1.81 -8.54 3.21
CB AYA SA 1 1.02 -8.84 1.93
C AYA SA 1 0.84 -8.10 4.32
O AYA SA 1 0.36 -8.86 5.17
CT AYA SA 1 3.48 -9.59 4.68
OT AYA SA 1 3.72 -8.50 5.23
CM AYA SA 1 4.20 -10.87 5.04
N THR SA 2 0.57 -6.80 4.31
CA THR SA 2 -0.27 -6.16 5.32
C THR SA 2 -1.51 -5.56 4.66
N LYS SA 3 -2.70 -5.73 5.25
CA LYS SA 3 -3.90 -5.13 4.67
C LYS SA 3 -3.84 -3.61 4.74
N VAL SA 4 -4.36 -2.94 3.70
CA VAL SA 4 -4.48 -1.48 3.72
C VAL SA 4 -5.86 -1.12 4.25
N ALA SA 5 -6.01 0.13 4.67
CA ALA SA 5 -7.28 0.56 5.25
C ALA SA 5 -7.44 2.05 5.03
N ARG SA 6 -8.71 2.47 4.93
CA ARG SA 6 -9.07 3.87 4.96
C ARG SA 6 -9.55 4.23 6.36
N M3L SA 7 -9.35 5.48 6.76
CA M3L SA 7 -9.90 5.97 8.01
CB M3L SA 7 -9.50 7.42 8.31
CG M3L SA 7 -8.02 7.61 8.60
CD M3L SA 7 -7.65 6.98 9.94
CE M3L SA 7 -6.25 7.45 10.34
NZ M3L SA 7 -5.61 6.83 11.57
C M3L SA 7 -11.42 5.87 7.94
O M3L SA 7 -12.04 6.18 6.94
CM1 M3L SA 7 -5.39 5.37 11.38
CM2 M3L SA 7 -6.44 7.04 12.79
CM3 M3L SA 7 -4.29 7.50 11.80
N SER SA 8 -12.02 5.41 9.04
CA SER SA 8 -13.46 5.14 9.03
C SER SA 8 -14.27 6.39 9.39
N ALA SA 9 -15.44 6.54 8.77
CA ALA SA 9 -16.32 7.69 9.00
C ALA SA 9 -16.96 7.66 10.38
N AYA TA 1 8.73 -2.66 -6.05
CA AYA TA 1 7.61 -1.99 -5.43
CB AYA TA 1 7.92 -1.53 -4.00
C AYA TA 1 7.21 -0.78 -6.25
O AYA TA 1 7.96 -0.15 -7.00
CT AYA TA 1 8.63 -3.25 -7.29
OT AYA TA 1 7.56 -3.22 -7.93
CM AYA TA 1 9.87 -3.92 -7.83
N THR TA 2 5.93 -0.43 -6.08
CA THR TA 2 5.31 0.65 -6.83
C THR TA 2 4.98 1.82 -5.89
N LYS TA 3 5.29 3.05 -6.30
CA LYS TA 3 5.00 4.22 -5.47
C LYS TA 3 3.50 4.35 -5.25
N VAL TA 4 3.13 4.76 -4.03
CA VAL TA 4 1.74 5.08 -3.74
C VAL TA 4 1.50 6.57 -4.01
N ALA TA 5 0.24 6.93 -4.19
CA ALA TA 5 -0.09 8.31 -4.48
C ALA TA 5 -1.46 8.61 -3.91
N ARG TA 6 -1.71 9.89 -3.60
CA ARG TA 6 -3.05 10.37 -3.27
C ARG TA 6 -3.63 11.10 -4.48
N M3L TA 7 -4.95 11.07 -4.64
CA M3L TA 7 -5.57 11.86 -5.67
CB M3L TA 7 -7.10 11.71 -5.67
CG M3L TA 7 -7.55 10.34 -6.11
CD M3L TA 7 -7.16 10.13 -7.58
CE M3L TA 7 -7.96 8.93 -8.10
NZ M3L TA 7 -7.72 8.55 -9.54
C M3L TA 7 -5.19 13.34 -5.49
O M3L TA 7 -5.06 13.85 -4.38
CM1 M3L TA 7 -6.30 8.14 -9.76
CM2 M3L TA 7 -8.08 9.67 -10.46
CM3 M3L TA 7 -8.60 7.38 -9.86
N SER TA 8 -4.98 14.00 -6.61
CA SER TA 8 -4.46 15.37 -6.59
C SER TA 8 -5.58 16.38 -6.55
N AYA UA 1 -39.06 -25.24 -47.31
CA AYA UA 1 -39.28 -25.15 -48.73
CB AYA UA 1 -39.58 -23.73 -49.23
C AYA UA 1 -38.05 -25.67 -49.48
O AYA UA 1 -36.90 -25.26 -49.34
CT AYA UA 1 -38.84 -26.45 -46.66
N THR UA 2 -38.35 -26.64 -50.34
CA THR UA 2 -37.32 -27.38 -51.05
C THR UA 2 -37.43 -27.15 -52.56
N LYS UA 3 -36.29 -27.02 -53.24
CA LYS UA 3 -36.30 -26.80 -54.68
C LYS UA 3 -36.84 -28.04 -55.40
N VAL UA 4 -37.61 -27.80 -56.45
CA VAL UA 4 -38.06 -28.90 -57.30
C VAL UA 4 -37.09 -29.04 -58.46
N ALA UA 5 -37.08 -30.21 -59.09
CA ALA UA 5 -36.13 -30.46 -60.16
C ALA UA 5 -36.75 -31.42 -61.16
N ARG UA 6 -36.37 -31.26 -62.43
CA ARG UA 6 -36.68 -32.25 -63.47
C ARG UA 6 -35.50 -33.21 -63.59
N M3L UA 7 -35.77 -34.43 -64.05
CA M3L UA 7 -34.71 -35.39 -64.28
CB M3L UA 7 -35.21 -36.78 -64.72
CG M3L UA 7 -35.78 -37.57 -63.57
CD M3L UA 7 -34.69 -37.95 -62.58
CE M3L UA 7 -35.29 -38.84 -61.51
NZ M3L UA 7 -34.40 -39.27 -60.37
C M3L UA 7 -33.76 -34.85 -65.35
O M3L UA 7 -34.17 -34.39 -66.41
CM1 M3L UA 7 -33.92 -38.10 -59.57
CM2 M3L UA 7 -33.23 -40.05 -60.87
CM3 M3L UA 7 -35.20 -40.15 -59.46
N SER UA 8 -32.47 -34.92 -65.06
CA SER UA 8 -31.44 -34.30 -65.91
C SER UA 8 -31.47 -34.81 -67.35
N AYA VA 1 -52.42 -26.88 -48.94
CA AYA VA 1 -51.50 -27.28 -49.98
CB AYA VA 1 -50.63 -28.47 -49.56
C AYA VA 1 -52.27 -27.67 -51.23
O AYA VA 1 -53.45 -28.03 -51.20
CT AYA VA 1 -53.28 -25.78 -49.03
OT AYA VA 1 -53.29 -25.04 -50.04
CM AYA VA 1 -54.19 -25.53 -47.85
N THR VA 2 -51.56 -27.63 -52.36
CA THR VA 2 -52.14 -27.86 -53.67
C THR VA 2 -51.60 -29.15 -54.30
N LYS VA 3 -52.50 -29.98 -54.84
CA LYS VA 3 -52.08 -31.25 -55.42
C LYS VA 3 -51.19 -30.99 -56.64
N VAL VA 4 -50.16 -31.84 -56.81
CA VAL VA 4 -49.32 -31.79 -58.00
C VAL VA 4 -49.92 -32.71 -59.06
N ALA VA 5 -49.53 -32.49 -60.31
CA ALA VA 5 -50.11 -33.28 -61.40
C ALA VA 5 -49.09 -33.38 -62.52
N ARG VA 6 -49.17 -34.46 -63.27
CA ARG VA 6 -48.40 -34.58 -64.50
C ARG VA 6 -49.32 -34.33 -65.69
N M3L VA 7 -48.75 -33.88 -66.80
CA M3L VA 7 -49.54 -33.75 -68.00
CB M3L VA 7 -48.73 -33.10 -69.13
CG M3L VA 7 -48.40 -31.66 -68.82
CD M3L VA 7 -49.65 -30.81 -68.99
CE M3L VA 7 -49.23 -29.33 -69.02
NZ M3L VA 7 -50.37 -28.33 -69.03
C M3L VA 7 -50.05 -35.12 -68.42
O M3L VA 7 -49.37 -36.13 -68.31
CM1 M3L VA 7 -51.18 -28.44 -67.78
CM2 M3L VA 7 -51.25 -28.52 -70.21
CM3 M3L VA 7 -49.78 -26.96 -69.11
N SER VA 8 -51.29 -35.16 -68.89
CA SER VA 8 -51.90 -36.45 -69.25
C SER VA 8 -51.71 -36.76 -70.72
N AYA WA 1 -4.00 -9.98 -28.39
CA AYA WA 1 -4.69 -8.79 -28.82
CB AYA WA 1 -5.47 -8.96 -30.11
C AYA WA 1 -5.64 -8.37 -27.71
O AYA WA 1 -6.11 -9.14 -26.87
CT AYA WA 1 -3.06 -9.91 -27.38
OT AYA WA 1 -2.80 -8.81 -26.85
CM AYA WA 1 -2.39 -11.19 -26.98
N THR WA 2 -5.94 -7.07 -27.71
CA THR WA 2 -6.76 -6.45 -26.69
C THR WA 2 -8.03 -5.88 -27.35
N LYS WA 3 -9.20 -6.06 -26.73
CA LYS WA 3 -10.43 -5.50 -27.28
C LYS WA 3 -10.39 -3.97 -27.23
N VAL WA 4 -10.96 -3.35 -28.26
CA VAL WA 4 -11.09 -1.90 -28.30
C VAL WA 4 -12.47 -1.53 -27.77
N ALA WA 5 -12.65 -0.27 -27.38
CA ALA WA 5 -13.92 0.14 -26.81
C ALA WA 5 -14.15 1.62 -27.08
N ARG WA 6 -15.42 2.01 -27.07
CA ARG WA 6 -15.81 3.42 -27.08
C ARG WA 6 -16.24 3.80 -25.68
N M3L WA 7 -16.05 5.05 -25.31
CA M3L WA 7 -16.54 5.52 -24.03
CB M3L WA 7 -16.18 7.00 -23.76
CG M3L WA 7 -14.70 7.17 -23.45
CD M3L WA 7 -14.32 6.52 -22.12
CE M3L WA 7 -12.96 7.07 -21.72
NZ M3L WA 7 -12.28 6.43 -20.52
C M3L WA 7 -18.06 5.38 -24.02
O M3L WA 7 -18.74 5.63 -25.01
CM1 M3L WA 7 -11.98 4.99 -20.74
CM2 M3L WA 7 -13.11 6.54 -19.29
CM3 M3L WA 7 -10.98 7.16 -20.29
N SER WA 8 -18.58 4.93 -22.88
CA SER WA 8 -20.02 4.64 -22.79
C SER WA 8 -20.83 5.91 -22.52
N ALA WA 9 -21.98 6.01 -23.18
N AYA XA 1 1.99 -3.03 -38.19
CA AYA XA 1 0.90 -2.34 -37.57
CB AYA XA 1 1.23 -1.87 -36.15
C AYA XA 1 0.50 -1.13 -38.41
O AYA XA 1 1.27 -0.46 -39.10
CT AYA XA 1 1.88 -3.61 -39.44
OT AYA XA 1 0.81 -3.58 -40.07
CM AYA XA 1 3.14 -4.28 -39.95
N THR XA 2 -0.81 -0.86 -38.34
CA THR XA 2 -1.45 0.20 -39.10
C THR XA 2 -1.76 1.39 -38.18
N LYS XA 3 -1.48 2.60 -38.66
CA LYS XA 3 -1.77 3.80 -37.89
C LYS XA 3 -3.27 3.90 -37.63
N VAL XA 4 -3.63 4.28 -36.39
CA VAL XA 4 -5.01 4.55 -36.07
C VAL XA 4 -5.30 6.04 -36.31
N ALA XA 5 -6.57 6.35 -36.54
CA ALA XA 5 -6.94 7.71 -36.89
C ALA XA 5 -8.33 8.02 -36.38
N ARG XA 6 -8.59 9.30 -36.14
CA ARG XA 6 -9.93 9.80 -35.80
C ARG XA 6 -10.52 10.52 -37.01
N M3L XA 7 -11.83 10.45 -37.16
CA M3L XA 7 -12.50 11.17 -38.20
CB M3L XA 7 -14.03 10.98 -38.13
CG M3L XA 7 -14.44 9.57 -38.47
CD M3L XA 7 -14.10 9.29 -39.94
CE M3L XA 7 -14.83 8.03 -40.39
NZ M3L XA 7 -14.65 7.62 -41.84
C M3L XA 7 -12.16 12.66 -38.14
O M3L XA 7 -12.00 13.25 -37.08
CM1 M3L XA 7 -13.26 7.15 -42.10
CM2 M3L XA 7 -14.99 8.74 -42.75
CM3 M3L XA 7 -15.58 6.48 -42.11
N SER XA 8 -12.02 13.26 -39.33
CA SER XA 8 -11.68 14.68 -39.43
N AYA YA 1 -30.63 -22.22 -15.74
CA AYA YA 1 -31.25 -22.76 -16.91
CB AYA YA 1 -31.83 -21.68 -17.83
C AYA YA 1 -30.22 -23.56 -17.66
O AYA YA 1 -29.00 -23.30 -17.66
CT AYA YA 1 -30.02 -23.03 -14.79
OT AYA YA 1 -30.03 -24.27 -14.90
CM AYA YA 1 -29.38 -22.32 -13.63
N THR YA 2 -30.69 -24.61 -18.32
CA THR YA 2 -29.78 -25.48 -19.07
C THR YA 2 -29.94 -25.21 -20.56
N LYS YA 3 -28.81 -25.05 -21.24
CA LYS YA 3 -28.83 -24.82 -22.68
C LYS YA 3 -29.43 -26.02 -23.39
N VAL YA 4 -30.43 -25.77 -24.23
CA VAL YA 4 -30.94 -26.80 -25.12
C VAL YA 4 -29.96 -26.98 -26.27
N ALA YA 5 -30.08 -28.10 -26.98
CA ALA YA 5 -29.18 -28.37 -28.08
C ALA YA 5 -29.82 -29.37 -29.03
N ARG YA 6 -29.48 -29.24 -30.31
CA ARG YA 6 -29.91 -30.21 -31.32
C ARG YA 6 -28.84 -31.27 -31.52
N M3L YA 7 -29.19 -32.35 -32.19
CA M3L YA 7 -28.24 -33.42 -32.43
CB M3L YA 7 -28.93 -34.73 -32.85
CG M3L YA 7 -29.44 -35.49 -31.64
CD M3L YA 7 -28.29 -36.20 -30.93
CE M3L YA 7 -28.61 -36.21 -29.44
NZ M3L YA 7 -27.90 -37.19 -28.54
C M3L YA 7 -27.21 -33.08 -33.49
O M3L YA 7 -27.45 -33.07 -34.70
CM1 M3L YA 7 -27.89 -36.67 -27.14
CM2 M3L YA 7 -26.51 -37.48 -28.97
CM3 M3L YA 7 -28.67 -38.48 -28.56
N SER YA 8 -26.00 -32.80 -33.02
N AYA ZA 1 -43.94 -23.18 -16.89
CA AYA ZA 1 -43.59 -24.42 -17.51
CB AYA ZA 1 -43.60 -25.60 -16.54
C AYA ZA 1 -44.55 -24.72 -18.67
O AYA ZA 1 -45.78 -24.78 -18.57
CT AYA ZA 1 -43.95 -21.98 -17.59
OT AYA ZA 1 -43.65 -21.89 -18.81
CM AYA ZA 1 -44.34 -20.76 -16.80
N THR ZA 2 -43.93 -24.90 -19.82
CA THR ZA 2 -44.65 -25.09 -21.08
C THR ZA 2 -44.20 -26.38 -21.75
N LYS ZA 3 -45.17 -27.14 -22.26
CA LYS ZA 3 -44.84 -28.41 -22.89
C LYS ZA 3 -43.98 -28.17 -24.13
N VAL ZA 4 -42.99 -29.04 -24.32
CA VAL ZA 4 -42.20 -29.04 -25.55
C VAL ZA 4 -42.89 -29.96 -26.54
N ALA ZA 5 -42.54 -29.79 -27.82
CA ALA ZA 5 -43.18 -30.53 -28.89
C ALA ZA 5 -42.21 -30.71 -30.04
N ARG ZA 6 -42.45 -31.75 -30.83
CA ARG ZA 6 -41.76 -31.96 -32.08
C ARG ZA 6 -42.70 -31.65 -33.23
N M3L ZA 7 -42.15 -31.27 -34.37
CA M3L ZA 7 -42.96 -31.09 -35.55
CB M3L ZA 7 -42.16 -30.52 -36.72
CG M3L ZA 7 -41.76 -29.08 -36.44
CD M3L ZA 7 -42.95 -28.14 -36.51
CE M3L ZA 7 -42.41 -26.71 -36.58
NZ M3L ZA 7 -43.42 -25.58 -36.45
C M3L ZA 7 -43.60 -32.40 -35.99
O M3L ZA 7 -43.00 -33.46 -36.11
CM1 M3L ZA 7 -44.25 -25.71 -35.22
CM2 M3L ZA 7 -44.30 -25.52 -37.65
CM3 M3L ZA 7 -42.67 -24.30 -36.35
N SER ZA 8 -44.91 -32.30 -36.23
CA SER ZA 8 -45.71 -33.45 -36.60
C SER ZA 8 -45.88 -33.56 -38.12
N AYA AB 1 -11.15 -11.63 -59.99
CA AYA AB 1 -12.19 -10.90 -60.65
CB AYA AB 1 -12.92 -11.73 -61.71
C AYA AB 1 -13.22 -10.41 -59.64
O AYA AB 1 -13.83 -11.14 -58.86
CT AYA AB 1 -10.18 -11.02 -59.19
OT AYA AB 1 -10.18 -9.79 -59.02
CM AYA AB 1 -9.14 -11.91 -58.57
N THR AB 2 -13.42 -9.09 -59.67
CA THR AB 2 -14.27 -8.41 -58.70
C THR AB 2 -15.47 -7.77 -59.38
N LYS AB 3 -16.64 -7.92 -58.77
CA LYS AB 3 -17.85 -7.36 -59.35
C LYS AB 3 -17.79 -5.84 -59.37
N VAL AB 4 -18.43 -5.25 -60.38
CA VAL AB 4 -18.54 -3.81 -60.48
C VAL AB 4 -19.91 -3.39 -59.95
N ALA AB 5 -20.09 -2.10 -59.71
CA ALA AB 5 -21.31 -1.62 -59.06
C ALA AB 5 -21.48 -0.13 -59.32
N ARG AB 6 -22.74 0.31 -59.35
CA ARG AB 6 -23.05 1.73 -59.41
C ARG AB 6 -23.40 2.21 -58.01
N M3L AB 7 -23.18 3.50 -57.76
CA M3L AB 7 -23.59 4.08 -56.51
CB M3L AB 7 -23.18 5.57 -56.40
CG M3L AB 7 -21.75 5.76 -55.97
CD M3L AB 7 -21.44 5.15 -54.61
CE M3L AB 7 -19.98 5.41 -54.26
NZ M3L AB 7 -19.43 4.83 -52.97
C M3L AB 7 -25.09 3.94 -56.32
O M3L AB 7 -25.90 4.21 -57.23
CM1 M3L AB 7 -19.52 3.35 -52.95
CM2 M3L AB 7 -20.13 5.39 -51.77
CM3 M3L AB 7 -17.98 5.19 -52.88
N SER AB 8 -25.48 3.49 -55.14
CA SER AB 8 -26.87 3.19 -54.82
C SER AB 8 -27.78 4.40 -55.05
N AYA BB 1 -5.19 -5.08 -70.75
CA AYA BB 1 -6.40 -4.61 -70.15
CB AYA BB 1 -6.20 -4.16 -68.69
C AYA BB 1 -6.94 -3.46 -70.99
O AYA BB 1 -6.28 -2.85 -71.83
CT AYA BB 1 -5.17 -5.75 -71.97
OT AYA BB 1 -6.23 -6.00 -72.59
CM AYA BB 1 -3.80 -6.15 -72.49
N THR BB 2 -8.21 -3.14 -70.75
CA THR BB 2 -8.89 -2.09 -71.50
C THR BB 2 -9.20 -0.89 -70.59
N LYS BB 3 -8.91 0.32 -71.07
CA LYS BB 3 -9.25 1.50 -70.28
C LYS BB 3 -10.74 1.57 -70.04
N VAL BB 4 -11.10 2.09 -68.86
CA VAL BB 4 -12.49 2.34 -68.50
C VAL BB 4 -12.79 3.80 -68.76
N ALA BB 5 -14.05 4.09 -69.09
CA ALA BB 5 -14.39 5.46 -69.44
C ALA BB 5 -15.77 5.79 -68.90
N ARG BB 6 -15.96 7.06 -68.58
CA ARG BB 6 -17.28 7.58 -68.27
C ARG BB 6 -17.86 8.13 -69.56
N M3L BB 7 -19.18 8.33 -69.58
CA M3L BB 7 -19.84 8.78 -70.78
CB M3L BB 7 -21.37 8.70 -70.65
CG M3L BB 7 -21.88 7.35 -71.11
CD M3L BB 7 -21.45 7.06 -72.53
CE M3L BB 7 -22.12 5.77 -72.97
NZ M3L BB 7 -21.85 5.28 -74.37
C M3L BB 7 -19.49 10.21 -71.19
O M3L BB 7 -19.66 11.19 -70.46
CM1 M3L BB 7 -20.38 5.20 -74.63
CM2 M3L BB 7 -22.52 6.14 -75.38
CM3 M3L BB 7 -22.40 3.90 -74.49
N SER BB 8 -18.98 10.33 -72.41
N AYA CB 1 -12.43 -21.53 79.24
CA AYA CB 1 -12.78 -21.66 77.86
CB AYA CB 1 -13.02 -20.31 77.17
C AYA CB 1 -11.67 -22.38 77.10
O AYA CB 1 -10.47 -22.23 77.34
N THR CB 2 -12.10 -23.19 76.14
CA THR CB 2 -11.17 -24.00 75.37
C THR CB 2 -11.30 -23.71 73.88
N LYS CB 3 -10.17 -23.61 73.18
CA LYS CB 3 -10.20 -23.40 71.74
C LYS CB 3 -10.87 -24.58 71.03
N VAL CB 4 -11.73 -24.25 70.08
CA VAL CB 4 -12.28 -25.25 69.16
C VAL CB 4 -11.29 -25.40 68.00
N ALA CB 5 -11.31 -26.55 67.35
CA ALA CB 5 -10.39 -26.82 66.26
C ALA CB 5 -11.07 -27.73 65.24
N ARG CB 6 -10.63 -27.60 63.98
CA ARG CB 6 -11.03 -28.52 62.92
C ARG CB 6 -9.97 -29.60 62.79
N M3L CB 7 -10.33 -30.74 62.22
CA M3L CB 7 -9.41 -31.83 62.05
CB M3L CB 7 -10.09 -33.09 61.47
CG M3L CB 7 -10.68 -33.97 62.56
CD M3L CB 7 -9.65 -34.25 63.65
CE M3L CB 7 -10.16 -35.35 64.57
NZ M3L CB 7 -9.21 -35.85 65.66
C M3L CB 7 -8.24 -31.43 61.13
O M3L CB 7 -8.38 -31.09 59.96
CM1 M3L CB 7 -8.50 -34.72 66.33
CM2 M3L CB 7 -8.21 -36.80 65.10
CM3 M3L CB 7 -10.01 -36.58 66.69
N SER CB 8 -7.05 -31.48 61.73
CA SER CB 8 -5.83 -30.88 61.19
C SER CB 8 -5.54 -31.22 59.72
N AYA DB 1 -25.55 -21.49 77.22
CA AYA DB 1 -25.22 -22.79 76.71
CB AYA DB 1 -25.36 -23.89 77.75
C AYA DB 1 -26.09 -23.15 75.51
O AYA DB 1 -27.32 -23.29 75.55
CT AYA DB 1 -24.65 -20.44 77.27
N THR DB 2 -25.41 -23.34 74.39
CA THR DB 2 -26.07 -23.52 73.10
C THR DB 2 -25.65 -24.81 72.40
N LYS DB 3 -26.62 -25.51 71.82
CA LYS DB 3 -26.32 -26.75 71.12
C LYS DB 3 -25.40 -26.49 69.93
N VAL DB 4 -24.47 -27.40 69.72
CA VAL DB 4 -23.62 -27.36 68.54
C VAL DB 4 -24.28 -28.20 67.45
N ALA DB 5 -23.84 -28.01 66.21
CA ALA DB 5 -24.51 -28.66 65.10
C ALA DB 5 -23.55 -28.79 63.92
N ARG DB 6 -23.83 -29.78 63.09
CA ARG DB 6 -23.13 -29.95 61.83
C ARG DB 6 -24.11 -29.57 60.72
N M3L DB 7 -23.60 -29.40 59.51
CA M3L DB 7 -24.46 -29.06 58.39
CB M3L DB 7 -23.68 -28.40 57.24
CG M3L DB 7 -23.20 -27.00 57.62
CD M3L DB 7 -24.37 -26.03 57.69
CE M3L DB 7 -23.83 -24.63 57.95
NZ M3L DB 7 -24.80 -23.47 57.81
C M3L DB 7 -25.18 -30.29 57.83
O M3L DB 7 -25.43 -30.57 56.65
CM1 M3L DB 7 -26.01 -23.65 58.67
CM2 M3L DB 7 -25.19 -23.29 56.39
CM3 M3L DB 7 -24.10 -22.23 58.28
N AYA EB 1 -17.81 -21.30 47.08
CA AYA EB 1 -18.49 -22.02 46.05
CB AYA EB 1 -19.26 -21.11 45.08
C AYA EB 1 -17.47 -22.84 45.26
O AYA EB 1 -16.25 -22.76 45.44
CT AYA EB 1 -17.28 -21.95 48.17
OT AYA EB 1 -17.39 -23.18 48.31
CM AYA EB 1 -16.57 -21.07 49.19
N THR EB 2 -17.99 -23.66 44.36
CA THR EB 2 -17.12 -24.53 43.58
C THR EB 2 -17.27 -24.28 42.09
N LYS EB 3 -16.13 -24.09 41.41
CA LYS EB 3 -16.12 -23.94 39.96
C LYS EB 3 -16.84 -25.09 39.28
N VAL EB 4 -17.81 -24.77 38.43
CA VAL EB 4 -18.36 -25.77 37.54
C VAL EB 4 -17.42 -25.98 36.36
N ALA EB 5 -17.58 -27.11 35.68
CA ALA EB 5 -16.66 -27.46 34.62
C ALA EB 5 -17.35 -28.32 33.59
N ARG EB 6 -16.98 -28.13 32.33
CA ARG EB 6 -17.34 -29.05 31.25
C ARG EB 6 -16.28 -30.14 31.18
N M3L EB 7 -16.59 -31.23 30.49
CA M3L EB 7 -15.66 -32.32 30.35
CB M3L EB 7 -16.38 -33.60 29.88
CG M3L EB 7 -17.04 -34.31 31.05
CD M3L EB 7 -15.97 -34.81 32.01
CE M3L EB 7 -16.62 -35.69 33.07
NZ M3L EB 7 -15.69 -36.39 34.04
C M3L EB 7 -14.53 -31.99 29.38
O M3L EB 7 -14.73 -31.57 28.24
CM1 M3L EB 7 -14.79 -35.42 34.74
CM2 M3L EB 7 -14.87 -37.42 33.36
CM3 M3L EB 7 -16.53 -37.05 35.09
N SER EB 8 -13.32 -32.17 29.90
CA SER EB 8 -12.06 -31.85 29.21
C SER EB 8 -12.09 -31.99 27.69
N AYA FB 1 -31.36 -21.78 45.66
CA AYA FB 1 -31.27 -23.19 45.34
CB AYA FB 1 -31.73 -24.09 46.50
C AYA FB 1 -32.12 -23.51 44.13
O AYA FB 1 -33.35 -23.65 44.14
CT AYA FB 1 -31.57 -20.81 44.68
N THR FB 2 -31.43 -23.63 43.00
CA THR FB 2 -32.08 -23.76 41.71
C THR FB 2 -31.70 -25.05 41.00
N LYS FB 3 -32.71 -25.76 40.48
CA LYS FB 3 -32.46 -27.01 39.80
C LYS FB 3 -31.59 -26.79 38.57
N VAL FB 4 -30.57 -27.63 38.42
CA VAL FB 4 -29.77 -27.62 37.20
C VAL FB 4 -30.52 -28.44 36.17
N ALA FB 5 -30.04 -28.42 34.92
CA ALA FB 5 -30.77 -29.09 33.85
C ALA FB 5 -29.86 -29.21 32.64
N ARG FB 6 -30.19 -30.17 31.79
CA ARG FB 6 -29.49 -30.36 30.53
C ARG FB 6 -30.43 -30.01 29.40
N M3L FB 7 -29.88 -29.77 28.21
CA M3L FB 7 -30.67 -29.31 27.11
CB M3L FB 7 -29.78 -28.77 25.97
CG M3L FB 7 -29.35 -27.33 26.22
CD M3L FB 7 -30.55 -26.41 26.24
CE M3L FB 7 -30.08 -24.99 26.58
NZ M3L FB 7 -31.11 -23.88 26.52
C M3L FB 7 -31.60 -30.39 26.54
O M3L FB 7 -31.50 -31.01 25.48
CM1 M3L FB 7 -32.15 -24.02 27.59
CM2 M3L FB 7 -31.77 -23.83 25.18
CM3 M3L FB 7 -30.41 -22.58 26.74
N AYA GB 1 -24.18 -21.83 15.60
CA AYA GB 1 -24.76 -22.50 14.48
CB AYA GB 1 -25.44 -21.54 13.49
C AYA GB 1 -23.68 -23.27 13.75
O AYA GB 1 -22.47 -23.09 13.91
CT AYA GB 1 -23.59 -22.54 16.64
OT AYA GB 1 -23.58 -23.78 16.64
CM AYA GB 1 -22.99 -21.72 17.75
N THR GB 2 -24.14 -24.18 12.90
CA THR GB 2 -23.22 -25.01 12.12
C THR GB 2 -23.37 -24.72 10.64
N LYS GB 3 -22.24 -24.54 9.95
CA LYS GB 3 -22.27 -24.35 8.51
C LYS GB 3 -22.94 -25.53 7.83
N VAL GB 4 -23.95 -25.24 7.02
CA VAL GB 4 -24.51 -26.27 6.15
C VAL GB 4 -23.57 -26.49 4.97
N ALA GB 5 -23.73 -27.63 4.30
CA ALA GB 5 -22.83 -27.95 3.21
C ALA GB 5 -23.54 -28.80 2.17
N ARG GB 6 -23.15 -28.62 0.92
CA ARG GB 6 -23.56 -29.51 -0.15
C ARG GB 6 -22.54 -30.62 -0.24
N M3L GB 7 -22.88 -31.72 -0.90
CA M3L GB 7 -21.95 -32.80 -1.06
CB M3L GB 7 -22.64 -34.11 -1.51
CG M3L GB 7 -23.22 -34.86 -0.32
CD M3L GB 7 -22.11 -35.28 0.64
CE M3L GB 7 -22.76 -35.88 1.89
NZ M3L GB 7 -21.89 -36.73 2.80
C M3L GB 7 -20.87 -32.45 -2.09
O M3L GB 7 -21.11 -32.20 -3.27
CM1 M3L GB 7 -20.71 -35.97 3.31
CM2 M3L GB 7 -21.43 -37.96 2.10
CM3 M3L GB 7 -22.71 -37.11 3.99
N SER GB 8 -19.64 -32.40 -1.59
CA SER GB 8 -18.49 -32.05 -2.42
N AYA HB 1 -37.36 -22.26 14.53
CA AYA HB 1 -37.15 -23.59 13.99
CB AYA HB 1 -37.35 -24.66 15.05
C AYA HB 1 -38.08 -23.90 12.81
O AYA HB 1 -39.32 -23.98 12.89
CT AYA HB 1 -37.29 -21.08 13.80
OT AYA HB 1 -37.03 -21.09 12.57
CM AYA HB 1 -37.53 -19.80 14.55
N THR HB 2 -37.44 -24.09 11.67
CA THR HB 2 -38.16 -24.23 10.40
C THR HB 2 -37.78 -25.52 9.66
N LYS HB 3 -38.79 -26.25 9.18
CA LYS HB 3 -38.52 -27.50 8.48
C LYS HB 3 -37.66 -27.26 7.27
N VAL HB 4 -36.67 -28.12 7.08
CA VAL HB 4 -35.87 -28.10 5.87
C VAL HB 4 -36.58 -28.94 4.82
N ALA HB 5 -36.19 -28.77 3.57
CA ALA HB 5 -36.88 -29.47 2.49
C ALA HB 5 -35.94 -29.60 1.30
N ARG HB 6 -36.15 -30.66 0.53
CA ARG HB 6 -35.47 -30.85 -0.73
C ARG HB 6 -36.42 -30.49 -1.87
N M3L HB 7 -35.86 -30.17 -3.03
CA M3L HB 7 -36.68 -29.88 -4.17
CB M3L HB 7 -35.87 -29.29 -5.34
CG M3L HB 7 -35.44 -27.86 -5.07
CD M3L HB 7 -36.65 -26.96 -4.87
CE M3L HB 7 -36.14 -25.53 -4.66
NZ M3L HB 7 -37.17 -24.42 -4.77
C M3L HB 7 -37.41 -31.14 -4.64
O M3L HB 7 -36.83 -32.17 -4.97
CM1 M3L HB 7 -38.11 -24.39 -3.62
CM2 M3L HB 7 -37.94 -24.54 -6.06
CM3 M3L HB 7 -36.44 -23.12 -4.78
N SER HB 8 -38.73 -31.04 -4.65
CA SER HB 8 -39.59 -32.14 -5.08
C SER HB 8 -39.68 -32.23 -6.60
UNK UNX IB . 29.01 33.04 42.95
UNK UNX JB . 26.51 35.71 32.88
UNK UNX KB . 34.96 29.18 45.89
UNK UNX LB . 21.00 15.18 28.35
UNK UNX MB . 39.99 41.19 30.16
UNK UNX NB . 42.35 36.38 20.19
UNK UNX OB . 19.18 30.98 30.17
UNK UNX PB . 44.95 36.35 21.00
UNK UNX QB . 54.84 28.71 29.05
UNK UNX RB . 56.70 32.92 21.25
UNK UNX SB . 15.92 17.37 4.61
UNK UNX TB . 28.43 28.95 14.06
UNK UNX UB . 13.72 23.28 -1.05
UNK UNX VB . 12.82 30.79 -1.79
UNK UNX WB . 33.73 41.00 -1.59
UNK UNX XB . 29.46 16.68 2.91
UNK UNX YB . 21.68 17.39 9.98
UNK UNX ZB . 36.84 9.72 -7.11
UNK UNX AC . 29.23 9.75 -7.93
UNK UNX BC . 48.39 28.40 -2.82
UNK UNX CC . 41.80 15.43 61.50
UNK UNX DC . 33.22 35.91 64.72
UNK UNX EC . 44.94 38.35 56.15
UNK UNX FC . 27.59 19.02 66.60
UNK UNX GC . 27.28 32.55 63.79
UNK UNX HC . 25.58 30.97 62.11
UNK UNX IC . 46.51 41.56 61.78
UNK UNX JC . 65.16 29.65 51.98
UNK UNX KC . 45.15 13.71 60.90
UNK UNX LC . 33.77 19.91 54.53
UNK UNX MC . 50.71 20.52 61.08
UNK UNX NC . 47.72 21.11 60.97
UNK UNX OC . 19.83 33.10 -50.11
UNK UNX PC . 40.64 14.44 -43.04
UNK UNX QC . 31.32 19.89 -33.96
UNK UNX RC . 22.81 9.62 -39.93
UNK UNX SC . 22.29 11.15 -42.24
UNK UNX TC . 17.62 30.45 -36.10
UNK UNX UC . 30.18 31.22 -22.82
UNK UNX VC . 29.50 38.00 -30.08
UNK UNX WC . 25.06 8.60 -64.82
UNK UNX XC . 21.65 17.57 -64.38
UNK UNX YC . 8.86 30.03 -74.56
UNK UNX ZC . 12.67 29.80 -82.85
UNK UNX AD . 29.92 20.17 -85.22
UNK UNX BD . 37.69 28.41 -74.20
UNK UNX CD . 1.15 29.82 -54.83
UNK UNX DD . 3.28 30.83 -53.26
UNK UNX ED . 0.99 27.20 -53.65
UNK UNX FD . 14.79 24.76 -50.47
UNK UNX GD . 21.04 33.24 -59.72
UNK UNX HD . 7.65 31.89 -50.67
UNK UNX ID . 20.94 37.16 -65.40
UNK UNX JD . -0.21 27.98 -67.07
UNK UNX KD . 20.91 9.39 37.51
UNK UNX LD . -0.81 3.64 48.38
UNK UNX MD . 2.48 15.19 47.39
UNK UNX ND . -5.87 -7.73 13.60
UNK UNX OD . 5.23 12.06 23.69
UNK UNX PD . -10.01 9.14 20.84
UNK UNX QD . -9.03 -3.93 13.82
UNK UNX RD . 10.07 0.81 20.31
UNK UNX SD . 1.97 10.86 17.75
UNK UNX TD . 0.49 8.82 31.56
UNK UNX UD . 9.05 15.61 79.55
UNK UNX VD . 28.60 15.47 69.89
UNK UNX WD . 19.73 14.01 60.73
UNK UNX XD . 4.78 -8.82 66.97
UNK UNX YD . -2.01 20.50 7.68
UNK UNX ZD . -5.29 -9.82 2.83
UNK UNX AE . -5.87 5.41 4.53
UNK UNX BE . 7.71 9.04 -3.11
UNK UNX CE . 7.29 10.69 -5.24
UNK UNX DE . -6.85 6.93 2.41
UNK UNX EE . 11.12 -2.64 -1.77
UNK UNX FE . -0.41 0.77 -15.11
UNK UNX GE . 9.91 0.43 3.17
UNK UNX HE . -6.45 10.22 -2.29
UNK UNX IE . -11.11 -3.49 3.97
UNK UNX JE . -19.02 -8.61 -2.38
UNK UNX KE . -2.76 10.85 -12.31
UNK UNX LE . -34.93 -48.40 -54.78
UNK UNX ME . -43.98 -33.59 -64.92
UNK UNX NE . -44.39 -43.03 -42.81
UNK UNX OE . -51.87 -17.02 -62.50
UNK UNX PE . -10.65 14.52 -16.69
UNK UNX QE . 6.07 7.75 -14.14
UNK UNX RE . 4.14 17.81 -19.56
UNK UNX SE . 8.80 14.93 -26.25
UNK UNX TE . -12.59 4.98 -27.66
UNK UNX UE . 4.22 18.39 -24.04
UNK UNX VE . -23.25 8.10 -43.48
UNK UNX WE . -20.88 1.92 -48.00
UNK UNX XE . -47.25 -33.04 -19.79
UNK UNX YE . -28.32 -22.53 -26.62
UNK UNX ZE . -10.08 0.15 -50.81
UNK UNX AF . -4.38 4.56 -68.56
UNK UNX BF . -28.16 -0.80 -80.57
UNK UNX CF . -10.11 -45.10 70.81
UNK UNX DF . -20.60 -7.77 66.49
UNK UNX EF . -34.30 -44.07 40.96
UNK UNX FF . -16.23 -45.67 39.31
UNK UNX GF . -35.11 -32.00 42.79
UNK UNX HF . -13.73 -23.01 32.38
UNK UNX IF . -37.03 -49.81 14.89
UNK UNX JF . -22.60 -46.10 7.95
UNK UNX KF . -19.76 -23.33 0.99
UNK UNX LF . 44.10 34.27 28.11
UNK UNX MF . 42.14 19.67 31.87
UNK UNX NF . 37.87 14.46 3.70
UNK UNX OF . 40.21 16.80 59.52
UNK UNX PF . 49.05 12.88 59.76
UNK UNX QF . 48.67 19.89 63.73
UNK UNX RF . 19.54 17.35 -43.77
UNK UNX SF . 25.74 37.89 -39.04
UNK UNX TF . 30.09 26.30 -28.96
UNK UNX UF . 21.44 16.89 -67.06
UNK UNX VF . 22.72 22.91 -61.65
UNK UNX WF . 21.79 30.44 -58.96
UNK UNX XF . 19.07 34.49 -71.90
UNK UNX YF . -2.02 7.40 36.54
UNK UNX ZF . 13.01 3.60 23.29
UNK UNX AG . 4.27 -2.94 69.49
UNK UNX BG . 4.34 7.79 68.51
UNK UNX CG . 6.68 11.11 62.21
UNK UNX DG . 20.60 11.21 58.91
UNK UNX EG . -8.73 7.13 4.40
UNK UNX FG . -8.94 -2.69 5.76
UNK UNX GG . -15.29 7.07 -16.68
UNK UNX HG . -15.03 6.73 -27.76
#